data_3G7E
# 
_entry.id   3G7E 
# 
_audit_conform.dict_name       mmcif_pdbx.dic 
_audit_conform.dict_version    5.378 
_audit_conform.dict_location   http://mmcif.pdb.org/dictionaries/ascii/mmcif_pdbx.dic 
# 
loop_
_database_2.database_id 
_database_2.database_code 
_database_2.pdbx_database_accession 
_database_2.pdbx_DOI 
PDB   3G7E         pdb_00003g7e 10.2210/pdb3g7e/pdb 
RCSB  RCSB051516   ?            ?                   
WWPDB D_1000051516 ?            ?                   
# 
loop_
_pdbx_database_related.db_name 
_pdbx_database_related.db_id 
_pdbx_database_related.details 
_pdbx_database_related.content_type 
PDB 3G75 'Crystal structuture of Staphylococcus aureus Gyrase B co-complexed with inhibitor' unspecified 
PDB 3G7B 'Staphylococcus aureus Gyrase B co-complex with inhibitor'                          unspecified 
# 
_pdbx_database_status.status_code                     REL 
_pdbx_database_status.entry_id                        3G7E 
_pdbx_database_status.recvd_initial_deposition_date   2009-02-09 
_pdbx_database_status.deposit_site                    RCSB 
_pdbx_database_status.process_site                    RCSB 
_pdbx_database_status.status_code_sf                  REL 
_pdbx_database_status.status_code_mr                  ? 
_pdbx_database_status.SG_entry                        ? 
_pdbx_database_status.status_code_cs                  ? 
_pdbx_database_status.methods_development_category    ? 
_pdbx_database_status.pdb_format_compatible           Y 
_pdbx_database_status.status_code_nmr_data            ? 
# 
loop_
_audit_author.name 
_audit_author.pdbx_ordinal 
'Wei, Y.'       1 
'Charifson, P.' 2 
# 
_citation.id                        primary 
_citation.title                     'Discovery of pyrazolthiazoles as novel and potent inhibitors of bacterial gyrase.' 
_citation.journal_abbrev            Bioorg.Med.Chem.Lett. 
_citation.journal_volume            20 
_citation.page_first                2828 
_citation.page_last                 2831 
_citation.year                      2010 
_citation.journal_id_ASTM           BMCLE8 
_citation.country                   UK 
_citation.journal_id_ISSN           0960-894X 
_citation.journal_id_CSD            1127 
_citation.book_publisher            ? 
_citation.pdbx_database_id_PubMed   20356737 
_citation.pdbx_database_id_DOI      10.1016/j.bmcl.2010.03.052 
# 
loop_
_citation_author.citation_id 
_citation_author.name 
_citation_author.ordinal 
_citation_author.identifier_ORCID 
primary 'Ronkin, S.M.'    1  ? 
primary 'Badia, M.'       2  ? 
primary 'Bellon, S.'      3  ? 
primary 'Grillot, A.L.'   4  ? 
primary 'Gross, C.H.'     5  ? 
primary 'Grossman, T.H.'  6  ? 
primary 'Mani, N.'        7  ? 
primary 'Parsons, J.D.'   8  ? 
primary 'Stamos, D.'      9  ? 
primary 'Trudeau, M.'     10 ? 
primary 'Wei, Y.'         11 ? 
primary 'Charifson, P.S.' 12 ? 
# 
_cell.entry_id           3G7E 
_cell.length_a           95.400 
_cell.length_b           95.400 
_cell.length_c           51.250 
_cell.angle_alpha        90.00 
_cell.angle_beta         90.00 
_cell.angle_gamma        120.00 
_cell.Z_PDB              6 
_cell.pdbx_unique_axis   ? 
_cell.length_a_esd       ? 
_cell.length_b_esd       ? 
_cell.length_c_esd       ? 
_cell.angle_alpha_esd    ? 
_cell.angle_beta_esd     ? 
_cell.angle_gamma_esd    ? 
# 
_symmetry.entry_id                         3G7E 
_symmetry.space_group_name_H-M             'P 31 2 1' 
_symmetry.pdbx_full_space_group_name_H-M   ? 
_symmetry.cell_setting                     ? 
_symmetry.Int_Tables_number                152 
_symmetry.space_group_name_Hall            ? 
# 
loop_
_entity.id 
_entity.type 
_entity.src_method 
_entity.pdbx_description 
_entity.formula_weight 
_entity.pdbx_number_of_molecules 
_entity.pdbx_ec 
_entity.pdbx_mutation 
_entity.pdbx_fragment 
_entity.details 
1 polymer     man 'DNA gyrase subunit B'                                                                                   
22299.082 1  5.99.1.3 ? 'residues 15-217' ? 
2 non-polymer syn 'prop-2-yn-1-yl {[5-(4-piperidin-1-yl-2-pyridin-3-yl-1,3-thiazol-5-yl)-1H-pyrazol-3-yl]methyl}carbamate' 422.503 
1  ?        ? ?                 ? 
3 water       nat water                                                                                                    18.015 
99 ?        ? ?                 ? 
# 
_entity_poly.entity_id                      1 
_entity_poly.type                           'polypeptide(L)' 
_entity_poly.nstd_linkage                   no 
_entity_poly.nstd_monomer                   no 
_entity_poly.pdbx_seq_one_letter_code       
;GLDAVRKRPGMYIGDTDDGTGLHHMVFEVVDNAIDEALAGHCKEIIVTIHADNSVSVQDDGRGIPTGIHPEEGVSAAEVI
MTVLHAGGKFDDNSYKVSGGLHGVGVSVVNALSQKLELVIQREGKIHRQIYEHGVPQAPLAVTGETEKTGTMVRFWPSLE
TFTNVTEFEYEILAKRLRELSFLNSGVSIRLRDKRDGKEDHFH
;
_entity_poly.pdbx_seq_one_letter_code_can   
;GLDAVRKRPGMYIGDTDDGTGLHHMVFEVVDNAIDEALAGHCKEIIVTIHADNSVSVQDDGRGIPTGIHPEEGVSAAEVI
MTVLHAGGKFDDNSYKVSGGLHGVGVSVVNALSQKLELVIQREGKIHRQIYEHGVPQAPLAVTGETEKTGTMVRFWPSLE
TFTNVTEFEYEILAKRLRELSFLNSGVSIRLRDKRDGKEDHFH
;
_entity_poly.pdbx_strand_id                 A 
_entity_poly.pdbx_target_identifier         ? 
# 
loop_
_entity_poly_seq.entity_id 
_entity_poly_seq.num 
_entity_poly_seq.mon_id 
_entity_poly_seq.hetero 
1 1   GLY n 
1 2   LEU n 
1 3   ASP n 
1 4   ALA n 
1 5   VAL n 
1 6   ARG n 
1 7   LYS n 
1 8   ARG n 
1 9   PRO n 
1 10  GLY n 
1 11  MET n 
1 12  TYR n 
1 13  ILE n 
1 14  GLY n 
1 15  ASP n 
1 16  THR n 
1 17  ASP n 
1 18  ASP n 
1 19  GLY n 
1 20  THR n 
1 21  GLY n 
1 22  LEU n 
1 23  HIS n 
1 24  HIS n 
1 25  MET n 
1 26  VAL n 
1 27  PHE n 
1 28  GLU n 
1 29  VAL n 
1 30  VAL n 
1 31  ASP n 
1 32  ASN n 
1 33  ALA n 
1 34  ILE n 
1 35  ASP n 
1 36  GLU n 
1 37  ALA n 
1 38  LEU n 
1 39  ALA n 
1 40  GLY n 
1 41  HIS n 
1 42  CYS n 
1 43  LYS n 
1 44  GLU n 
1 45  ILE n 
1 46  ILE n 
1 47  VAL n 
1 48  THR n 
1 49  ILE n 
1 50  HIS n 
1 51  ALA n 
1 52  ASP n 
1 53  ASN n 
1 54  SER n 
1 55  VAL n 
1 56  SER n 
1 57  VAL n 
1 58  GLN n 
1 59  ASP n 
1 60  ASP n 
1 61  GLY n 
1 62  ARG n 
1 63  GLY n 
1 64  ILE n 
1 65  PRO n 
1 66  THR n 
1 67  GLY n 
1 68  ILE n 
1 69  HIS n 
1 70  PRO n 
1 71  GLU n 
1 72  GLU n 
1 73  GLY n 
1 74  VAL n 
1 75  SER n 
1 76  ALA n 
1 77  ALA n 
1 78  GLU n 
1 79  VAL n 
1 80  ILE n 
1 81  MET n 
1 82  THR n 
1 83  VAL n 
1 84  LEU n 
1 85  HIS n 
1 86  ALA n 
1 87  GLY n 
1 88  GLY n 
1 89  LYS n 
1 90  PHE n 
1 91  ASP n 
1 92  ASP n 
1 93  ASN n 
1 94  SER n 
1 95  TYR n 
1 96  LYS n 
1 97  VAL n 
1 98  SER n 
1 99  GLY n 
1 100 GLY n 
1 101 LEU n 
1 102 HIS n 
1 103 GLY n 
1 104 VAL n 
1 105 GLY n 
1 106 VAL n 
1 107 SER n 
1 108 VAL n 
1 109 VAL n 
1 110 ASN n 
1 111 ALA n 
1 112 LEU n 
1 113 SER n 
1 114 GLN n 
1 115 LYS n 
1 116 LEU n 
1 117 GLU n 
1 118 LEU n 
1 119 VAL n 
1 120 ILE n 
1 121 GLN n 
1 122 ARG n 
1 123 GLU n 
1 124 GLY n 
1 125 LYS n 
1 126 ILE n 
1 127 HIS n 
1 128 ARG n 
1 129 GLN n 
1 130 ILE n 
1 131 TYR n 
1 132 GLU n 
1 133 HIS n 
1 134 GLY n 
1 135 VAL n 
1 136 PRO n 
1 137 GLN n 
1 138 ALA n 
1 139 PRO n 
1 140 LEU n 
1 141 ALA n 
1 142 VAL n 
1 143 THR n 
1 144 GLY n 
1 145 GLU n 
1 146 THR n 
1 147 GLU n 
1 148 LYS n 
1 149 THR n 
1 150 GLY n 
1 151 THR n 
1 152 MET n 
1 153 VAL n 
1 154 ARG n 
1 155 PHE n 
1 156 TRP n 
1 157 PRO n 
1 158 SER n 
1 159 LEU n 
1 160 GLU n 
1 161 THR n 
1 162 PHE n 
1 163 THR n 
1 164 ASN n 
1 165 VAL n 
1 166 THR n 
1 167 GLU n 
1 168 PHE n 
1 169 GLU n 
1 170 TYR n 
1 171 GLU n 
1 172 ILE n 
1 173 LEU n 
1 174 ALA n 
1 175 LYS n 
1 176 ARG n 
1 177 LEU n 
1 178 ARG n 
1 179 GLU n 
1 180 LEU n 
1 181 SER n 
1 182 PHE n 
1 183 LEU n 
1 184 ASN n 
1 185 SER n 
1 186 GLY n 
1 187 VAL n 
1 188 SER n 
1 189 ILE n 
1 190 ARG n 
1 191 LEU n 
1 192 ARG n 
1 193 ASP n 
1 194 LYS n 
1 195 ARG n 
1 196 ASP n 
1 197 GLY n 
1 198 LYS n 
1 199 GLU n 
1 200 ASP n 
1 201 HIS n 
1 202 PHE n 
1 203 HIS n 
# 
_entity_src_gen.entity_id                          1 
_entity_src_gen.pdbx_src_id                        1 
_entity_src_gen.pdbx_alt_source_flag               sample 
_entity_src_gen.pdbx_seq_type                      ? 
_entity_src_gen.pdbx_beg_seq_num                   ? 
_entity_src_gen.pdbx_end_seq_num                   ? 
_entity_src_gen.gene_src_common_name               ? 
_entity_src_gen.gene_src_genus                     ? 
_entity_src_gen.pdbx_gene_src_gene                 ECs4634 
_entity_src_gen.gene_src_species                   ? 
_entity_src_gen.gene_src_strain                    ? 
_entity_src_gen.gene_src_tissue                    ? 
_entity_src_gen.gene_src_tissue_fraction           ? 
_entity_src_gen.gene_src_details                   ? 
_entity_src_gen.pdbx_gene_src_fragment             ? 
_entity_src_gen.pdbx_gene_src_scientific_name      'Escherichia coli' 
_entity_src_gen.pdbx_gene_src_ncbi_taxonomy_id     562 
_entity_src_gen.pdbx_gene_src_variant              ? 
_entity_src_gen.pdbx_gene_src_cell_line            ? 
_entity_src_gen.pdbx_gene_src_atcc                 ? 
_entity_src_gen.pdbx_gene_src_organ                ? 
_entity_src_gen.pdbx_gene_src_organelle            ? 
_entity_src_gen.pdbx_gene_src_cell                 ? 
_entity_src_gen.pdbx_gene_src_cellular_location    ? 
_entity_src_gen.host_org_common_name               ? 
_entity_src_gen.pdbx_host_org_scientific_name      'Escherichia coli' 
_entity_src_gen.pdbx_host_org_ncbi_taxonomy_id     562 
_entity_src_gen.host_org_genus                     ? 
_entity_src_gen.pdbx_host_org_gene                 ? 
_entity_src_gen.pdbx_host_org_organ                ? 
_entity_src_gen.host_org_species                   ? 
_entity_src_gen.pdbx_host_org_tissue               ? 
_entity_src_gen.pdbx_host_org_tissue_fraction      ? 
_entity_src_gen.pdbx_host_org_strain               ? 
_entity_src_gen.pdbx_host_org_variant              ? 
_entity_src_gen.pdbx_host_org_cell_line            ? 
_entity_src_gen.pdbx_host_org_atcc                 ? 
_entity_src_gen.pdbx_host_org_culture_collection   ? 
_entity_src_gen.pdbx_host_org_cell                 ? 
_entity_src_gen.pdbx_host_org_organelle            ? 
_entity_src_gen.pdbx_host_org_cellular_location    ? 
_entity_src_gen.pdbx_host_org_vector_type          ? 
_entity_src_gen.pdbx_host_org_vector               ? 
_entity_src_gen.host_org_details                   ? 
_entity_src_gen.expression_system_id               ? 
_entity_src_gen.plasmid_name                       ? 
_entity_src_gen.plasmid_details                    ? 
_entity_src_gen.pdbx_description                   ? 
# 
_struct_ref.id                         1 
_struct_ref.db_name                    UNP 
_struct_ref.db_code                    C3SLN3_ECOLX 
_struct_ref.pdbx_db_accession          C3SLN3 
_struct_ref.entity_id                  1 
_struct_ref.pdbx_seq_one_letter_code   
;GLDAVRKRPGMYIGDTDDGTGLHHMVFEVVDNAIDEALAGHCKEIIVTIHADNSVSVQDDGRGIPTGIHPEEGVSAAEVI
MTVLHAGGKFDDNSYKVSGGLHGVGVSVVNALSQKLELVIQREGKIHRQIYEHGVPQAPLAVTGETEKTGTMVRFWPSLE
TFTNVTEFEYEILAKRLRELSFLNSGVSIRLRDKRDGKEDHFH
;
_struct_ref.pdbx_align_begin           15 
_struct_ref.pdbx_db_isoform            ? 
# 
_struct_ref_seq.align_id                      1 
_struct_ref_seq.ref_id                        1 
_struct_ref_seq.pdbx_PDB_id_code              3G7E 
_struct_ref_seq.pdbx_strand_id                A 
_struct_ref_seq.seq_align_beg                 1 
_struct_ref_seq.pdbx_seq_align_beg_ins_code   ? 
_struct_ref_seq.seq_align_end                 203 
_struct_ref_seq.pdbx_seq_align_end_ins_code   ? 
_struct_ref_seq.pdbx_db_accession             C3SLN3 
_struct_ref_seq.db_align_beg                  15 
_struct_ref_seq.pdbx_db_align_beg_ins_code    ? 
_struct_ref_seq.db_align_end                  217 
_struct_ref_seq.pdbx_db_align_end_ins_code    ? 
_struct_ref_seq.pdbx_auth_seq_align_beg       15 
_struct_ref_seq.pdbx_auth_seq_align_end       217 
# 
loop_
_chem_comp.id 
_chem_comp.type 
_chem_comp.mon_nstd_flag 
_chem_comp.name 
_chem_comp.pdbx_synonyms 
_chem_comp.formula 
_chem_comp.formula_weight 
ALA 'L-peptide linking' y ALANINE                                                                                                  
? 'C3 H7 N O2'      89.093  
ARG 'L-peptide linking' y ARGININE                                                                                                 
? 'C6 H15 N4 O2 1'  175.209 
ASN 'L-peptide linking' y ASPARAGINE                                                                                               
? 'C4 H8 N2 O3'     132.118 
ASP 'L-peptide linking' y 'ASPARTIC ACID'                                                                                          
? 'C4 H7 N O4'      133.103 
B46 non-polymer         . 'prop-2-yn-1-yl {[5-(4-piperidin-1-yl-2-pyridin-3-yl-1,3-thiazol-5-yl)-1H-pyrazol-3-yl]methyl}carbamate' 
? 'C21 H22 N6 O2 S' 422.503 
CYS 'L-peptide linking' y CYSTEINE                                                                                                 
? 'C3 H7 N O2 S'    121.158 
GLN 'L-peptide linking' y GLUTAMINE                                                                                                
? 'C5 H10 N2 O3'    146.144 
GLU 'L-peptide linking' y 'GLUTAMIC ACID'                                                                                          
? 'C5 H9 N O4'      147.129 
GLY 'peptide linking'   y GLYCINE                                                                                                  
? 'C2 H5 N O2'      75.067  
HIS 'L-peptide linking' y HISTIDINE                                                                                                
? 'C6 H10 N3 O2 1'  156.162 
HOH non-polymer         . WATER                                                                                                    
? 'H2 O'            18.015  
ILE 'L-peptide linking' y ISOLEUCINE                                                                                               
? 'C6 H13 N O2'     131.173 
LEU 'L-peptide linking' y LEUCINE                                                                                                  
? 'C6 H13 N O2'     131.173 
LYS 'L-peptide linking' y LYSINE                                                                                                   
? 'C6 H15 N2 O2 1'  147.195 
MET 'L-peptide linking' y METHIONINE                                                                                               
? 'C5 H11 N O2 S'   149.211 
PHE 'L-peptide linking' y PHENYLALANINE                                                                                            
? 'C9 H11 N O2'     165.189 
PRO 'L-peptide linking' y PROLINE                                                                                                  
? 'C5 H9 N O2'      115.130 
SER 'L-peptide linking' y SERINE                                                                                                   
? 'C3 H7 N O3'      105.093 
THR 'L-peptide linking' y THREONINE                                                                                                
? 'C4 H9 N O3'      119.119 
TRP 'L-peptide linking' y TRYPTOPHAN                                                                                               
? 'C11 H12 N2 O2'   204.225 
TYR 'L-peptide linking' y TYROSINE                                                                                                 
? 'C9 H11 N O3'     181.189 
VAL 'L-peptide linking' y VALINE                                                                                                   
? 'C5 H11 N O2'     117.146 
# 
_exptl.entry_id          3G7E 
_exptl.method            'X-RAY DIFFRACTION' 
_exptl.crystals_number   1 
# 
_exptl_crystal.id                    1 
_exptl_crystal.density_meas          ? 
_exptl_crystal.density_Matthews      3.05 
_exptl_crystal.density_percent_sol   59.72 
_exptl_crystal.description           ? 
_exptl_crystal.F_000                 ? 
_exptl_crystal.preparation           ? 
# 
_exptl_crystal_grow.crystal_id      1 
_exptl_crystal_grow.method          'VAPOR DIFFUSION, HANGING DROP' 
_exptl_crystal_grow.temp            298 
_exptl_crystal_grow.temp_details    ? 
_exptl_crystal_grow.pH              5.5 
_exptl_crystal_grow.pdbx_details    'hanging drop, pH 5.5, VAPOR DIFFUSION, HANGING DROP, temperature 298K' 
_exptl_crystal_grow.pdbx_pH_range   ? 
# 
_diffrn.id                     1 
_diffrn.ambient_temp           120 
_diffrn.ambient_temp_details   ? 
_diffrn.crystal_id             1 
# 
_diffrn_detector.diffrn_id              1 
_diffrn_detector.detector               'IMAGE PLATE' 
_diffrn_detector.type                   'RIGAKU RAXIS IV' 
_diffrn_detector.pdbx_collection_date   2006-10-21 
_diffrn_detector.details                mirrors 
# 
_diffrn_radiation.diffrn_id                        1 
_diffrn_radiation.wavelength_id                    1 
_diffrn_radiation.pdbx_monochromatic_or_laue_m_l   M 
_diffrn_radiation.monochromator                    'Ni filter' 
_diffrn_radiation.pdbx_diffrn_protocol             'SINGLE WAVELENGTH' 
_diffrn_radiation.pdbx_scattering_type             x-ray 
# 
_diffrn_radiation_wavelength.id           1 
_diffrn_radiation_wavelength.wavelength   1.5418 
_diffrn_radiation_wavelength.wt           1.0 
# 
_diffrn_source.diffrn_id                   1 
_diffrn_source.source                      'ROTATING ANODE' 
_diffrn_source.type                        'RIGAKU RU200' 
_diffrn_source.pdbx_synchrotron_site       ? 
_diffrn_source.pdbx_synchrotron_beamline   ? 
_diffrn_source.pdbx_wavelength             ? 
_diffrn_source.pdbx_wavelength_list        1.5418 
# 
_reflns.entry_id                     3G7E 
_reflns.observed_criterion_sigma_I   2.0 
_reflns.observed_criterion_sigma_F   2.0 
_reflns.d_resolution_low             20.0 
_reflns.d_resolution_high            2.2 
_reflns.number_obs                   13724 
_reflns.number_all                   13863 
_reflns.percent_possible_obs         99.3 
_reflns.pdbx_Rmerge_I_obs            0.07 
_reflns.pdbx_Rsym_value              ? 
_reflns.B_iso_Wilson_estimate        23.8 
_reflns.pdbx_redundancy              ? 
_reflns.R_free_details               ? 
_reflns.limit_h_max                  ? 
_reflns.limit_h_min                  ? 
_reflns.limit_k_max                  ? 
_reflns.limit_k_min                  ? 
_reflns.limit_l_max                  ? 
_reflns.limit_l_min                  ? 
_reflns.observed_criterion_F_max     ? 
_reflns.observed_criterion_F_min     ? 
_reflns.pdbx_chi_squared             ? 
_reflns.pdbx_scaling_rejects         ? 
_reflns.pdbx_netI_over_sigmaI        ? 
_reflns.pdbx_ordinal                 1 
_reflns.pdbx_diffrn_id               1 
# 
_reflns_shell.d_res_high             2.2 
_reflns_shell.d_res_low              2.3 
_reflns_shell.percent_possible_all   99 
_reflns_shell.Rmerge_I_obs           ? 
_reflns_shell.pdbx_Rsym_value        ? 
_reflns_shell.meanI_over_sigI_obs    ? 
_reflns_shell.pdbx_redundancy        ? 
_reflns_shell.percent_possible_obs   ? 
_reflns_shell.number_unique_all      ? 
_reflns_shell.number_measured_all    ? 
_reflns_shell.number_measured_obs    ? 
_reflns_shell.number_unique_obs      ? 
_reflns_shell.pdbx_chi_squared       ? 
_reflns_shell.pdbx_ordinal           1 
_reflns_shell.pdbx_diffrn_id         1 
# 
_refine.entry_id                                 3G7E 
_refine.ls_number_reflns_obs                     13664 
_refine.ls_number_reflns_all                     13834 
_refine.pdbx_ls_sigma_I                          ? 
_refine.pdbx_ls_sigma_F                          2.0 
_refine.pdbx_data_cutoff_high_absF               3885254.96 
_refine.pdbx_data_cutoff_low_absF                0.000000 
_refine.pdbx_data_cutoff_high_rms_absF           ? 
_refine.ls_d_res_low                             19.81 
_refine.ls_d_res_high                            2.20 
_refine.ls_percent_reflns_obs                    98.2 
_refine.ls_R_factor_obs                          0.208 
_refine.ls_R_factor_all                          ? 
_refine.ls_R_factor_R_work                       0.206 
_refine.ls_R_factor_R_free                       0.234 
_refine.ls_R_factor_R_free_error                 0.009 
_refine.ls_R_factor_R_free_error_details         ? 
_refine.ls_percent_reflns_R_free                 5.0 
_refine.ls_number_reflns_R_free                  685 
_refine.ls_number_parameters                     ? 
_refine.ls_number_restraints                     ? 
_refine.occupancy_min                            ? 
_refine.occupancy_max                            ? 
_refine.correlation_coeff_Fo_to_Fc               ? 
_refine.correlation_coeff_Fo_to_Fc_free          ? 
_refine.B_iso_mean                               37.3 
_refine.aniso_B[1][1]                            7.07 
_refine.aniso_B[2][2]                            7.07 
_refine.aniso_B[3][3]                            -14.15 
_refine.aniso_B[1][2]                            6.82 
_refine.aniso_B[1][3]                            0.00 
_refine.aniso_B[2][3]                            0.00 
_refine.solvent_model_details                    'FLAT MODEL' 
_refine.solvent_model_param_ksol                 0.34316 
_refine.solvent_model_param_bsol                 35.6705 
_refine.pdbx_solvent_vdw_probe_radii             ? 
_refine.pdbx_solvent_ion_probe_radii             ? 
_refine.pdbx_solvent_shrinkage_radii             ? 
_refine.pdbx_ls_cross_valid_method               THROUGHOUT 
_refine.details                                  ? 
_refine.pdbx_starting_model                      1S14 
_refine.pdbx_method_to_determine_struct          'MOLECULAR REPLACEMENT' 
_refine.pdbx_isotropic_thermal_model             RESTRAINED 
_refine.pdbx_stereochemistry_target_values       ? 
_refine.pdbx_stereochem_target_val_spec_case     ? 
_refine.pdbx_R_Free_selection_details            RANDOM 
_refine.pdbx_overall_ESU_R                       ? 
_refine.pdbx_overall_ESU_R_Free                  ? 
_refine.overall_SU_ML                            ? 
_refine.overall_SU_B                             ? 
_refine.ls_redundancy_reflns_obs                 ? 
_refine.B_iso_min                                ? 
_refine.B_iso_max                                ? 
_refine.overall_SU_R_Cruickshank_DPI             ? 
_refine.overall_SU_R_free                        ? 
_refine.ls_wR_factor_R_free                      ? 
_refine.ls_wR_factor_R_work                      ? 
_refine.overall_FOM_free_R_set                   ? 
_refine.overall_FOM_work_R_set                   ? 
_refine.pdbx_overall_phase_error                 ? 
_refine.pdbx_refine_id                           'X-RAY DIFFRACTION' 
_refine.pdbx_diffrn_id                           1 
_refine.pdbx_TLS_residual_ADP_flag               ? 
_refine.pdbx_overall_SU_R_free_Cruickshank_DPI   ? 
_refine.pdbx_overall_SU_R_Blow_DPI               ? 
_refine.pdbx_overall_SU_R_free_Blow_DPI          ? 
# 
_refine_analyze.entry_id                        3G7E 
_refine_analyze.Luzzati_coordinate_error_obs    0.27 
_refine_analyze.Luzzati_sigma_a_obs             0.30 
_refine_analyze.Luzzati_d_res_low_obs           5.00 
_refine_analyze.Luzzati_coordinate_error_free   0.31 
_refine_analyze.Luzzati_sigma_a_free            0.33 
_refine_analyze.Luzzati_d_res_low_free          ? 
_refine_analyze.number_disordered_residues      ? 
_refine_analyze.occupancy_sum_hydrogen          ? 
_refine_analyze.occupancy_sum_non_hydrogen      ? 
_refine_analyze.pdbx_Luzzati_d_res_high_obs     ? 
_refine_analyze.pdbx_refine_id                  'X-RAY DIFFRACTION' 
# 
_refine_hist.pdbx_refine_id                   'X-RAY DIFFRACTION' 
_refine_hist.cycle_id                         LAST 
_refine_hist.pdbx_number_atoms_protein        1550 
_refine_hist.pdbx_number_atoms_nucleic_acid   0 
_refine_hist.pdbx_number_atoms_ligand         30 
_refine_hist.number_atoms_solvent             99 
_refine_hist.number_atoms_total               1679 
_refine_hist.d_res_high                       2.20 
_refine_hist.d_res_low                        19.81 
# 
loop_
_refine_ls_restr.type 
_refine_ls_restr.dev_ideal 
_refine_ls_restr.dev_ideal_target 
_refine_ls_restr.weight 
_refine_ls_restr.number 
_refine_ls_restr.pdbx_refine_id 
_refine_ls_restr.pdbx_restraint_function 
c_bond_d           0.006 ?    ? ? 'X-RAY DIFFRACTION' ? 
c_angle_deg        0.9   ?    ? ? 'X-RAY DIFFRACTION' ? 
c_dihedral_angle_d 21.8  ?    ? ? 'X-RAY DIFFRACTION' ? 
c_improper_angle_d 0.64  ?    ? ? 'X-RAY DIFFRACTION' ? 
c_mcbond_it        1.27  1.50 ? ? 'X-RAY DIFFRACTION' ? 
c_mcangle_it       2.00  2.00 ? ? 'X-RAY DIFFRACTION' ? 
c_scbond_it        2.00  2.00 ? ? 'X-RAY DIFFRACTION' ? 
c_scangle_it       2.96  2.50 ? ? 'X-RAY DIFFRACTION' ? 
# 
_refine_ls_shell.pdbx_total_number_of_bins_used   6 
_refine_ls_shell.d_res_high                       2.20 
_refine_ls_shell.d_res_low                        2.34 
_refine_ls_shell.number_reflns_R_work             2110 
_refine_ls_shell.R_factor_R_work                  0.287 
_refine_ls_shell.percent_reflns_obs               97.8 
_refine_ls_shell.R_factor_R_free                  0.315 
_refine_ls_shell.R_factor_R_free_error            0.027 
_refine_ls_shell.percent_reflns_R_free            5.8 
_refine_ls_shell.number_reflns_R_free             131 
_refine_ls_shell.number_reflns_all                ? 
_refine_ls_shell.R_factor_all                     ? 
_refine_ls_shell.number_reflns_obs                ? 
_refine_ls_shell.redundancy_reflns_obs            ? 
_refine_ls_shell.pdbx_refine_id                   'X-RAY DIFFRACTION' 
# 
_pdbx_refine.entry_id                                    3G7E 
_pdbx_refine.R_factor_all_no_cutoff                      0.253 
_pdbx_refine.R_factor_obs_no_cutoff                      0.252 
_pdbx_refine.free_R_factor_no_cutoff                     0.277 
_pdbx_refine.free_R_error_no_cutoff                      0.011 
_pdbx_refine.free_R_val_test_set_size_perc_no_cutoff     5.0 
_pdbx_refine.free_R_val_test_set_ct_no_cutoff            692 
_pdbx_refine.R_factor_all_4sig_cutoff                    ? 
_pdbx_refine.R_factor_obs_4sig_cutoff                    ? 
_pdbx_refine.free_R_factor_4sig_cutoff                   ? 
_pdbx_refine.free_R_val_test_set_size_perc_4sig_cutoff   ? 
_pdbx_refine.free_R_val_test_set_ct_4sig_cutoff          ? 
_pdbx_refine.number_reflns_obs_4sig_cutoff               ? 
_pdbx_refine.pdbx_refine_id                              'X-RAY DIFFRACTION' 
# 
loop_
_pdbx_xplor_file.serial_no 
_pdbx_xplor_file.param_file 
_pdbx_xplor_file.topol_file 
_pdbx_xplor_file.pdbx_refine_id 
1 protein_rep.p protein.top   'X-RAY DIFFRACTION' 
2 0110455.par   0110455.top   'X-RAY DIFFRACTION' 
3 water_rep.par water_rep.top 'X-RAY DIFFRACTION' 
4 ion.param     ion.top       'X-RAY DIFFRACTION' 
# 
_struct.entry_id                  3G7E 
_struct.title                     
;Crystal structure of E. coli Gyrase B co-complexed with PROP-2-YN-1-YL {[5-(4-PIPERIDIN-1-YL-2-PYRIDIN-3-YL-1,3-THIAZOL-5-YL)-1H-PYRAZOL-3-YL]METHYL}CARBAMATE inhibitor
;
_struct.pdbx_model_details        ? 
_struct.pdbx_CASP_flag            ? 
_struct.pdbx_model_type_details   ? 
# 
_struct_keywords.entry_id        3G7E 
_struct_keywords.pdbx_keywords   'Isomerase/Isomerase inhibitor' 
_struct_keywords.text            'ISOMERASE, Isomerase-Isomerase inhibitor complex' 
# 
loop_
_struct_asym.id 
_struct_asym.pdbx_blank_PDB_chainid_flag 
_struct_asym.pdbx_modified 
_struct_asym.entity_id 
_struct_asym.details 
A N N 1 ? 
B N N 2 ? 
C N N 3 ? 
# 
_struct_biol.id        1 
_struct_biol.details   ? 
# 
loop_
_struct_conf.conf_type_id 
_struct_conf.id 
_struct_conf.pdbx_PDB_helix_id 
_struct_conf.beg_label_comp_id 
_struct_conf.beg_label_asym_id 
_struct_conf.beg_label_seq_id 
_struct_conf.pdbx_beg_PDB_ins_code 
_struct_conf.end_label_comp_id 
_struct_conf.end_label_asym_id 
_struct_conf.end_label_seq_id 
_struct_conf.pdbx_end_PDB_ins_code 
_struct_conf.beg_auth_comp_id 
_struct_conf.beg_auth_asym_id 
_struct_conf.beg_auth_seq_id 
_struct_conf.end_auth_comp_id 
_struct_conf.end_auth_asym_id 
_struct_conf.end_auth_seq_id 
_struct_conf.pdbx_PDB_helix_class 
_struct_conf.details 
_struct_conf.pdbx_PDB_helix_length 
HELX_P HELX_P1 1 GLY A 1   ? ARG A 8   ? GLY A 15  ARG A 22  1 ? 8  
HELX_P HELX_P2 2 PRO A 9   ? TYR A 12  ? PRO A 23  TYR A 26  5 ? 4  
HELX_P HELX_P3 3 GLY A 19  ? ALA A 39  ? GLY A 33  ALA A 53  1 ? 21 
HELX_P HELX_P4 4 SER A 75  ? VAL A 83  ? SER A 89  VAL A 97  1 ? 9  
HELX_P HELX_P5 5 GLY A 105 ? LEU A 112 ? GLY A 119 LEU A 126 1 ? 8  
HELX_P HELX_P6 6 GLU A 169 ? ASN A 184 ? GLU A 183 ASN A 198 1 ? 16 
# 
_struct_conf_type.id          HELX_P 
_struct_conf_type.criteria    ? 
_struct_conf_type.reference   ? 
# 
loop_
_struct_sheet.id 
_struct_sheet.type 
_struct_sheet.number_strands 
_struct_sheet.details 
A ? 3 ? 
B ? 8 ? 
C ? 2 ? 
# 
loop_
_struct_sheet_order.sheet_id 
_struct_sheet_order.range_id_1 
_struct_sheet_order.range_id_2 
_struct_sheet_order.offset 
_struct_sheet_order.sense 
A 1 2 ? anti-parallel 
A 2 3 ? anti-parallel 
B 1 2 ? anti-parallel 
B 2 3 ? anti-parallel 
B 3 4 ? anti-parallel 
B 4 5 ? anti-parallel 
B 5 6 ? anti-parallel 
B 6 7 ? parallel      
B 7 8 ? anti-parallel 
C 1 2 ? anti-parallel 
# 
loop_
_struct_sheet_range.sheet_id 
_struct_sheet_range.id 
_struct_sheet_range.beg_label_comp_id 
_struct_sheet_range.beg_label_asym_id 
_struct_sheet_range.beg_label_seq_id 
_struct_sheet_range.pdbx_beg_PDB_ins_code 
_struct_sheet_range.end_label_comp_id 
_struct_sheet_range.end_label_asym_id 
_struct_sheet_range.end_label_seq_id 
_struct_sheet_range.pdbx_end_PDB_ins_code 
_struct_sheet_range.beg_auth_comp_id 
_struct_sheet_range.beg_auth_asym_id 
_struct_sheet_range.beg_auth_seq_id 
_struct_sheet_range.end_auth_comp_id 
_struct_sheet_range.end_auth_asym_id 
_struct_sheet_range.end_auth_seq_id 
A 1 VAL A 135 ? PRO A 136 ? VAL A 149 PRO A 150 
A 2 LYS A 125 ? GLU A 132 ? LYS A 139 GLU A 146 
A 3 ALA A 141 ? GLU A 145 ? ALA A 155 GLU A 159 
B 1 VAL A 135 ? PRO A 136 ? VAL A 149 PRO A 150 
B 2 LYS A 125 ? GLU A 132 ? LYS A 139 GLU A 146 
B 3 SER A 113 ? ARG A 122 ? SER A 127 ARG A 136 
B 4 GLY A 150 ? PRO A 157 ? GLY A 164 PRO A 171 
B 5 VAL A 55  ? ASP A 59  ? VAL A 69  ASP A 73  
B 6 GLU A 44  ? ILE A 49  ? GLU A 58  ILE A 63  
B 7 SER A 188 ? ASP A 193 ? SER A 202 ASP A 207 
B 8 GLU A 199 ? PHE A 202 ? GLU A 213 PHE A 216 
C 1 LYS A 89  ? PHE A 90  ? LYS A 103 PHE A 104 
C 2 LYS A 96  ? VAL A 97  ? LYS A 110 VAL A 111 
# 
loop_
_pdbx_struct_sheet_hbond.sheet_id 
_pdbx_struct_sheet_hbond.range_id_1 
_pdbx_struct_sheet_hbond.range_id_2 
_pdbx_struct_sheet_hbond.range_1_label_atom_id 
_pdbx_struct_sheet_hbond.range_1_label_comp_id 
_pdbx_struct_sheet_hbond.range_1_label_asym_id 
_pdbx_struct_sheet_hbond.range_1_label_seq_id 
_pdbx_struct_sheet_hbond.range_1_PDB_ins_code 
_pdbx_struct_sheet_hbond.range_1_auth_atom_id 
_pdbx_struct_sheet_hbond.range_1_auth_comp_id 
_pdbx_struct_sheet_hbond.range_1_auth_asym_id 
_pdbx_struct_sheet_hbond.range_1_auth_seq_id 
_pdbx_struct_sheet_hbond.range_2_label_atom_id 
_pdbx_struct_sheet_hbond.range_2_label_comp_id 
_pdbx_struct_sheet_hbond.range_2_label_asym_id 
_pdbx_struct_sheet_hbond.range_2_label_seq_id 
_pdbx_struct_sheet_hbond.range_2_PDB_ins_code 
_pdbx_struct_sheet_hbond.range_2_auth_atom_id 
_pdbx_struct_sheet_hbond.range_2_auth_comp_id 
_pdbx_struct_sheet_hbond.range_2_auth_asym_id 
_pdbx_struct_sheet_hbond.range_2_auth_seq_id 
A 1 2 O VAL A 135 ? O VAL A 149 N GLU A 132 ? N GLU A 146 
A 2 3 N ARG A 128 ? N ARG A 142 O ALA A 141 ? O ALA A 155 
B 1 2 O VAL A 135 ? O VAL A 149 N GLU A 132 ? N GLU A 146 
B 2 3 O GLN A 129 ? O GLN A 143 N LEU A 118 ? N LEU A 132 
B 3 4 N LYS A 115 ? N LYS A 129 O TRP A 156 ? O TRP A 170 
B 4 5 O VAL A 153 ? O VAL A 167 N VAL A 57  ? N VAL A 71  
B 5 6 O GLN A 58  ? O GLN A 72  N ILE A 46  ? N ILE A 60  
B 6 7 N ILE A 49  ? N ILE A 63  O ARG A 192 ? O ARG A 206 
B 7 8 N ILE A 189 ? N ILE A 203 O PHE A 202 ? O PHE A 216 
C 1 2 N LYS A 89  ? N LYS A 103 O VAL A 97  ? O VAL A 111 
# 
_struct_site.id                   AC1 
_struct_site.pdbx_evidence_code   Software 
_struct_site.pdbx_auth_asym_id    A 
_struct_site.pdbx_auth_comp_id    B46 
_struct_site.pdbx_auth_seq_id     1 
_struct_site.pdbx_auth_ins_code   ? 
_struct_site.pdbx_num_residues    17 
_struct_site.details              'BINDING SITE FOR RESIDUE B46 A 1' 
# 
loop_
_struct_site_gen.id 
_struct_site_gen.site_id 
_struct_site_gen.pdbx_num_res 
_struct_site_gen.label_comp_id 
_struct_site_gen.label_asym_id 
_struct_site_gen.label_seq_id 
_struct_site_gen.pdbx_auth_ins_code 
_struct_site_gen.auth_comp_id 
_struct_site_gen.auth_asym_id 
_struct_site_gen.auth_seq_id 
_struct_site_gen.label_atom_id 
_struct_site_gen.label_alt_id 
_struct_site_gen.symmetry 
_struct_site_gen.details 
1  AC1 17 ASN A 32  ? ASN A 46  . ? 1_555 ? 
2  AC1 17 ALA A 33  ? ALA A 47  . ? 1_555 ? 
3  AC1 17 ASP A 35  ? ASP A 49  . ? 1_555 ? 
4  AC1 17 GLU A 36  ? GLU A 50  . ? 1_555 ? 
5  AC1 17 ASP A 59  ? ASP A 73  . ? 1_555 ? 
6  AC1 17 ARG A 62  ? ARG A 76  . ? 1_555 ? 
7  AC1 17 GLY A 63  ? GLY A 77  . ? 1_555 ? 
8  AC1 17 ILE A 64  ? ILE A 78  . ? 1_555 ? 
9  AC1 17 PRO A 65  ? PRO A 79  . ? 1_555 ? 
10 AC1 17 MET A 81  ? MET A 95  . ? 1_555 ? 
11 AC1 17 GLY A 88  ? GLY A 102 . ? 1_555 ? 
12 AC1 17 PHE A 90  ? PHE A 104 . ? 1_555 ? 
13 AC1 17 ASP A 92  ? ASP A 106 . ? 1_555 ? 
14 AC1 17 ARG A 122 ? ARG A 136 . ? 1_555 ? 
15 AC1 17 HOH C .   ? HOH A 406 . ? 1_555 ? 
16 AC1 17 HOH C .   ? HOH A 408 . ? 1_555 ? 
17 AC1 17 HOH C .   ? HOH A 443 . ? 1_555 ? 
# 
_atom_sites.entry_id                    3G7E 
_atom_sites.fract_transf_matrix[1][1]   0.00901323 
_atom_sites.fract_transf_matrix[1][2]   -0.00727026 
_atom_sites.fract_transf_matrix[1][3]   -0.00352195 
_atom_sites.fract_transf_matrix[2][1]   -0.00119629 
_atom_sites.fract_transf_matrix[2][2]   -0.01200886 
_atom_sites.fract_transf_matrix[2][3]   0.00092894 
_atom_sites.fract_transf_matrix[3][1]   -0.00754314 
_atom_sites.fract_transf_matrix[3][2]   -0.00063969 
_atom_sites.fract_transf_matrix[3][3]   -0.01798360 
_atom_sites.fract_transf_vector[1]      0.486477 
_atom_sites.fract_transf_vector[2]      0.170393 
_atom_sites.fract_transf_vector[3]      0.294203 
# 
loop_
_atom_type.symbol 
C 
N 
O 
S 
# 
loop_
_atom_site.group_PDB 
_atom_site.id 
_atom_site.type_symbol 
_atom_site.label_atom_id 
_atom_site.label_alt_id 
_atom_site.label_comp_id 
_atom_site.label_asym_id 
_atom_site.label_entity_id 
_atom_site.label_seq_id 
_atom_site.pdbx_PDB_ins_code 
_atom_site.Cartn_x 
_atom_site.Cartn_y 
_atom_site.Cartn_z 
_atom_site.occupancy 
_atom_site.B_iso_or_equiv 
_atom_site.pdbx_formal_charge 
_atom_site.auth_seq_id 
_atom_site.auth_comp_id 
_atom_site.auth_asym_id 
_atom_site.auth_atom_id 
_atom_site.pdbx_PDB_model_num 
ATOM   1    N N   . GLY A 1 1   ? 18.119  7.437   -4.498  1.00 49.44 ? 15  GLY A N   1 
ATOM   2    C CA  . GLY A 1 1   ? 17.220  6.244   -4.572  1.00 48.88 ? 15  GLY A CA  1 
ATOM   3    C C   . GLY A 1 1   ? 16.534  5.968   -3.248  1.00 48.63 ? 15  GLY A C   1 
ATOM   4    O O   . GLY A 1 1   ? 16.319  6.884   -2.448  1.00 47.66 ? 15  GLY A O   1 
ATOM   5    N N   . LEU A 1 2   ? 16.185  4.707   -3.006  1.00 47.12 ? 16  LEU A N   1 
ATOM   6    C CA  . LEU A 1 2   ? 15.583  4.336   -1.732  1.00 46.31 ? 16  LEU A CA  1 
ATOM   7    C C   . LEU A 1 2   ? 16.614  4.373   -0.611  1.00 45.51 ? 16  LEU A C   1 
ATOM   8    O O   . LEU A 1 2   ? 16.255  4.474   0.560   1.00 45.16 ? 16  LEU A O   1 
ATOM   9    C CB  . LEU A 1 2   ? 14.940  2.947   -1.821  1.00 45.02 ? 16  LEU A CB  1 
ATOM   10   C CG  . LEU A 1 2   ? 13.724  2.871   -2.751  1.00 45.27 ? 16  LEU A CG  1 
ATOM   11   C CD1 . LEU A 1 2   ? 12.941  1.583   -2.503  1.00 42.51 ? 16  LEU A CD1 1 
ATOM   12   C CD2 . LEU A 1 2   ? 12.840  4.089   -2.509  1.00 42.49 ? 16  LEU A CD2 1 
ATOM   13   N N   . ASP A 1 3   ? 17.893  4.302   -0.972  1.00 45.71 ? 17  ASP A N   1 
ATOM   14   C CA  . ASP A 1 3   ? 18.972  4.488   -0.002  1.00 45.73 ? 17  ASP A CA  1 
ATOM   15   C C   . ASP A 1 3   ? 18.900  5.886   0.614   1.00 45.37 ? 17  ASP A C   1 
ATOM   16   O O   . ASP A 1 3   ? 19.155  6.065   1.804   1.00 45.66 ? 17  ASP A O   1 
ATOM   17   C CB  . ASP A 1 3   ? 20.339  4.303   -0.671  1.00 47.83 ? 17  ASP A CB  1 
ATOM   18   C CG  . ASP A 1 3   ? 20.665  2.843   -0.954  1.00 50.25 ? 17  ASP A CG  1 
ATOM   19   O OD1 . ASP A 1 3   ? 20.256  1.971   -0.157  1.00 49.98 ? 17  ASP A OD1 1 
ATOM   20   O OD2 . ASP A 1 3   ? 21.337  2.571   -1.975  1.00 50.41 ? 17  ASP A OD2 1 
ATOM   21   N N   . ALA A 1 4   ? 18.555  6.875   -0.204  1.00 43.54 ? 18  ALA A N   1 
ATOM   22   C CA  . ALA A 1 4   ? 18.402  8.241   0.282   1.00 42.10 ? 18  ALA A CA  1 
ATOM   23   C C   . ALA A 1 4   ? 17.214  8.337   1.231   1.00 41.19 ? 18  ALA A C   1 
ATOM   24   O O   . ALA A 1 4   ? 17.246  9.099   2.200   1.00 40.17 ? 18  ALA A O   1 
ATOM   25   C CB  . ALA A 1 4   ? 18.211  9.200   -0.893  1.00 41.86 ? 18  ALA A CB  1 
ATOM   26   N N   . VAL A 1 5   ? 16.170  7.561   0.951   1.00 39.29 ? 19  VAL A N   1 
ATOM   27   C CA  . VAL A 1 5   ? 14.985  7.533   1.804   1.00 38.39 ? 19  VAL A CA  1 
ATOM   28   C C   . VAL A 1 5   ? 15.294  6.924   3.171   1.00 39.78 ? 19  VAL A C   1 
ATOM   29   O O   . VAL A 1 5   ? 14.920  7.475   4.207   1.00 39.22 ? 19  VAL A O   1 
ATOM   30   C CB  . VAL A 1 5   ? 13.839  6.716   1.165   1.00 36.90 ? 19  VAL A CB  1 
ATOM   31   C CG1 . VAL A 1 5   ? 12.662  6.631   2.134   1.00 32.70 ? 19  VAL A CG1 1 
ATOM   32   C CG2 . VAL A 1 5   ? 13.407  7.356   -0.138  1.00 35.32 ? 19  VAL A CG2 1 
ATOM   33   N N   . ARG A 1 6   ? 15.972  5.782   3.167   1.00 40.48 ? 20  ARG A N   1 
ATOM   34   C CA  . ARG A 1 6   ? 16.288  5.084   4.404   1.00 43.48 ? 20  ARG A CA  1 
ATOM   35   C C   . ARG A 1 6   ? 17.218  5.939   5.263   1.00 45.10 ? 20  ARG A C   1 
ATOM   36   O O   . ARG A 1 6   ? 17.190  5.867   6.492   1.00 44.65 ? 20  ARG A O   1 
ATOM   37   C CB  . ARG A 1 6   ? 16.934  3.724   4.090   1.00 43.25 ? 20  ARG A CB  1 
ATOM   38   C CG  . ARG A 1 6   ? 15.984  2.749   3.386   1.00 44.89 ? 20  ARG A CG  1 
ATOM   39   C CD  . ARG A 1 6   ? 16.572  1.345   3.222   1.00 46.81 ? 20  ARG A CD  1 
ATOM   40   N NE  . ARG A 1 6   ? 17.382  1.215   2.011   1.00 48.81 ? 20  ARG A NE  1 
ATOM   41   C CZ  . ARG A 1 6   ? 16.947  0.712   0.857   1.00 48.46 ? 20  ARG A CZ  1 
ATOM   42   N NH1 . ARG A 1 6   ? 15.699  0.281   0.739   1.00 48.33 ? 20  ARG A NH1 1 
ATOM   43   N NH2 . ARG A 1 6   ? 17.764  0.639   -0.185  1.00 48.52 ? 20  ARG A NH2 1 
ATOM   44   N N   . LYS A 1 7   ? 18.027  6.764   4.606   1.00 45.81 ? 21  LYS A N   1 
ATOM   45   C CA  . LYS A 1 7   ? 18.982  7.619   5.300   1.00 46.16 ? 21  LYS A CA  1 
ATOM   46   C C   . LYS A 1 7   ? 18.318  8.837   5.938   1.00 45.18 ? 21  LYS A C   1 
ATOM   47   O O   . LYS A 1 7   ? 18.665  9.224   7.052   1.00 44.17 ? 21  LYS A O   1 
ATOM   48   C CB  . LYS A 1 7   ? 20.064  8.085   4.332   1.00 49.08 ? 21  LYS A CB  1 
ATOM   49   C CG  . LYS A 1 7   ? 21.168  8.888   4.987   1.00 52.90 ? 21  LYS A CG  1 
ATOM   50   C CD  . LYS A 1 7   ? 22.119  7.990   5.765   1.00 55.20 ? 21  LYS A CD  1 
ATOM   51   C CE  . LYS A 1 7   ? 23.382  8.750   6.135   1.00 57.09 ? 21  LYS A CE  1 
ATOM   52   N NZ  . LYS A 1 7   ? 23.923  9.502   4.959   1.00 57.16 ? 21  LYS A NZ  1 
ATOM   53   N N   . ARG A 1 8   ? 17.370  9.442   5.228   1.00 44.17 ? 22  ARG A N   1 
ATOM   54   C CA  . ARG A 1 8   ? 16.678  10.625  5.733   1.00 44.71 ? 22  ARG A CA  1 
ATOM   55   C C   . ARG A 1 8   ? 15.164  10.474  5.652   1.00 41.99 ? 22  ARG A C   1 
ATOM   56   O O   . ARG A 1 8   ? 14.486  11.230  4.953   1.00 38.60 ? 22  ARG A O   1 
ATOM   57   C CB  . ARG A 1 8   ? 17.113  11.864  4.949   1.00 48.45 ? 22  ARG A CB  1 
ATOM   58   C CG  . ARG A 1 8   ? 18.568  12.234  5.161   1.00 54.52 ? 22  ARG A CG  1 
ATOM   59   C CD  . ARG A 1 8   ? 19.146  12.950  3.951   1.00 59.48 ? 22  ARG A CD  1 
ATOM   60   N NE  . ARG A 1 8   ? 20.540  13.317  4.179   1.00 65.54 ? 22  ARG A NE  1 
ATOM   61   C CZ  . ARG A 1 8   ? 20.921  14.370  4.896   1.00 68.75 ? 22  ARG A CZ  1 
ATOM   62   N NH1 . ARG A 1 8   ? 22.213  14.636  5.059   1.00 69.34 ? 22  ARG A NH1 1 
ATOM   63   N NH2 . ARG A 1 8   ? 20.009  15.161  5.450   1.00 69.38 ? 22  ARG A NH2 1 
ATOM   64   N N   . PRO A 1 9   ? 14.616  9.499   6.393   1.00 40.23 ? 23  PRO A N   1 
ATOM   65   C CA  . PRO A 1 9   ? 13.200  9.124   6.318   1.00 39.66 ? 23  PRO A CA  1 
ATOM   66   C C   . PRO A 1 9   ? 12.222  10.254  6.627   1.00 38.56 ? 23  PRO A C   1 
ATOM   67   O O   . PRO A 1 9   ? 11.169  10.357  6.002   1.00 38.38 ? 23  PRO A O   1 
ATOM   68   C CB  . PRO A 1 9   ? 13.078  7.970   7.312   1.00 39.88 ? 23  PRO A CB  1 
ATOM   69   C CG  . PRO A 1 9   ? 14.228  8.144   8.242   1.00 40.23 ? 23  PRO A CG  1 
ATOM   70   C CD  . PRO A 1 9   ? 15.335  8.738   7.428   1.00 39.45 ? 23  PRO A CD  1 
ATOM   71   N N   . GLY A 1 10  ? 12.569  11.100  7.590   1.00 39.52 ? 24  GLY A N   1 
ATOM   72   C CA  . GLY A 1 10  ? 11.655  12.153  7.999   1.00 38.16 ? 24  GLY A CA  1 
ATOM   73   C C   . GLY A 1 10  ? 11.403  13.123  6.863   1.00 38.59 ? 24  GLY A C   1 
ATOM   74   O O   . GLY A 1 10  ? 10.367  13.788  6.807   1.00 38.51 ? 24  GLY A O   1 
ATOM   75   N N   . MET A 1 11  ? 12.357  13.187  5.942   1.00 38.09 ? 25  MET A N   1 
ATOM   76   C CA  . MET A 1 11  ? 12.265  14.074  4.797   1.00 40.19 ? 25  MET A CA  1 
ATOM   77   C C   . MET A 1 11  ? 11.289  13.548  3.741   1.00 39.50 ? 25  MET A C   1 
ATOM   78   O O   . MET A 1 11  ? 10.864  14.299  2.859   1.00 38.14 ? 25  MET A O   1 
ATOM   79   C CB  . MET A 1 11  ? 13.647  14.248  4.167   1.00 42.96 ? 25  MET A CB  1 
ATOM   80   C CG  . MET A 1 11  ? 14.032  15.695  3.911   1.00 48.74 ? 25  MET A CG  1 
ATOM   81   S SD  . MET A 1 11  ? 15.125  16.338  5.192   1.00 53.11 ? 25  MET A SD  1 
ATOM   82   C CE  . MET A 1 11  ? 13.963  16.527  6.569   1.00 49.55 ? 25  MET A CE  1 
ATOM   83   N N   . TYR A 1 12  ? 10.941  12.265  3.824   1.00 36.82 ? 26  TYR A N   1 
ATOM   84   C CA  . TYR A 1 12  ? 10.067  11.663  2.822   1.00 36.56 ? 26  TYR A CA  1 
ATOM   85   C C   . TYR A 1 12  ? 8.711   11.248  3.381   1.00 36.02 ? 26  TYR A C   1 
ATOM   86   O O   . TYR A 1 12  ? 7.673   11.514  2.770   1.00 36.37 ? 26  TYR A O   1 
ATOM   87   C CB  . TYR A 1 12  ? 10.759  10.460  2.175   1.00 35.40 ? 26  TYR A CB  1 
ATOM   88   C CG  . TYR A 1 12  ? 11.971  10.839  1.355   1.00 36.46 ? 26  TYR A CG  1 
ATOM   89   C CD1 . TYR A 1 12  ? 13.221  10.960  1.946   1.00 37.82 ? 26  TYR A CD1 1 
ATOM   90   C CD2 . TYR A 1 12  ? 11.863  11.092  -0.011  1.00 38.54 ? 26  TYR A CD2 1 
ATOM   91   C CE1 . TYR A 1 12  ? 14.334  11.323  1.205   1.00 39.01 ? 26  TYR A CE1 1 
ATOM   92   C CE2 . TYR A 1 12  ? 12.967  11.459  -0.765  1.00 38.49 ? 26  TYR A CE2 1 
ATOM   93   C CZ  . TYR A 1 12  ? 14.201  11.575  -0.149  1.00 40.89 ? 26  TYR A CZ  1 
ATOM   94   O OH  . TYR A 1 12  ? 15.302  11.964  -0.878  1.00 42.73 ? 26  TYR A OH  1 
ATOM   95   N N   . ILE A 1 13  ? 8.715   10.607  4.544   1.00 34.83 ? 27  ILE A N   1 
ATOM   96   C CA  . ILE A 1 13  ? 7.474   10.126  5.135   1.00 34.48 ? 27  ILE A CA  1 
ATOM   97   C C   . ILE A 1 13  ? 6.942   11.084  6.212   1.00 35.11 ? 27  ILE A C   1 
ATOM   98   O O   . ILE A 1 13  ? 5.768   11.023  6.587   1.00 34.68 ? 27  ILE A O   1 
ATOM   99   C CB  . ILE A 1 13  ? 7.669   8.714   5.751   1.00 33.00 ? 27  ILE A CB  1 
ATOM   100  C CG1 . ILE A 1 13  ? 6.312   8.040   5.965   1.00 31.49 ? 27  ILE A CG1 1 
ATOM   101  C CG2 . ILE A 1 13  ? 8.404   8.818   7.076   1.00 32.32 ? 27  ILE A CG2 1 
ATOM   102  C CD1 . ILE A 1 13  ? 5.565   7.751   4.677   1.00 32.26 ? 27  ILE A CD1 1 
ATOM   103  N N   . GLY A 1 14  ? 7.799   11.977  6.701   1.00 35.88 ? 28  GLY A N   1 
ATOM   104  C CA  . GLY A 1 14  ? 7.412   12.825  7.820   1.00 37.25 ? 28  GLY A CA  1 
ATOM   105  C C   . GLY A 1 14  ? 8.109   12.393  9.100   1.00 38.04 ? 28  GLY A C   1 
ATOM   106  O O   . GLY A 1 14  ? 9.001   11.541  9.061   1.00 38.98 ? 28  GLY A O   1 
ATOM   107  N N   . ASP A 1 15  ? 7.715   12.964  10.234  1.00 37.43 ? 29  ASP A N   1 
ATOM   108  C CA  . ASP A 1 15  ? 8.489   12.787  11.458  1.00 37.83 ? 29  ASP A CA  1 
ATOM   109  C C   . ASP A 1 15  ? 8.433   11.340  11.930  1.00 37.09 ? 29  ASP A C   1 
ATOM   110  O O   . ASP A 1 15  ? 7.357   10.765  12.088  1.00 36.72 ? 29  ASP A O   1 
ATOM   111  C CB  . ASP A 1 15  ? 7.982   13.715  12.570  1.00 39.37 ? 29  ASP A CB  1 
ATOM   112  C CG  . ASP A 1 15  ? 8.939   13.773  13.761  1.00 40.96 ? 29  ASP A CG  1 
ATOM   113  O OD1 . ASP A 1 15  ? 8.795   12.952  14.689  1.00 40.54 ? 29  ASP A OD1 1 
ATOM   114  O OD2 . ASP A 1 15  ? 9.845   14.635  13.760  1.00 43.70 ? 29  ASP A OD2 1 
ATOM   115  N N   . THR A 1 16  ? 9.601   10.758  12.152  1.00 37.01 ? 30  THR A N   1 
ATOM   116  C CA  . THR A 1 16  ? 9.694   9.338   12.446  1.00 38.57 ? 30  THR A CA  1 
ATOM   117  C C   . THR A 1 16  ? 9.674   9.054   13.949  1.00 41.00 ? 30  THR A C   1 
ATOM   118  O O   . THR A 1 16  ? 9.827   7.904   14.373  1.00 39.73 ? 30  THR A O   1 
ATOM   119  C CB  . THR A 1 16  ? 10.977  8.752   11.849  1.00 38.62 ? 30  THR A CB  1 
ATOM   120  O OG1 . THR A 1 16  ? 12.110  9.419   12.414  1.00 38.33 ? 30  THR A OG1 1 
ATOM   121  C CG2 . THR A 1 16  ? 10.991  8.933   10.331  1.00 35.76 ? 30  THR A CG2 1 
ATOM   122  N N   . ASP A 1 17  ? 9.482   10.098  14.754  1.00 42.78 ? 31  ASP A N   1 
ATOM   123  C CA  . ASP A 1 17  ? 9.522   9.941   16.202  1.00 44.59 ? 31  ASP A CA  1 
ATOM   124  C C   . ASP A 1 17  ? 8.236   10.299  16.935  1.00 44.13 ? 31  ASP A C   1 
ATOM   125  O O   . ASP A 1 17  ? 8.003   9.814   18.035  1.00 45.56 ? 31  ASP A O   1 
ATOM   126  C CB  . ASP A 1 17  ? 10.671  10.752  16.794  1.00 47.16 ? 31  ASP A CB  1 
ATOM   127  C CG  . ASP A 1 17  ? 10.769  10.594  18.293  1.00 50.38 ? 31  ASP A CG  1 
ATOM   128  O OD1 . ASP A 1 17  ? 11.465  9.659   18.743  1.00 52.66 ? 31  ASP A OD1 1 
ATOM   129  O OD2 . ASP A 1 17  ? 10.147  11.398  19.025  1.00 52.51 ? 31  ASP A OD2 1 
ATOM   130  N N   . ASP A 1 18  ? 7.397   11.141  16.344  1.00 43.16 ? 32  ASP A N   1 
ATOM   131  C CA  . ASP A 1 18  ? 6.158   11.528  17.014  1.00 43.24 ? 32  ASP A CA  1 
ATOM   132  C C   . ASP A 1 18  ? 4.916   10.825  16.470  1.00 42.47 ? 32  ASP A C   1 
ATOM   133  O O   . ASP A 1 18  ? 3.796   11.119  16.890  1.00 42.72 ? 32  ASP A O   1 
ATOM   134  C CB  . ASP A 1 18  ? 5.964   13.047  16.945  1.00 44.45 ? 32  ASP A CB  1 
ATOM   135  C CG  . ASP A 1 18  ? 5.728   13.547  15.533  1.00 45.78 ? 32  ASP A CG  1 
ATOM   136  O OD1 . ASP A 1 18  ? 5.504   14.764  15.371  1.00 47.20 ? 32  ASP A OD1 1 
ATOM   137  O OD2 . ASP A 1 18  ? 5.766   12.733  14.586  1.00 47.16 ? 32  ASP A OD2 1 
ATOM   138  N N   . GLY A 1 19  ? 5.113   9.899   15.535  1.00 41.00 ? 33  GLY A N   1 
ATOM   139  C CA  . GLY A 1 19  ? 3.997   9.119   15.029  1.00 40.85 ? 33  GLY A CA  1 
ATOM   140  C C   . GLY A 1 19  ? 3.378   9.643   13.743  1.00 41.24 ? 33  GLY A C   1 
ATOM   141  O O   . GLY A 1 19  ? 2.539   8.970   13.134  1.00 41.18 ? 33  GLY A O   1 
ATOM   142  N N   . THR A 1 20  ? 3.775   10.840  13.319  1.00 39.72 ? 34  THR A N   1 
ATOM   143  C CA  . THR A 1 20  ? 3.232   11.416  12.090  1.00 38.46 ? 34  THR A CA  1 
ATOM   144  C C   . THR A 1 20  ? 3.605   10.546  10.893  1.00 35.82 ? 34  THR A C   1 
ATOM   145  O O   . THR A 1 20  ? 2.744   10.138  10.115  1.00 34.21 ? 34  THR A O   1 
ATOM   146  C CB  . THR A 1 20  ? 3.784   12.830  11.824  1.00 39.97 ? 34  THR A CB  1 
ATOM   147  O OG1 . THR A 1 20  ? 3.471   13.690  12.925  1.00 43.27 ? 34  THR A OG1 1 
ATOM   148  C CG2 . THR A 1 20  ? 3.167   13.397  10.549  1.00 41.89 ? 34  THR A CG2 1 
ATOM   149  N N   . GLY A 1 21  ? 4.897   10.273  10.749  1.00 34.10 ? 35  GLY A N   1 
ATOM   150  C CA  . GLY A 1 21  ? 5.350   9.431   9.659   1.00 34.68 ? 35  GLY A CA  1 
ATOM   151  C C   . GLY A 1 21  ? 4.721   8.049   9.690   1.00 35.19 ? 35  GLY A C   1 
ATOM   152  O O   . GLY A 1 21  ? 4.305   7.528   8.651   1.00 35.24 ? 35  GLY A O   1 
ATOM   153  N N   . LEU A 1 22  ? 4.640   7.459   10.882  1.00 33.80 ? 36  LEU A N   1 
ATOM   154  C CA  . LEU A 1 22  ? 4.158   6.089   11.031  1.00 34.87 ? 36  LEU A CA  1 
ATOM   155  C C   . LEU A 1 22  ? 2.763   5.941   10.442  1.00 33.71 ? 36  LEU A C   1 
ATOM   156  O O   . LEU A 1 22  ? 2.495   5.014   9.686   1.00 33.42 ? 36  LEU A O   1 
ATOM   157  C CB  . LEU A 1 22  ? 4.130   5.683   12.513  1.00 35.04 ? 36  LEU A CB  1 
ATOM   158  C CG  . LEU A 1 22  ? 3.908   4.193   12.797  1.00 34.99 ? 36  LEU A CG  1 
ATOM   159  C CD1 . LEU A 1 22  ? 5.135   3.416   12.343  1.00 33.94 ? 36  LEU A CD1 1 
ATOM   160  C CD2 . LEU A 1 22  ? 3.666   3.962   14.286  1.00 35.76 ? 36  LEU A CD2 1 
ATOM   161  N N   . HIS A 1 23  ? 1.877   6.868   10.788  1.00 33.70 ? 37  HIS A N   1 
ATOM   162  C CA  . HIS A 1 23  ? 0.509   6.831   10.293  1.00 34.68 ? 37  HIS A CA  1 
ATOM   163  C C   . HIS A 1 23  ? 0.402   7.250   8.834   1.00 34.33 ? 37  HIS A C   1 
ATOM   164  O O   . HIS A 1 23  ? -0.551  6.882   8.145   1.00 32.33 ? 37  HIS A O   1 
ATOM   165  C CB  . HIS A 1 23  ? -0.385  7.711   11.167  1.00 34.45 ? 37  HIS A CB  1 
ATOM   166  C CG  . HIS A 1 23  ? -0.518  7.201   12.564  1.00 35.15 ? 37  HIS A CG  1 
ATOM   167  N ND1 . HIS A 1 23  ? -1.622  6.499   12.996  1.00 36.31 ? 37  HIS A ND1 1 
ATOM   168  C CD2 . HIS A 1 23  ? 0.352   7.211   13.602  1.00 34.04 ? 37  HIS A CD2 1 
ATOM   169  C CE1 . HIS A 1 23  ? -1.424  6.093   14.237  1.00 35.88 ? 37  HIS A CE1 1 
ATOM   170  N NE2 . HIS A 1 23  ? -0.233  6.511   14.627  1.00 35.75 ? 37  HIS A NE2 1 
ATOM   171  N N   . HIS A 1 24  ? 1.385   8.008   8.362   1.00 34.59 ? 38  HIS A N   1 
ATOM   172  C CA  . HIS A 1 24  ? 1.403   8.410   6.965   1.00 37.34 ? 38  HIS A CA  1 
ATOM   173  C C   . HIS A 1 24  ? 1.727   7.216   6.066   1.00 35.85 ? 38  HIS A C   1 
ATOM   174  O O   . HIS A 1 24  ? 1.319   7.180   4.908   1.00 35.32 ? 38  HIS A O   1 
ATOM   175  C CB  . HIS A 1 24  ? 2.423   9.532   6.739   1.00 41.12 ? 38  HIS A CB  1 
ATOM   176  C CG  . HIS A 1 24  ? 2.395   10.096  5.352   1.00 48.15 ? 38  HIS A CG  1 
ATOM   177  N ND1 . HIS A 1 24  ? 1.225   10.480  4.728   1.00 50.10 ? 38  HIS A ND1 1 
ATOM   178  C CD2 . HIS A 1 24  ? 3.387   10.318  4.456   1.00 50.18 ? 38  HIS A CD2 1 
ATOM   179  C CE1 . HIS A 1 24  ? 1.498   10.910  3.509   1.00 50.74 ? 38  HIS A CE1 1 
ATOM   180  N NE2 . HIS A 1 24  ? 2.803   10.822  3.319   1.00 50.74 ? 38  HIS A NE2 1 
ATOM   181  N N   . MET A 1 25  ? 2.451   6.237   6.607   1.00 34.99 ? 39  MET A N   1 
ATOM   182  C CA  . MET A 1 25  ? 2.706   4.994   5.882   1.00 33.55 ? 39  MET A CA  1 
ATOM   183  C C   . MET A 1 25  ? 1.386   4.380   5.426   1.00 32.26 ? 39  MET A C   1 
ATOM   184  O O   . MET A 1 25  ? 1.255   3.953   4.281   1.00 31.94 ? 39  MET A O   1 
ATOM   185  C CB  . MET A 1 25  ? 3.457   3.999   6.774   1.00 33.09 ? 39  MET A CB  1 
ATOM   186  C CG  . MET A 1 25  ? 4.830   4.473   7.246   1.00 32.89 ? 39  MET A CG  1 
ATOM   187  S SD  . MET A 1 25  ? 6.190   4.117   6.100   1.00 31.78 ? 39  MET A SD  1 
ATOM   188  C CE  . MET A 1 25  ? 6.518   2.391   6.474   1.00 28.69 ? 39  MET A CE  1 
ATOM   189  N N   . VAL A 1 26  ? 0.404   4.355   6.323   1.00 31.26 ? 40  VAL A N   1 
ATOM   190  C CA  . VAL A 1 26  ? -0.914  3.814   6.005   1.00 33.23 ? 40  VAL A CA  1 
ATOM   191  C C   . VAL A 1 26  ? -1.626  4.598   4.891   1.00 34.50 ? 40  VAL A C   1 
ATOM   192  O O   . VAL A 1 26  ? -2.067  4.015   3.896   1.00 33.94 ? 40  VAL A O   1 
ATOM   193  C CB  . VAL A 1 26  ? -1.834  3.809   7.251   1.00 31.00 ? 40  VAL A CB  1 
ATOM   194  C CG1 . VAL A 1 26  ? -3.184  3.238   6.890   1.00 31.32 ? 40  VAL A CG1 1 
ATOM   195  C CG2 . VAL A 1 26  ? -1.200  3.005   8.373   1.00 31.11 ? 40  VAL A CG2 1 
ATOM   196  N N   . PHE A 1 27  ? -1.735  5.914   5.064   1.00 35.47 ? 41  PHE A N   1 
ATOM   197  C CA  . PHE A 1 27  ? -2.523  6.756   4.160   1.00 37.96 ? 41  PHE A CA  1 
ATOM   198  C C   . PHE A 1 27  ? -1.916  6.777   2.763   1.00 37.19 ? 41  PHE A C   1 
ATOM   199  O O   . PHE A 1 27  ? -2.615  6.958   1.768   1.00 37.76 ? 41  PHE A O   1 
ATOM   200  C CB  . PHE A 1 27  ? -2.591  8.196   4.679   1.00 38.28 ? 41  PHE A CB  1 
ATOM   201  C CG  . PHE A 1 27  ? -3.005  8.308   6.116   1.00 41.09 ? 41  PHE A CG  1 
ATOM   202  C CD1 . PHE A 1 27  ? -4.042  7.532   6.616   1.00 41.84 ? 41  PHE A CD1 1 
ATOM   203  C CD2 . PHE A 1 27  ? -2.371  9.203   6.962   1.00 42.18 ? 41  PHE A CD2 1 
ATOM   204  C CE1 . PHE A 1 27  ? -4.437  7.647   7.931   1.00 42.84 ? 41  PHE A CE1 1 
ATOM   205  C CE2 . PHE A 1 27  ? -2.762  9.324   8.282   1.00 44.12 ? 41  PHE A CE2 1 
ATOM   206  C CZ  . PHE A 1 27  ? -3.797  8.544   8.767   1.00 43.22 ? 41  PHE A CZ  1 
ATOM   207  N N   . GLU A 1 28  ? -0.604  6.603   2.699   1.00 37.61 ? 42  GLU A N   1 
ATOM   208  C CA  . GLU A 1 28  ? 0.090   6.585   1.423   1.00 38.97 ? 42  GLU A CA  1 
ATOM   209  C C   . GLU A 1 28  ? -0.399  5.390   0.590   1.00 37.77 ? 42  GLU A C   1 
ATOM   210  O O   . GLU A 1 28  ? -0.604  5.501   -0.622  1.00 37.76 ? 42  GLU A O   1 
ATOM   211  C CB  . GLU A 1 28  ? 1.601   6.505   1.675   1.00 40.29 ? 42  GLU A CB  1 
ATOM   212  C CG  . GLU A 1 28  ? 2.469   6.886   0.491   1.00 45.13 ? 42  GLU A CG  1 
ATOM   213  C CD  . GLU A 1 28  ? 2.284   8.332   0.049   1.00 47.22 ? 42  GLU A CD  1 
ATOM   214  O OE1 . GLU A 1 28  ? 2.439   8.592   -1.165  1.00 47.55 ? 42  GLU A OE1 1 
ATOM   215  O OE2 . GLU A 1 28  ? 1.992   9.203   0.901   1.00 46.24 ? 42  GLU A OE2 1 
ATOM   216  N N   . VAL A 1 29  ? -0.610  4.256   1.253   1.00 36.69 ? 43  VAL A N   1 
ATOM   217  C CA  . VAL A 1 29  ? -1.108  3.057   0.581   1.00 33.53 ? 43  VAL A CA  1 
ATOM   218  C C   . VAL A 1 29  ? -2.602  3.176   0.293   1.00 33.30 ? 43  VAL A C   1 
ATOM   219  O O   . VAL A 1 29  ? -3.076  2.752   -0.763  1.00 33.08 ? 43  VAL A O   1 
ATOM   220  C CB  . VAL A 1 29  ? -0.866  1.789   1.443   1.00 32.97 ? 43  VAL A CB  1 
ATOM   221  C CG1 . VAL A 1 29  ? -1.326  0.540   0.680   1.00 29.72 ? 43  VAL A CG1 1 
ATOM   222  C CG2 . VAL A 1 29  ? 0.615   1.685   1.817   1.00 27.98 ? 43  VAL A CG2 1 
ATOM   223  N N   . VAL A 1 30  ? -3.341  3.753   1.236   1.00 33.35 ? 44  VAL A N   1 
ATOM   224  C CA  . VAL A 1 30  ? -4.780  3.940   1.076   1.00 33.39 ? 44  VAL A CA  1 
ATOM   225  C C   . VAL A 1 30  ? -5.092  4.890   -0.079  1.00 33.60 ? 44  VAL A C   1 
ATOM   226  O O   . VAL A 1 30  ? -6.054  4.678   -0.819  1.00 32.46 ? 44  VAL A O   1 
ATOM   227  C CB  . VAL A 1 30  ? -5.425  4.499   2.369   1.00 34.17 ? 44  VAL A CB  1 
ATOM   228  C CG1 . VAL A 1 30  ? -6.911  4.770   2.129   1.00 32.28 ? 44  VAL A CG1 1 
ATOM   229  C CG2 . VAL A 1 30  ? -5.241  3.504   3.516   1.00 32.55 ? 44  VAL A CG2 1 
ATOM   230  N N   . ASP A 1 31  ? -4.269  5.924   -0.240  1.00 33.13 ? 45  ASP A N   1 
ATOM   231  C CA  . ASP A 1 31  ? -4.431  6.849   -1.356  1.00 34.26 ? 45  ASP A CA  1 
ATOM   232  C C   . ASP A 1 31  ? -4.387  6.095   -2.689  1.00 34.80 ? 45  ASP A C   1 
ATOM   233  O O   . ASP A 1 31  ? -5.184  6.358   -3.593  1.00 34.91 ? 45  ASP A O   1 
ATOM   234  C CB  . ASP A 1 31  ? -3.333  7.915   -1.329  1.00 34.38 ? 45  ASP A CB  1 
ATOM   235  C CG  . ASP A 1 31  ? -3.591  9.007   -0.295  1.00 35.38 ? 45  ASP A CG  1 
ATOM   236  O OD1 . ASP A 1 31  ? -4.716  9.073   0.254   1.00 31.75 ? 45  ASP A OD1 1 
ATOM   237  O OD2 . ASP A 1 31  ? -2.655  9.803   -0.039  1.00 36.47 ? 45  ASP A OD2 1 
ATOM   238  N N   . ASN A 1 32  ? -3.456  5.154   -2.807  1.00 33.76 ? 46  ASN A N   1 
ATOM   239  C CA  . ASN A 1 32  ? -3.354  4.340   -4.011  1.00 31.79 ? 46  ASN A CA  1 
ATOM   240  C C   . ASN A 1 32  ? -4.627  3.525   -4.264  1.00 32.40 ? 46  ASN A C   1 
ATOM   241  O O   . ASN A 1 32  ? -5.105  3.440   -5.402  1.00 28.81 ? 46  ASN A O   1 
ATOM   242  C CB  . ASN A 1 32  ? -2.139  3.415   -3.909  1.00 30.68 ? 46  ASN A CB  1 
ATOM   243  C CG  . ASN A 1 32  ? -0.852  4.090   -4.367  1.00 31.44 ? 46  ASN A CG  1 
ATOM   244  O OD1 . ASN A 1 32  ? -0.836  5.289   -4.635  1.00 29.59 ? 46  ASN A OD1 1 
ATOM   245  N ND2 . ASN A 1 32  ? 0.229   3.315   -4.466  1.00 29.59 ? 46  ASN A ND2 1 
ATOM   246  N N   . ALA A 1 33  ? -5.183  2.940   -3.205  1.00 32.40 ? 47  ALA A N   1 
ATOM   247  C CA  . ALA A 1 33  ? -6.390  2.133   -3.339  1.00 35.29 ? 47  ALA A CA  1 
ATOM   248  C C   . ALA A 1 33  ? -7.564  2.988   -3.807  1.00 36.82 ? 47  ALA A C   1 
ATOM   249  O O   . ALA A 1 33  ? -8.368  2.543   -4.618  1.00 37.29 ? 47  ALA A O   1 
ATOM   250  C CB  . ALA A 1 33  ? -6.733  1.452   -2.009  1.00 33.78 ? 47  ALA A CB  1 
ATOM   251  N N   . ILE A 1 34  ? -7.658  4.215   -3.294  1.00 38.99 ? 48  ILE A N   1 
ATOM   252  C CA  . ILE A 1 34  ? -8.701  5.141   -3.720  1.00 41.07 ? 48  ILE A CA  1 
ATOM   253  C C   . ILE A 1 34  ? -8.643  5.449   -5.215  1.00 42.44 ? 48  ILE A C   1 
ATOM   254  O O   . ILE A 1 34  ? -9.687  5.584   -5.853  1.00 43.41 ? 48  ILE A O   1 
ATOM   255  C CB  . ILE A 1 34  ? -8.649  6.483   -2.927  1.00 42.65 ? 48  ILE A CB  1 
ATOM   256  C CG1 . ILE A 1 34  ? -9.496  6.382   -1.654  1.00 42.20 ? 48  ILE A CG1 1 
ATOM   257  C CG2 . ILE A 1 34  ? -9.183  7.620   -3.780  1.00 41.14 ? 48  ILE A CG2 1 
ATOM   258  C CD1 . ILE A 1 34  ? -8.921  5.505   -0.586  1.00 42.80 ? 48  ILE A CD1 1 
ATOM   259  N N   . ASP A 1 35  ? -7.441  5.556   -5.780  1.00 43.00 ? 49  ASP A N   1 
ATOM   260  C CA  . ASP A 1 35  ? -7.319  5.735   -7.229  1.00 44.31 ? 49  ASP A CA  1 
ATOM   261  C C   . ASP A 1 35  ? -8.132  4.673   -7.974  1.00 44.37 ? 49  ASP A C   1 
ATOM   262  O O   . ASP A 1 35  ? -8.816  4.985   -8.955  1.00 45.10 ? 49  ASP A O   1 
ATOM   263  C CB  . ASP A 1 35  ? -5.855  5.656   -7.680  1.00 45.06 ? 49  ASP A CB  1 
ATOM   264  C CG  . ASP A 1 35  ? -5.068  6.909   -7.345  1.00 47.10 ? 49  ASP A CG  1 
ATOM   265  O OD1 . ASP A 1 35  ? -5.667  7.866   -6.805  1.00 49.38 ? 49  ASP A OD1 1 
ATOM   266  O OD2 . ASP A 1 35  ? -3.847  6.937   -7.622  1.00 47.40 ? 49  ASP A OD2 1 
ATOM   267  N N   . GLU A 1 36  ? -8.059  3.426   -7.506  1.00 42.55 ? 50  GLU A N   1 
ATOM   268  C CA  . GLU A 1 36  ? -8.823  2.329   -8.110  1.00 41.89 ? 50  GLU A CA  1 
ATOM   269  C C   . GLU A 1 36  ? -10.315 2.522   -7.900  1.00 41.85 ? 50  GLU A C   1 
ATOM   270  O O   . GLU A 1 36  ? -11.124 2.202   -8.773  1.00 42.08 ? 50  GLU A O   1 
ATOM   271  C CB  . GLU A 1 36  ? -8.416  0.982   -7.506  1.00 40.34 ? 50  GLU A CB  1 
ATOM   272  C CG  . GLU A 1 36  ? -7.382  0.212   -8.294  1.00 36.41 ? 50  GLU A CG  1 
ATOM   273  C CD  . GLU A 1 36  ? -7.768  -0.010  -9.747  1.00 35.10 ? 50  GLU A CD  1 
ATOM   274  O OE1 . GLU A 1 36  ? -7.327  0.794   -10.597 1.00 34.36 ? 50  GLU A OE1 1 
ATOM   275  O OE2 . GLU A 1 36  ? -8.499  -0.984  -10.045 1.00 31.99 ? 50  GLU A OE2 1 
ATOM   276  N N   . ALA A 1 37  ? -10.679 3.032   -6.729  1.00 41.76 ? 51  ALA A N   1 
ATOM   277  C CA  . ALA A 1 37  ? -12.066 3.365   -6.451  1.00 41.83 ? 51  ALA A CA  1 
ATOM   278  C C   . ALA A 1 37  ? -12.559 4.421   -7.437  1.00 42.26 ? 51  ALA A C   1 
ATOM   279  O O   . ALA A 1 37  ? -13.631 4.280   -8.022  1.00 41.98 ? 51  ALA A O   1 
ATOM   280  C CB  . ALA A 1 37  ? -12.198 3.876   -5.024  1.00 42.84 ? 51  ALA A CB  1 
ATOM   281  N N   . LEU A 1 38  ? -11.765 5.471   -7.629  1.00 42.53 ? 52  LEU A N   1 
ATOM   282  C CA  . LEU A 1 38  ? -12.139 6.561   -8.525  1.00 45.48 ? 52  LEU A CA  1 
ATOM   283  C C   . LEU A 1 38  ? -12.300 6.082   -9.967  1.00 45.99 ? 52  LEU A C   1 
ATOM   284  O O   . LEU A 1 38  ? -13.131 6.600   -10.716 1.00 45.82 ? 52  LEU A O   1 
ATOM   285  C CB  . LEU A 1 38  ? -11.090 7.681   -8.467  1.00 45.75 ? 52  LEU A CB  1 
ATOM   286  C CG  . LEU A 1 38  ? -11.039 8.476   -7.158  1.00 47.78 ? 52  LEU A CG  1 
ATOM   287  C CD1 . LEU A 1 38  ? -9.847  9.435   -7.164  1.00 47.83 ? 52  LEU A CD1 1 
ATOM   288  C CD2 . LEU A 1 38  ? -12.348 9.233   -6.984  1.00 47.33 ? 52  LEU A CD2 1 
ATOM   289  N N   . ALA A 1 39  ? -11.503 5.092   -10.355 1.00 46.08 ? 53  ALA A N   1 
ATOM   290  C CA  . ALA A 1 39  ? -11.601 4.525   -11.693 1.00 45.46 ? 53  ALA A CA  1 
ATOM   291  C C   . ALA A 1 39  ? -12.827 3.627   -11.796 1.00 45.67 ? 53  ALA A C   1 
ATOM   292  O O   . ALA A 1 39  ? -13.135 3.111   -12.867 1.00 46.66 ? 53  ALA A O   1 
ATOM   293  C CB  . ALA A 1 39  ? -10.346 3.738   -12.022 1.00 45.98 ? 53  ALA A CB  1 
ATOM   294  N N   . GLY A 1 40  ? -13.521 3.443   -10.676 1.00 46.04 ? 54  GLY A N   1 
ATOM   295  C CA  . GLY A 1 40  ? -14.767 2.693   -10.685 1.00 46.28 ? 54  GLY A CA  1 
ATOM   296  C C   . GLY A 1 40  ? -14.604 1.180   -10.689 1.00 46.51 ? 54  GLY A C   1 
ATOM   297  O O   . GLY A 1 40  ? -15.485 0.463   -11.167 1.00 46.92 ? 54  GLY A O   1 
ATOM   298  N N   . HIS A 1 41  ? -13.481 0.691   -10.166 1.00 45.99 ? 55  HIS A N   1 
ATOM   299  C CA  . HIS A 1 41  ? -13.222 -0.748  -10.109 1.00 46.34 ? 55  HIS A CA  1 
ATOM   300  C C   . HIS A 1 41  ? -13.153 -1.298  -8.685  1.00 45.87 ? 55  HIS A C   1 
ATOM   301  O O   . HIS A 1 41  ? -13.324 -2.498  -8.460  1.00 46.34 ? 55  HIS A O   1 
ATOM   302  C CB  . HIS A 1 41  ? -11.925 -1.075  -10.849 1.00 46.04 ? 55  HIS A CB  1 
ATOM   303  C CG  . HIS A 1 41  ? -12.025 -0.895  -12.330 1.00 47.15 ? 55  HIS A CG  1 
ATOM   304  N ND1 . HIS A 1 41  ? -11.354 0.101   -13.007 1.00 47.43 ? 55  HIS A ND1 1 
ATOM   305  C CD2 . HIS A 1 41  ? -12.744 -1.567  -13.261 1.00 46.90 ? 55  HIS A CD2 1 
ATOM   306  C CE1 . HIS A 1 41  ? -11.656 0.036   -14.292 1.00 48.32 ? 55  HIS A CE1 1 
ATOM   307  N NE2 . HIS A 1 41  ? -12.498 -0.967  -14.472 1.00 48.30 ? 55  HIS A NE2 1 
ATOM   308  N N   . CYS A 1 42  ? -12.903 -0.419  -7.724  1.00 44.21 ? 56  CYS A N   1 
ATOM   309  C CA  . CYS A 1 42  ? -12.813 -0.833  -6.333  1.00 44.34 ? 56  CYS A CA  1 
ATOM   310  C C   . CYS A 1 42  ? -14.052 -0.429  -5.527  1.00 44.53 ? 56  CYS A C   1 
ATOM   311  O O   . CYS A 1 42  ? -14.390 0.753   -5.433  1.00 44.86 ? 56  CYS A O   1 
ATOM   312  C CB  . CYS A 1 42  ? -11.559 -0.231  -5.701  1.00 43.41 ? 56  CYS A CB  1 
ATOM   313  S SG  . CYS A 1 42  ? -11.530 -0.360  -3.914  1.00 40.42 ? 56  CYS A SG  1 
ATOM   314  N N   . LYS A 1 43  ? -14.718 -1.418  -4.940  1.00 43.69 ? 57  LYS A N   1 
ATOM   315  C CA  . LYS A 1 43  ? -15.941 -1.176  -4.188  1.00 43.57 ? 57  LYS A CA  1 
ATOM   316  C C   . LYS A 1 43  ? -15.701 -1.161  -2.677  1.00 44.08 ? 57  LYS A C   1 
ATOM   317  O O   . LYS A 1 43  ? -16.518 -0.622  -1.921  1.00 45.57 ? 57  LYS A O   1 
ATOM   318  C CB  . LYS A 1 43  ? -16.988 -2.231  -4.544  1.00 43.69 ? 57  LYS A CB  1 
ATOM   319  N N   . GLU A 1 44  ? -14.588 -1.750  -2.235  1.00 41.69 ? 58  GLU A N   1 
ATOM   320  C CA  . GLU A 1 44  ? -14.260 -1.785  -0.811  1.00 40.78 ? 58  GLU A CA  1 
ATOM   321  C C   . GLU A 1 44  ? -12.757 -1.788  -0.486  1.00 38.89 ? 58  GLU A C   1 
ATOM   322  O O   . GLU A 1 44  ? -11.959 -2.491  -1.112  1.00 38.11 ? 58  GLU A O   1 
ATOM   323  C CB  . GLU A 1 44  ? -14.923 -3.001  -0.148  1.00 42.11 ? 58  GLU A CB  1 
ATOM   324  C CG  . GLU A 1 44  ? -14.671 -3.099  1.355   1.00 44.83 ? 58  GLU A CG  1 
ATOM   325  C CD  . GLU A 1 44  ? -15.752 -3.877  2.084   1.00 46.58 ? 58  GLU A CD  1 
ATOM   326  O OE1 . GLU A 1 44  ? -15.789 -5.118  1.948   1.00 47.03 ? 58  GLU A OE1 1 
ATOM   327  O OE2 . GLU A 1 44  ? -16.567 -3.249  2.793   1.00 48.40 ? 58  GLU A OE2 1 
ATOM   328  N N   . ILE A 1 45  ? -12.393 -0.990  0.512   1.00 36.39 ? 59  ILE A N   1 
ATOM   329  C CA  . ILE A 1 45  ? -11.046 -0.967  1.061   1.00 33.46 ? 59  ILE A CA  1 
ATOM   330  C C   . ILE A 1 45  ? -11.104 -1.332  2.545   1.00 34.67 ? 59  ILE A C   1 
ATOM   331  O O   . ILE A 1 45  ? -11.923 -0.793  3.304   1.00 33.12 ? 59  ILE A O   1 
ATOM   332  C CB  . ILE A 1 45  ? -10.419 0.434   0.907   1.00 33.29 ? 59  ILE A CB  1 
ATOM   333  C CG1 . ILE A 1 45  ? -10.286 0.769   -0.576  1.00 32.23 ? 59  ILE A CG1 1 
ATOM   334  C CG2 . ILE A 1 45  ? -9.065  0.495   1.596   1.00 32.13 ? 59  ILE A CG2 1 
ATOM   335  C CD1 . ILE A 1 45  ? -9.796  2.166   -0.843  1.00 33.05 ? 59  ILE A CD1 1 
ATOM   336  N N   . ILE A 1 46  ? -10.244 -2.262  2.950   1.00 33.46 ? 60  ILE A N   1 
ATOM   337  C CA  . ILE A 1 46  ? -10.185 -2.700  4.338   1.00 31.21 ? 60  ILE A CA  1 
ATOM   338  C C   . ILE A 1 46  ? -8.789  -2.488  4.923   1.00 31.08 ? 60  ILE A C   1 
ATOM   339  O O   . ILE A 1 46  ? -7.795  -3.027  4.419   1.00 30.60 ? 60  ILE A O   1 
ATOM   340  C CB  . ILE A 1 46  ? -10.561 -4.191  4.459   1.00 30.69 ? 60  ILE A CB  1 
ATOM   341  C CG1 . ILE A 1 46  ? -11.977 -4.406  3.915   1.00 30.16 ? 60  ILE A CG1 1 
ATOM   342  C CG2 . ILE A 1 46  ? -10.454 -4.646  5.919   1.00 29.98 ? 60  ILE A CG2 1 
ATOM   343  C CD1 . ILE A 1 46  ? -12.401 -5.855  3.841   1.00 28.03 ? 60  ILE A CD1 1 
ATOM   344  N N   . VAL A 1 47  ? -8.724  -1.695  5.987   1.00 30.18 ? 61  VAL A N   1 
ATOM   345  C CA  . VAL A 1 47  ? -7.477  -1.444  6.698   1.00 30.05 ? 61  VAL A CA  1 
ATOM   346  C C   . VAL A 1 47  ? -7.494  -2.149  8.044   1.00 31.42 ? 61  VAL A C   1 
ATOM   347  O O   . VAL A 1 47  ? -8.414  -1.955  8.838   1.00 32.28 ? 61  VAL A O   1 
ATOM   348  C CB  . VAL A 1 47  ? -7.268  0.050   6.951   1.00 27.05 ? 61  VAL A CB  1 
ATOM   349  C CG1 . VAL A 1 47  ? -6.021  0.258   7.766   1.00 25.86 ? 61  VAL A CG1 1 
ATOM   350  C CG2 . VAL A 1 47  ? -7.183  0.790   5.633   1.00 25.65 ? 61  VAL A CG2 1 
ATOM   351  N N   . THR A 1 48  ? -6.470  -2.960  8.293   1.00 31.99 ? 62  THR A N   1 
ATOM   352  C CA  . THR A 1 48  ? -6.403  -3.771  9.502   1.00 31.05 ? 62  THR A CA  1 
ATOM   353  C C   . THR A 1 48  ? -5.133  -3.462  10.282  1.00 31.34 ? 62  THR A C   1 
ATOM   354  O O   . THR A 1 48  ? -4.031  -3.496  9.728   1.00 30.84 ? 62  THR A O   1 
ATOM   355  C CB  . THR A 1 48  ? -6.408  -5.275  9.161   1.00 32.35 ? 62  THR A CB  1 
ATOM   356  O OG1 . THR A 1 48  ? -7.589  -5.592  8.414   1.00 32.83 ? 62  THR A OG1 1 
ATOM   357  C CG2 . THR A 1 48  ? -6.373  -6.114  10.426  1.00 28.48 ? 62  THR A CG2 1 
ATOM   358  N N   . ILE A 1 49  ? -5.288  -3.156  11.567  1.00 31.26 ? 63  ILE A N   1 
ATOM   359  C CA  . ILE A 1 49  ? -4.144  -3.073  12.462  1.00 31.83 ? 63  ILE A CA  1 
ATOM   360  C C   . ILE A 1 49  ? -3.915  -4.455  13.063  1.00 30.80 ? 63  ILE A C   1 
ATOM   361  O O   . ILE A 1 49  ? -4.795  -5.011  13.718  1.00 31.54 ? 63  ILE A O   1 
ATOM   362  C CB  . ILE A 1 49  ? -4.382  -2.073  13.606  1.00 32.20 ? 63  ILE A CB  1 
ATOM   363  C CG1 . ILE A 1 49  ? -4.747  -0.698  13.040  1.00 34.29 ? 63  ILE A CG1 1 
ATOM   364  C CG2 . ILE A 1 49  ? -3.125  -1.941  14.446  1.00 32.24 ? 63  ILE A CG2 1 
ATOM   365  C CD1 . ILE A 1 49  ? -5.082  0.320   14.117  1.00 32.39 ? 63  ILE A CD1 1 
ATOM   366  N N   . HIS A 1 50  ? -2.739  -5.016  12.824  1.00 29.56 ? 64  HIS A N   1 
ATOM   367  C CA  . HIS A 1 50  ? -2.433  -6.351  13.321  1.00 30.00 ? 64  HIS A CA  1 
ATOM   368  C C   . HIS A 1 50  ? -1.784  -6.289  14.695  1.00 30.81 ? 64  HIS A C   1 
ATOM   369  O O   . HIS A 1 50  ? -1.232  -5.255  15.089  1.00 31.22 ? 64  HIS A O   1 
ATOM   370  C CB  . HIS A 1 50  ? -1.523  -7.075  12.328  1.00 29.68 ? 64  HIS A CB  1 
ATOM   371  C CG  . HIS A 1 50  ? -2.178  -7.346  11.011  1.00 30.11 ? 64  HIS A CG  1 
ATOM   372  N ND1 . HIS A 1 50  ? -2.840  -8.524  10.739  1.00 28.57 ? 64  HIS A ND1 1 
ATOM   373  C CD2 . HIS A 1 50  ? -2.307  -6.577  9.903   1.00 29.87 ? 64  HIS A CD2 1 
ATOM   374  C CE1 . HIS A 1 50  ? -3.350  -8.468  9.521   1.00 28.97 ? 64  HIS A CE1 1 
ATOM   375  N NE2 . HIS A 1 50  ? -3.042  -7.298  8.993   1.00 30.13 ? 64  HIS A NE2 1 
ATOM   376  N N   . ALA A 1 51  ? -1.855  -7.395  15.426  1.00 32.06 ? 65  ALA A N   1 
ATOM   377  C CA  . ALA A 1 51  ? -1.383  -7.430  16.808  1.00 33.46 ? 65  ALA A CA  1 
ATOM   378  C C   . ALA A 1 51  ? 0.103   -7.102  16.931  1.00 33.11 ? 65  ALA A C   1 
ATOM   379  O O   . ALA A 1 51  ? 0.539   -6.537  17.935  1.00 34.50 ? 65  ALA A O   1 
ATOM   380  C CB  . ALA A 1 51  ? -1.666  -8.797  17.418  1.00 34.87 ? 65  ALA A CB  1 
ATOM   381  N N   . ASP A 1 52  ? 0.887   -7.448  15.915  1.00 31.49 ? 66  ASP A N   1 
ATOM   382  C CA  . ASP A 1 52  ? 2.314   -7.169  15.970  1.00 29.67 ? 66  ASP A CA  1 
ATOM   383  C C   . ASP A 1 52  ? 2.591   -5.755  15.466  1.00 31.26 ? 66  ASP A C   1 
ATOM   384  O O   . ASP A 1 52  ? 3.733   -5.400  15.175  1.00 30.42 ? 66  ASP A O   1 
ATOM   385  C CB  . ASP A 1 52  ? 3.095   -8.197  15.142  1.00 27.81 ? 66  ASP A CB  1 
ATOM   386  C CG  . ASP A 1 52  ? 2.712   -8.186  13.673  1.00 25.58 ? 66  ASP A CG  1 
ATOM   387  O OD1 . ASP A 1 52  ? 3.344   -8.926  12.904  1.00 25.67 ? 66  ASP A OD1 1 
ATOM   388  O OD2 . ASP A 1 52  ? 1.788   -7.444  13.281  1.00 22.19 ? 66  ASP A OD2 1 
ATOM   389  N N   . ASN A 1 53  ? 1.526   -4.961  15.369  1.00 31.83 ? 67  ASN A N   1 
ATOM   390  C CA  . ASN A 1 53  ? 1.590   -3.585  14.894  1.00 32.28 ? 67  ASN A CA  1 
ATOM   391  C C   . ASN A 1 53  ? 2.125   -3.402  13.478  1.00 32.30 ? 67  ASN A C   1 
ATOM   392  O O   . ASN A 1 53  ? 2.757   -2.394  13.161  1.00 32.36 ? 67  ASN A O   1 
ATOM   393  C CB  . ASN A 1 53  ? 2.382   -2.730  15.875  1.00 34.92 ? 67  ASN A CB  1 
ATOM   394  C CG  . ASN A 1 53  ? 1.520   -2.226  17.008  1.00 36.69 ? 67  ASN A CG  1 
ATOM   395  O OD1 . ASN A 1 53  ? 1.676   -2.650  18.151  1.00 38.75 ? 67  ASN A OD1 1 
ATOM   396  N ND2 . ASN A 1 53  ? 0.582   -1.325  16.690  1.00 36.95 ? 67  ASN A ND2 1 
ATOM   397  N N   . SER A 1 54  ? 1.862   -4.385  12.626  1.00 29.90 ? 68  SER A N   1 
ATOM   398  C CA  . SER A 1 54  ? 1.902   -4.161  11.193  1.00 27.09 ? 68  SER A CA  1 
ATOM   399  C C   . SER A 1 54  ? 0.502   -3.712  10.780  1.00 26.52 ? 68  SER A C   1 
ATOM   400  O O   . SER A 1 54  ? -0.457  -3.873  11.537  1.00 26.44 ? 68  SER A O   1 
ATOM   401  C CB  . SER A 1 54  ? 2.283   -5.453  10.469  1.00 24.61 ? 68  SER A CB  1 
ATOM   402  O OG  . SER A 1 54  ? 1.374   -6.492  10.782  1.00 21.83 ? 68  SER A OG  1 
ATOM   403  N N   . VAL A 1 55  ? 0.391   -3.135  9.590   1.00 25.08 ? 69  VAL A N   1 
ATOM   404  C CA  . VAL A 1 55  ? -0.902  -2.762  9.030   1.00 24.13 ? 69  VAL A CA  1 
ATOM   405  C C   . VAL A 1 55  ? -1.059  -3.398  7.652   1.00 24.35 ? 69  VAL A C   1 
ATOM   406  O O   . VAL A 1 55  ? -0.119  -3.409  6.857   1.00 23.76 ? 69  VAL A O   1 
ATOM   407  C CB  . VAL A 1 55  ? -1.034  -1.212  8.885   1.00 25.26 ? 69  VAL A CB  1 
ATOM   408  C CG1 . VAL A 1 55  ? -2.283  -0.857  8.074   1.00 25.07 ? 69  VAL A CG1 1 
ATOM   409  C CG2 . VAL A 1 55  ? -1.106  -0.561  10.265  1.00 22.65 ? 69  VAL A CG2 1 
ATOM   410  N N   . SER A 1 56  ? -2.243  -3.927  7.366   1.00 23.08 ? 70  SER A N   1 
ATOM   411  C CA  . SER A 1 56  ? -2.547  -4.345  6.004   1.00 25.03 ? 70  SER A CA  1 
ATOM   412  C C   . SER A 1 56  ? -3.600  -3.431  5.382   1.00 25.62 ? 70  SER A C   1 
ATOM   413  O O   . SER A 1 56  ? -4.523  -2.966  6.062   1.00 24.84 ? 70  SER A O   1 
ATOM   414  C CB  . SER A 1 56  ? -3.024  -5.805  5.966   1.00 22.44 ? 70  SER A CB  1 
ATOM   415  O OG  . SER A 1 56  ? -4.184  -5.991  6.751   1.00 26.81 ? 70  SER A OG  1 
ATOM   416  N N   . VAL A 1 57  ? -3.430  -3.165  4.089   1.00 24.18 ? 71  VAL A N   1 
ATOM   417  C CA  . VAL A 1 57  ? -4.417  -2.459  3.291   1.00 24.43 ? 71  VAL A CA  1 
ATOM   418  C C   . VAL A 1 57  ? -4.783  -3.362  2.125   1.00 25.11 ? 71  VAL A C   1 
ATOM   419  O O   . VAL A 1 57  ? -3.909  -3.802  1.376   1.00 24.21 ? 71  VAL A O   1 
ATOM   420  C CB  . VAL A 1 57  ? -3.848  -1.136  2.729   1.00 26.16 ? 71  VAL A CB  1 
ATOM   421  C CG1 . VAL A 1 57  ? -4.922  -0.403  1.939   1.00 25.36 ? 71  VAL A CG1 1 
ATOM   422  C CG2 . VAL A 1 57  ? -3.327  -0.264  3.865   1.00 27.06 ? 71  VAL A CG2 1 
ATOM   423  N N   . GLN A 1 58  ? -6.074  -3.646  1.984   1.00 25.35 ? 72  GLN A N   1 
ATOM   424  C CA  . GLN A 1 58  ? -6.564  -4.460  0.888   1.00 26.86 ? 72  GLN A CA  1 
ATOM   425  C C   . GLN A 1 58  ? -7.748  -3.779  0.214   1.00 28.25 ? 72  GLN A C   1 
ATOM   426  O O   . GLN A 1 58  ? -8.506  -3.044  0.850   1.00 28.56 ? 72  GLN A O   1 
ATOM   427  C CB  . GLN A 1 58  ? -6.984  -5.843  1.396   1.00 26.51 ? 72  GLN A CB  1 
ATOM   428  C CG  . GLN A 1 58  ? -8.290  -5.856  2.161   1.00 29.18 ? 72  GLN A CG  1 
ATOM   429  C CD  . GLN A 1 58  ? -8.501  -7.148  2.928   1.00 31.16 ? 72  GLN A CD  1 
ATOM   430  O OE1 . GLN A 1 58  ? -9.089  -8.101  2.414   1.00 32.16 ? 72  GLN A OE1 1 
ATOM   431  N NE2 . GLN A 1 58  ? -8.020  -7.184  4.170   1.00 32.17 ? 72  GLN A NE2 1 
ATOM   432  N N   . ASP A 1 59  ? -7.895  -4.031  -1.078  1.00 27.39 ? 73  ASP A N   1 
ATOM   433  C CA  . ASP A 1 59  ? -9.006  -3.501  -1.845  1.00 28.46 ? 73  ASP A CA  1 
ATOM   434  C C   . ASP A 1 59  ? -9.431  -4.570  -2.848  1.00 29.95 ? 73  ASP A C   1 
ATOM   435  O O   . ASP A 1 59  ? -8.672  -5.496  -3.128  1.00 30.12 ? 73  ASP A O   1 
ATOM   436  C CB  . ASP A 1 59  ? -8.570  -2.227  -2.579  1.00 29.18 ? 73  ASP A CB  1 
ATOM   437  C CG  . ASP A 1 59  ? -7.497  -2.492  -3.629  1.00 31.34 ? 73  ASP A CG  1 
ATOM   438  O OD1 . ASP A 1 59  ? -6.294  -2.309  -3.327  1.00 30.79 ? 73  ASP A OD1 1 
ATOM   439  O OD2 . ASP A 1 59  ? -7.861  -2.886  -4.759  1.00 30.83 ? 73  ASP A OD2 1 
ATOM   440  N N   . ASP A 1 60  ? -10.640 -4.452  -3.387  1.00 30.76 ? 74  ASP A N   1 
ATOM   441  C CA  . ASP A 1 60  ? -11.072 -5.389  -4.412  1.00 30.50 ? 74  ASP A CA  1 
ATOM   442  C C   . ASP A 1 60  ? -11.097 -4.736  -5.785  1.00 29.68 ? 74  ASP A C   1 
ATOM   443  O O   . ASP A 1 60  ? -12.020 -4.948  -6.565  1.00 29.04 ? 74  ASP A O   1 
ATOM   444  C CB  . ASP A 1 60  ? -12.447 -5.972  -4.070  1.00 33.61 ? 74  ASP A CB  1 
ATOM   445  C CG  . ASP A 1 60  ? -13.515 -4.908  -3.890  1.00 36.27 ? 74  ASP A CG  1 
ATOM   446  O OD1 . ASP A 1 60  ? -14.665 -5.287  -3.582  1.00 37.78 ? 74  ASP A OD1 1 
ATOM   447  O OD2 . ASP A 1 60  ? -13.212 -3.705  -4.056  1.00 34.97 ? 74  ASP A OD2 1 
ATOM   448  N N   . GLY A 1 61  ? -10.068 -3.937  -6.063  1.00 29.30 ? 75  GLY A N   1 
ATOM   449  C CA  . GLY A 1 61  ? -9.885  -3.365  -7.385  1.00 27.77 ? 75  GLY A CA  1 
ATOM   450  C C   . GLY A 1 61  ? -9.371  -4.387  -8.383  1.00 28.17 ? 75  GLY A C   1 
ATOM   451  O O   . GLY A 1 61  ? -9.537  -5.593  -8.191  1.00 27.74 ? 75  GLY A O   1 
ATOM   452  N N   . ARG A 1 62  ? -8.747  -3.906  -9.453  1.00 27.48 ? 76  ARG A N   1 
ATOM   453  C CA  . ARG A 1 62  ? -8.303  -4.776  -10.539 1.00 27.96 ? 76  ARG A CA  1 
ATOM   454  C C   . ARG A 1 62  ? -7.067  -5.602  -10.191 1.00 26.83 ? 76  ARG A C   1 
ATOM   455  O O   . ARG A 1 62  ? -6.771  -6.595  -10.853 1.00 27.06 ? 76  ARG A O   1 
ATOM   456  C CB  . ARG A 1 62  ? -8.020  -3.945  -11.793 1.00 26.62 ? 76  ARG A CB  1 
ATOM   457  C CG  . ARG A 1 62  ? -9.258  -3.645  -12.630 1.00 28.15 ? 76  ARG A CG  1 
ATOM   458  C CD  . ARG A 1 62  ? -8.965  -2.592  -13.707 1.00 25.90 ? 76  ARG A CD  1 
ATOM   459  N NE  . ARG A 1 62  ? -8.503  -1.342  -13.115 1.00 25.40 ? 76  ARG A NE  1 
ATOM   460  C CZ  . ARG A 1 62  ? -8.166  -0.264  -13.815 1.00 28.02 ? 76  ARG A CZ  1 
ATOM   461  N NH1 . ARG A 1 62  ? -8.241  -0.277  -15.141 1.00 29.63 ? 76  ARG A NH1 1 
ATOM   462  N NH2 . ARG A 1 62  ? -7.750  0.827   -13.190 1.00 27.26 ? 76  ARG A NH2 1 
ATOM   463  N N   . GLY A 1 63  ? -6.357  -5.189  -9.149  1.00 26.57 ? 77  GLY A N   1 
ATOM   464  C CA  . GLY A 1 63  ? -5.047  -5.748  -8.874  1.00 25.72 ? 77  GLY A CA  1 
ATOM   465  C C   . GLY A 1 63  ? -3.977  -4.971  -9.616  1.00 25.16 ? 77  GLY A C   1 
ATOM   466  O O   . GLY A 1 63  ? -4.118  -4.709  -10.804 1.00 24.96 ? 77  GLY A O   1 
ATOM   467  N N   . ILE A 1 64  ? -2.905  -4.599  -8.926  1.00 25.60 ? 78  ILE A N   1 
ATOM   468  C CA  . ILE A 1 64  ? -1.798  -3.919  -9.585  1.00 25.36 ? 78  ILE A CA  1 
ATOM   469  C C   . ILE A 1 64  ? -1.252  -4.801  -10.708 1.00 25.10 ? 78  ILE A C   1 
ATOM   470  O O   . ILE A 1 64  ? -1.006  -5.986  -10.504 1.00 25.65 ? 78  ILE A O   1 
ATOM   471  C CB  . ILE A 1 64  ? -0.666  -3.608  -8.587  1.00 25.69 ? 78  ILE A CB  1 
ATOM   472  C CG1 . ILE A 1 64  ? -1.197  -2.704  -7.472  1.00 24.74 ? 78  ILE A CG1 1 
ATOM   473  C CG2 . ILE A 1 64  ? 0.506   -2.939  -9.318  1.00 24.58 ? 78  ILE A CG2 1 
ATOM   474  C CD1 . ILE A 1 64  ? -0.206  -2.436  -6.357  1.00 25.47 ? 78  ILE A CD1 1 
ATOM   475  N N   . PRO A 1 65  ? -1.077  -4.234  -11.917 1.00 23.74 ? 79  PRO A N   1 
ATOM   476  C CA  . PRO A 1 65  ? -0.535  -5.003  -13.048 1.00 24.33 ? 79  PRO A CA  1 
ATOM   477  C C   . PRO A 1 65  ? 0.859   -5.583  -12.781 1.00 23.22 ? 79  PRO A C   1 
ATOM   478  O O   . PRO A 1 65  ? 1.751   -4.881  -12.301 1.00 22.81 ? 79  PRO A O   1 
ATOM   479  C CB  . PRO A 1 65  ? -0.532  -3.999  -14.209 1.00 20.75 ? 79  PRO A CB  1 
ATOM   480  C CG  . PRO A 1 65  ? -1.623  -3.024  -13.841 1.00 24.77 ? 79  PRO A CG  1 
ATOM   481  C CD  . PRO A 1 65  ? -1.544  -2.900  -12.333 1.00 21.97 ? 79  PRO A CD  1 
ATOM   482  N N   . THR A 1 66  ? 1.022   -6.860  -13.126 1.00 22.86 ? 80  THR A N   1 
ATOM   483  C CA  . THR A 1 66  ? 2.186   -7.669  -12.759 1.00 22.44 ? 80  THR A CA  1 
ATOM   484  C C   . THR A 1 66  ? 3.021   -8.077  -13.980 1.00 21.92 ? 80  THR A C   1 
ATOM   485  O O   . THR A 1 66  ? 4.143   -8.565  -13.836 1.00 24.51 ? 80  THR A O   1 
ATOM   486  C CB  . THR A 1 66  ? 1.749   -8.973  -12.047 1.00 22.91 ? 80  THR A CB  1 
ATOM   487  O OG1 . THR A 1 66  ? 0.906   -9.730  -12.926 1.00 25.53 ? 80  THR A OG1 1 
ATOM   488  C CG2 . THR A 1 66  ? 0.976   -8.664  -10.768 1.00 22.44 ? 80  THR A CG2 1 
ATOM   489  N N   . GLY A 1 67  ? 2.471   -7.898  -15.176 1.00 21.71 ? 81  GLY A N   1 
ATOM   490  C CA  . GLY A 1 67  ? 3.214   -8.229  -16.382 1.00 20.83 ? 81  GLY A CA  1 
ATOM   491  C C   . GLY A 1 67  ? 4.171   -7.127  -16.804 1.00 23.14 ? 81  GLY A C   1 
ATOM   492  O O   . GLY A 1 67  ? 3.851   -5.940  -16.687 1.00 22.25 ? 81  GLY A O   1 
ATOM   493  N N   . ILE A 1 68  ? 5.346   -7.499  -17.303 1.00 22.59 ? 82  ILE A N   1 
ATOM   494  C CA  . ILE A 1 68  ? 6.351   -6.495  -17.651 1.00 23.43 ? 82  ILE A CA  1 
ATOM   495  C C   . ILE A 1 68  ? 5.970   -5.676  -18.878 1.00 23.55 ? 82  ILE A C   1 
ATOM   496  O O   . ILE A 1 68  ? 5.359   -6.175  -19.826 1.00 23.54 ? 82  ILE A O   1 
ATOM   497  C CB  . ILE A 1 68  ? 7.757   -7.125  -17.890 1.00 20.85 ? 82  ILE A CB  1 
ATOM   498  C CG1 . ILE A 1 68  ? 7.676   -8.222  -18.957 1.00 22.37 ? 82  ILE A CG1 1 
ATOM   499  C CG2 . ILE A 1 68  ? 8.307   -7.695  -16.572 1.00 19.96 ? 82  ILE A CG2 1 
ATOM   500  C CD1 . ILE A 1 68  ? 9.023   -8.893  -19.242 1.00 21.50 ? 82  ILE A CD1 1 
ATOM   501  N N   . HIS A 1 69  ? 6.325   -4.400  -18.825 1.00 25.62 ? 83  HIS A N   1 
ATOM   502  C CA  . HIS A 1 69  ? 6.247   -3.505  -19.967 1.00 26.26 ? 83  HIS A CA  1 
ATOM   503  C C   . HIS A 1 69  ? 6.921   -4.213  -21.140 1.00 26.15 ? 83  HIS A C   1 
ATOM   504  O O   . HIS A 1 69  ? 8.065   -4.629  -21.033 1.00 26.03 ? 83  HIS A O   1 
ATOM   505  C CB  . HIS A 1 69  ? 6.996   -2.214  -19.622 1.00 26.97 ? 83  HIS A CB  1 
ATOM   506  C CG  . HIS A 1 69  ? 6.724   -1.080  -20.556 1.00 29.40 ? 83  HIS A CG  1 
ATOM   507  N ND1 . HIS A 1 69  ? 7.099   -1.101  -21.881 1.00 28.88 ? 83  HIS A ND1 1 
ATOM   508  C CD2 . HIS A 1 69  ? 6.126   0.118   -20.351 1.00 30.79 ? 83  HIS A CD2 1 
ATOM   509  C CE1 . HIS A 1 69  ? 6.744   0.036   -22.454 1.00 32.57 ? 83  HIS A CE1 1 
ATOM   510  N NE2 . HIS A 1 69  ? 6.152   0.794   -21.547 1.00 33.75 ? 83  HIS A NE2 1 
ATOM   511  N N   . PRO A 1 70  ? 6.218   -4.370  -22.272 1.00 28.03 ? 84  PRO A N   1 
ATOM   512  C CA  . PRO A 1 70  ? 6.854   -5.089  -23.384 1.00 30.34 ? 84  PRO A CA  1 
ATOM   513  C C   . PRO A 1 70  ? 8.102   -4.425  -23.966 1.00 30.68 ? 84  PRO A C   1 
ATOM   514  O O   . PRO A 1 70  ? 8.839   -5.061  -24.705 1.00 31.14 ? 84  PRO A O   1 
ATOM   515  C CB  . PRO A 1 70  ? 5.733   -5.246  -24.420 1.00 30.22 ? 84  PRO A CB  1 
ATOM   516  C CG  . PRO A 1 70  ? 4.675   -4.282  -24.013 1.00 31.16 ? 84  PRO A CG  1 
ATOM   517  C CD  . PRO A 1 70  ? 4.802   -4.062  -22.538 1.00 27.77 ? 84  PRO A CD  1 
ATOM   518  N N   . GLU A 1 71  ? 8.343   -3.163  -23.632 1.00 30.65 ? 85  GLU A N   1 
ATOM   519  C CA  . GLU A 1 71  ? 9.582   -2.503  -24.042 1.00 35.07 ? 85  GLU A CA  1 
ATOM   520  C C   . GLU A 1 71  ? 10.582  -2.310  -22.914 1.00 34.92 ? 85  GLU A C   1 
ATOM   521  O O   . GLU A 1 71  ? 11.781  -2.515  -23.102 1.00 35.04 ? 85  GLU A O   1 
ATOM   522  C CB  . GLU A 1 71  ? 9.296   -1.139  -24.670 1.00 38.82 ? 85  GLU A CB  1 
ATOM   523  C CG  . GLU A 1 71  ? 9.035   -1.194  -26.152 1.00 43.93 ? 85  GLU A CG  1 
ATOM   524  C CD  . GLU A 1 71  ? 7.608   -1.547  -26.462 1.00 49.99 ? 85  GLU A CD  1 
ATOM   525  O OE1 . GLU A 1 71  ? 6.713   -0.792  -26.028 1.00 52.18 ? 85  GLU A OE1 1 
ATOM   526  O OE2 . GLU A 1 71  ? 7.381   -2.571  -27.139 1.00 54.82 ? 85  GLU A OE2 1 
ATOM   527  N N   . GLU A 1 72  ? 10.087  -1.907  -21.749 1.00 34.30 ? 86  GLU A N   1 
ATOM   528  C CA  . GLU A 1 72  ? 10.956  -1.574  -20.630 1.00 34.54 ? 86  GLU A CA  1 
ATOM   529  C C   . GLU A 1 72  ? 11.288  -2.801  -19.787 1.00 33.18 ? 86  GLU A C   1 
ATOM   530  O O   . GLU A 1 72  ? 12.297  -2.821  -19.080 1.00 32.31 ? 86  GLU A O   1 
ATOM   531  C CB  . GLU A 1 72  ? 10.299  -0.495  -19.762 1.00 37.30 ? 86  GLU A CB  1 
ATOM   532  C CG  . GLU A 1 72  ? 10.017  0.807   -20.514 1.00 44.21 ? 86  GLU A CG  1 
ATOM   533  C CD  . GLU A 1 72  ? 9.412   1.885   -19.628 1.00 49.04 ? 86  GLU A CD  1 
ATOM   534  O OE1 . GLU A 1 72  ? 9.265   1.648   -18.409 1.00 52.36 ? 86  GLU A OE1 1 
ATOM   535  O OE2 . GLU A 1 72  ? 9.080   2.972   -20.149 1.00 52.72 ? 86  GLU A OE2 1 
ATOM   536  N N   . GLY A 1 73  ? 10.438  -3.822  -19.863 1.00 30.54 ? 87  GLY A N   1 
ATOM   537  C CA  . GLY A 1 73  ? 10.721  -5.067  -19.172 1.00 27.38 ? 87  GLY A CA  1 
ATOM   538  C C   . GLY A 1 73  ? 10.442  -5.061  -17.678 1.00 26.80 ? 87  GLY A C   1 
ATOM   539  O O   . GLY A 1 73  ? 10.900  -5.955  -16.964 1.00 22.72 ? 87  GLY A O   1 
ATOM   540  N N   . VAL A 1 74  ? 9.700   -4.062  -17.197 1.00 25.45 ? 88  VAL A N   1 
ATOM   541  C CA  . VAL A 1 74  ? 9.325   -4.000  -15.781 1.00 24.84 ? 88  VAL A CA  1 
ATOM   542  C C   . VAL A 1 74  ? 7.818   -3.782  -15.609 1.00 23.94 ? 88  VAL A C   1 
ATOM   543  O O   . VAL A 1 74  ? 7.203   -3.025  -16.362 1.00 23.11 ? 88  VAL A O   1 
ATOM   544  C CB  . VAL A 1 74  ? 10.088  -2.864  -15.037 1.00 26.93 ? 88  VAL A CB  1 
ATOM   545  C CG1 . VAL A 1 74  ? 11.576  -3.129  -15.070 1.00 26.08 ? 88  VAL A CG1 1 
ATOM   546  C CG2 . VAL A 1 74  ? 9.781   -1.506  -15.687 1.00 27.57 ? 88  VAL A CG2 1 
ATOM   547  N N   . SER A 1 75  ? 7.235   -4.448  -14.612 1.00 22.17 ? 89  SER A N   1 
ATOM   548  C CA  . SER A 1 75  ? 5.800   -4.358  -14.340 1.00 22.57 ? 89  SER A CA  1 
ATOM   549  C C   . SER A 1 75  ? 5.473   -3.097  -13.544 1.00 22.53 ? 89  SER A C   1 
ATOM   550  O O   . SER A 1 75  ? 6.356   -2.491  -12.929 1.00 22.42 ? 89  SER A O   1 
ATOM   551  C CB  . SER A 1 75  ? 5.330   -5.579  -13.539 1.00 22.29 ? 89  SER A CB  1 
ATOM   552  O OG  . SER A 1 75  ? 5.900   -5.575  -12.239 1.00 20.89 ? 89  SER A OG  1 
ATOM   553  N N   . ALA A 1 76  ? 4.197   -2.717  -13.548 1.00 21.79 ? 90  ALA A N   1 
ATOM   554  C CA  . ALA A 1 76  ? 3.730   -1.626  -12.699 1.00 22.67 ? 90  ALA A CA  1 
ATOM   555  C C   . ALA A 1 76  ? 3.977   -1.958  -11.226 1.00 23.44 ? 90  ALA A C   1 
ATOM   556  O O   . ALA A 1 76  ? 4.409   -1.100  -10.461 1.00 24.87 ? 90  ALA A O   1 
ATOM   557  C CB  . ALA A 1 76  ? 2.238   -1.360  -12.946 1.00 21.02 ? 90  ALA A CB  1 
ATOM   558  N N   . ALA A 1 77  ? 3.727   -3.208  -10.839 1.00 22.91 ? 91  ALA A N   1 
ATOM   559  C CA  . ALA A 1 77  ? 3.988   -3.664  -9.473  1.00 22.05 ? 91  ALA A CA  1 
ATOM   560  C C   . ALA A 1 77  ? 5.434   -3.384  -9.047  1.00 23.04 ? 91  ALA A C   1 
ATOM   561  O O   . ALA A 1 77  ? 5.688   -2.818  -7.972  1.00 22.71 ? 91  ALA A O   1 
ATOM   562  C CB  . ALA A 1 77  ? 3.695   -5.169  -9.363  1.00 21.10 ? 91  ALA A CB  1 
ATOM   563  N N   . GLU A 1 78  ? 6.383   -3.791  -9.885  1.00 22.52 ? 92  GLU A N   1 
ATOM   564  C CA  . GLU A 1 78  ? 7.788   -3.619  -9.563  1.00 25.13 ? 92  GLU A CA  1 
ATOM   565  C C   . GLU A 1 78  ? 8.128   -2.133  -9.475  1.00 24.92 ? 92  GLU A C   1 
ATOM   566  O O   . GLU A 1 78  ? 8.731   -1.682  -8.503  1.00 24.22 ? 92  GLU A O   1 
ATOM   567  C CB  . GLU A 1 78  ? 8.670   -4.275  -10.628 1.00 27.27 ? 92  GLU A CB  1 
ATOM   568  C CG  . GLU A 1 78  ? 10.159  -4.061  -10.388 1.00 31.66 ? 92  GLU A CG  1 
ATOM   569  C CD  . GLU A 1 78  ? 11.035  -4.832  -11.364 1.00 35.19 ? 92  GLU A CD  1 
ATOM   570  O OE1 . GLU A 1 78  ? 12.278  -4.712  -11.277 1.00 34.92 ? 92  GLU A OE1 1 
ATOM   571  O OE2 . GLU A 1 78  ? 10.480  -5.556  -12.219 1.00 36.90 ? 92  GLU A OE2 1 
ATOM   572  N N   . VAL A 1 79  ? 7.732   -1.384  -10.497 1.00 24.53 ? 93  VAL A N   1 
ATOM   573  C CA  . VAL A 1 79  ? 7.984   0.054   -10.557 1.00 25.00 ? 93  VAL A CA  1 
ATOM   574  C C   . VAL A 1 79  ? 7.499   0.798   -9.312  1.00 24.42 ? 93  VAL A C   1 
ATOM   575  O O   . VAL A 1 79  ? 8.270   1.506   -8.673  1.00 24.47 ? 93  VAL A O   1 
ATOM   576  C CB  . VAL A 1 79  ? 7.312   0.685   -11.799 1.00 25.26 ? 93  VAL A CB  1 
ATOM   577  C CG1 . VAL A 1 79  ? 7.356   2.205   -11.707 1.00 26.88 ? 93  VAL A CG1 1 
ATOM   578  C CG2 . VAL A 1 79  ? 8.023   0.223   -13.058 1.00 28.02 ? 93  VAL A CG2 1 
ATOM   579  N N   . ILE A 1 80  ? 6.230   0.645   -8.955  1.00 23.76 ? 94  ILE A N   1 
ATOM   580  C CA  . ILE A 1 80  ? 5.717   1.471   -7.871  1.00 27.77 ? 94  ILE A CA  1 
ATOM   581  C C   . ILE A 1 80  ? 6.230   1.028   -6.496  1.00 27.05 ? 94  ILE A C   1 
ATOM   582  O O   . ILE A 1 80  ? 6.133   1.783   -5.535  1.00 27.91 ? 94  ILE A O   1 
ATOM   583  C CB  . ILE A 1 80  ? 4.172   1.506   -7.842  1.00 28.50 ? 94  ILE A CB  1 
ATOM   584  C CG1 . ILE A 1 80  ? 3.623   0.232   -7.222  1.00 29.06 ? 94  ILE A CG1 1 
ATOM   585  C CG2 . ILE A 1 80  ? 3.634   1.657   -9.246  1.00 27.80 ? 94  ILE A CG2 1 
ATOM   586  C CD1 . ILE A 1 80  ? 2.156   0.344   -6.891  1.00 34.50 ? 94  ILE A CD1 1 
ATOM   587  N N   . MET A 1 81  ? 6.788   -0.181  -6.411  1.00 25.31 ? 95  MET A N   1 
ATOM   588  C CA  . MET A 1 81  ? 7.321   -0.690  -5.148  1.00 25.42 ? 95  MET A CA  1 
ATOM   589  C C   . MET A 1 81  ? 8.800   -0.352  -4.966  1.00 26.35 ? 95  MET A C   1 
ATOM   590  O O   . MET A 1 81  ? 9.286   -0.293  -3.839  1.00 26.51 ? 95  MET A O   1 
ATOM   591  C CB  . MET A 1 81  ? 7.157   -2.219  -5.045  1.00 25.40 ? 95  MET A CB  1 
ATOM   592  C CG  . MET A 1 81  ? 5.726   -2.728  -4.896  1.00 24.18 ? 95  MET A CG  1 
ATOM   593  S SD  . MET A 1 81  ? 4.703   -1.754  -3.762  1.00 26.67 ? 95  MET A SD  1 
ATOM   594  C CE  . MET A 1 81  ? 5.640   -1.886  -2.252  1.00 26.33 ? 95  MET A CE  1 
ATOM   595  N N   . THR A 1 82  ? 9.518   -0.146  -6.068  1.00 25.27 ? 96  THR A N   1 
ATOM   596  C CA  . THR A 1 82  ? 10.971  -0.007  -5.986  1.00 28.32 ? 96  THR A CA  1 
ATOM   597  C C   . THR A 1 82  ? 11.557  1.281   -6.566  1.00 28.49 ? 96  THR A C   1 
ATOM   598  O O   . THR A 1 82  ? 12.765  1.493   -6.488  1.00 27.83 ? 96  THR A O   1 
ATOM   599  C CB  . THR A 1 82  ? 11.692  -1.182  -6.681  1.00 28.14 ? 96  THR A CB  1 
ATOM   600  O OG1 . THR A 1 82  ? 11.373  -1.173  -8.077  1.00 27.50 ? 96  THR A OG1 1 
ATOM   601  C CG2 . THR A 1 82  ? 11.285  -2.507  -6.057  1.00 26.37 ? 96  THR A CG2 1 
ATOM   602  N N   . VAL A 1 83  ? 10.716  2.122   -7.164  1.00 29.84 ? 97  VAL A N   1 
ATOM   603  C CA  . VAL A 1 83  ? 11.184  3.375   -7.760  1.00 28.30 ? 97  VAL A CA  1 
ATOM   604  C C   . VAL A 1 83  ? 10.639  4.584   -7.009  1.00 27.83 ? 97  VAL A C   1 
ATOM   605  O O   . VAL A 1 83  ? 9.429   4.780   -6.931  1.00 27.93 ? 97  VAL A O   1 
ATOM   606  C CB  . VAL A 1 83  ? 10.752  3.500   -9.232  1.00 29.15 ? 97  VAL A CB  1 
ATOM   607  C CG1 . VAL A 1 83  ? 11.137  4.880   -9.771  1.00 30.94 ? 97  VAL A CG1 1 
ATOM   608  C CG2 . VAL A 1 83  ? 11.415  2.409   -10.069 1.00 29.09 ? 97  VAL A CG2 1 
ATOM   609  N N   . LEU A 1 84  ? 11.538  5.396   -6.467  1.00 27.87 ? 98  LEU A N   1 
ATOM   610  C CA  . LEU A 1 84  ? 11.154  6.587   -5.718  1.00 29.01 ? 98  LEU A CA  1 
ATOM   611  C C   . LEU A 1 84  ? 10.259  7.500   -6.569  1.00 29.21 ? 98  LEU A C   1 
ATOM   612  O O   . LEU A 1 84  ? 10.550  7.763   -7.739  1.00 27.52 ? 98  LEU A O   1 
ATOM   613  C CB  . LEU A 1 84  ? 12.417  7.338   -5.272  1.00 32.02 ? 98  LEU A CB  1 
ATOM   614  C CG  . LEU A 1 84  ? 12.312  8.546   -4.333  1.00 34.67 ? 98  LEU A CG  1 
ATOM   615  C CD1 . LEU A 1 84  ? 11.544  8.166   -3.064  1.00 33.67 ? 98  LEU A CD1 1 
ATOM   616  C CD2 . LEU A 1 84  ? 13.723  9.027   -3.984  1.00 33.18 ? 98  LEU A CD2 1 
ATOM   617  N N   . HIS A 1 85  ? 9.161   7.962   -5.977  1.00 29.23 ? 99  HIS A N   1 
ATOM   618  C CA  . HIS A 1 85  ? 8.226   8.861   -6.655  1.00 30.77 ? 99  HIS A CA  1 
ATOM   619  C C   . HIS A 1 85  ? 7.409   8.181   -7.753  1.00 30.73 ? 99  HIS A C   1 
ATOM   620  O O   . HIS A 1 85  ? 6.679   8.851   -8.489  1.00 29.94 ? 99  HIS A O   1 
ATOM   621  C CB  . HIS A 1 85  ? 8.967   10.063  -7.260  1.00 30.40 ? 99  HIS A CB  1 
ATOM   622  C CG  . HIS A 1 85  ? 9.734   10.867  -6.258  1.00 31.13 ? 99  HIS A CG  1 
ATOM   623  N ND1 . HIS A 1 85  ? 11.089  11.090  -6.366  1.00 30.47 ? 99  HIS A ND1 1 
ATOM   624  C CD2 . HIS A 1 85  ? 9.336   11.500  -5.128  1.00 32.90 ? 99  HIS A CD2 1 
ATOM   625  C CE1 . HIS A 1 85  ? 11.495  11.826  -5.346  1.00 31.94 ? 99  HIS A CE1 1 
ATOM   626  N NE2 . HIS A 1 85  ? 10.451  12.088  -4.579  1.00 35.23 ? 99  HIS A NE2 1 
ATOM   627  N N   . ALA A 1 86  ? 7.532   6.862   -7.874  1.00 29.65 ? 100 ALA A N   1 
ATOM   628  C CA  . ALA A 1 86  ? 6.729   6.127   -8.848  1.00 30.02 ? 100 ALA A CA  1 
ATOM   629  C C   . ALA A 1 86  ? 5.275   6.145   -8.403  1.00 30.23 ? 100 ALA A C   1 
ATOM   630  O O   . ALA A 1 86  ? 4.965   5.888   -7.238  1.00 29.44 ? 100 ALA A O   1 
ATOM   631  C CB  . ALA A 1 86  ? 7.221   4.688   -8.973  1.00 29.52 ? 100 ALA A CB  1 
ATOM   632  N N   . GLY A 1 87  ? 4.389   6.460   -9.338  1.00 31.83 ? 101 GLY A N   1 
ATOM   633  C CA  . GLY A 1 87  ? 2.972   6.534   -9.035  1.00 33.49 ? 101 GLY A CA  1 
ATOM   634  C C   . GLY A 1 87  ? 2.211   6.757   -10.324 1.00 35.33 ? 101 GLY A C   1 
ATOM   635  O O   . GLY A 1 87  ? 2.586   6.216   -11.363 1.00 36.35 ? 101 GLY A O   1 
ATOM   636  N N   . GLY A 1 88  ? 1.151   7.559   -10.271 1.00 35.96 ? 102 GLY A N   1 
ATOM   637  C CA  . GLY A 1 88  ? 0.419   7.869   -11.486 1.00 35.13 ? 102 GLY A CA  1 
ATOM   638  C C   . GLY A 1 88  ? -0.541  6.764   -11.885 1.00 34.63 ? 102 GLY A C   1 
ATOM   639  O O   . GLY A 1 88  ? -1.269  6.231   -11.045 1.00 35.24 ? 102 GLY A O   1 
ATOM   640  N N   . LYS A 1 89  ? -0.552  6.422   -13.172 1.00 32.98 ? 103 LYS A N   1 
ATOM   641  C CA  . LYS A 1 89  ? -1.485  5.433   -13.693 1.00 31.52 ? 103 LYS A CA  1 
ATOM   642  C C   . LYS A 1 89  ? -0.819  4.541   -14.735 1.00 30.98 ? 103 LYS A C   1 
ATOM   643  O O   . LYS A 1 89  ? -0.041  5.016   -15.564 1.00 30.89 ? 103 LYS A O   1 
ATOM   644  C CB  . LYS A 1 89  ? -2.703  6.128   -14.297 1.00 31.50 ? 103 LYS A CB  1 
ATOM   645  N N   . PHE A 1 90  ? -1.132  3.247   -14.676 1.00 30.18 ? 104 PHE A N   1 
ATOM   646  C CA  . PHE A 1 90  ? -0.664  2.262   -15.650 1.00 28.04 ? 104 PHE A CA  1 
ATOM   647  C C   . PHE A 1 90  ? -1.861  1.585   -16.298 1.00 28.71 ? 104 PHE A C   1 
ATOM   648  O O   . PHE A 1 90  ? -2.979  1.686   -15.795 1.00 28.64 ? 104 PHE A O   1 
ATOM   649  C CB  . PHE A 1 90  ? 0.186   1.196   -14.958 1.00 26.63 ? 104 PHE A CB  1 
ATOM   650  C CG  . PHE A 1 90  ? 1.448   1.733   -14.330 1.00 27.81 ? 104 PHE A CG  1 
ATOM   651  C CD1 . PHE A 1 90  ? 2.675   1.551   -14.948 1.00 26.03 ? 104 PHE A CD1 1 
ATOM   652  C CD2 . PHE A 1 90  ? 1.407   2.395   -13.107 1.00 27.30 ? 104 PHE A CD2 1 
ATOM   653  C CE1 . PHE A 1 90  ? 3.843   2.014   -14.359 1.00 27.32 ? 104 PHE A CE1 1 
ATOM   654  C CE2 . PHE A 1 90  ? 2.568   2.862   -12.515 1.00 25.92 ? 104 PHE A CE2 1 
ATOM   655  C CZ  . PHE A 1 90  ? 3.789   2.670   -13.143 1.00 26.44 ? 104 PHE A CZ  1 
ATOM   656  N N   . ASP A 1 91  ? -1.640  0.893   -17.412 1.00 28.32 ? 105 ASP A N   1 
ATOM   657  C CA  . ASP A 1 91  ? -2.684  0.035   -17.958 1.00 27.73 ? 105 ASP A CA  1 
ATOM   658  C C   . ASP A 1 91  ? -2.361  -1.435  -17.685 1.00 26.93 ? 105 ASP A C   1 
ATOM   659  O O   . ASP A 1 91  ? -1.374  -1.738  -17.020 1.00 25.38 ? 105 ASP A O   1 
ATOM   660  C CB  . ASP A 1 91  ? -2.886  0.306   -19.464 1.00 26.41 ? 105 ASP A CB  1 
ATOM   661  C CG  . ASP A 1 91  ? -1.686  -0.103  -20.328 1.00 30.37 ? 105 ASP A CG  1 
ATOM   662  O OD1 . ASP A 1 91  ? -1.709  0.255   -21.524 1.00 28.89 ? 105 ASP A OD1 1 
ATOM   663  O OD2 . ASP A 1 91  ? -0.741  -0.772  -19.841 1.00 25.43 ? 105 ASP A OD2 1 
ATOM   664  N N   . ASP A 1 92  ? -3.202  -2.339  -18.178 1.00 26.89 ? 106 ASP A N   1 
ATOM   665  C CA  . ASP A 1 92  ? -3.091  -3.757  -17.840 1.00 26.96 ? 106 ASP A CA  1 
ATOM   666  C C   . ASP A 1 92  ? -1.790  -4.391  -18.327 1.00 26.43 ? 106 ASP A C   1 
ATOM   667  O O   . ASP A 1 92  ? -1.429  -5.484  -17.900 1.00 25.94 ? 106 ASP A O   1 
ATOM   668  C CB  . ASP A 1 92  ? -4.277  -4.535  -18.425 1.00 27.34 ? 106 ASP A CB  1 
ATOM   669  C CG  . ASP A 1 92  ? -5.577  -4.214  -17.725 1.00 29.72 ? 106 ASP A CG  1 
ATOM   670  O OD1 . ASP A 1 92  ? -5.724  -4.571  -16.538 1.00 27.79 ? 106 ASP A OD1 1 
ATOM   671  O OD2 . ASP A 1 92  ? -6.451  -3.596  -18.360 1.00 34.55 ? 106 ASP A OD2 1 
ATOM   672  N N   . ASN A 1 93  ? -1.098  -3.704  -19.227 1.00 24.59 ? 107 ASN A N   1 
ATOM   673  C CA  . ASN A 1 93  ? 0.152   -4.205  -19.773 1.00 23.79 ? 107 ASN A CA  1 
ATOM   674  C C   . ASN A 1 93  ? 1.356   -3.445  -19.221 1.00 23.88 ? 107 ASN A C   1 
ATOM   675  O O   . ASN A 1 93  ? 2.467   -3.525  -19.764 1.00 20.25 ? 107 ASN A O   1 
ATOM   676  C CB  . ASN A 1 93  ? 0.117   -4.114  -21.299 1.00 25.44 ? 107 ASN A CB  1 
ATOM   677  C CG  . ASN A 1 93  ? -0.729  -5.210  -21.920 1.00 25.88 ? 107 ASN A CG  1 
ATOM   678  O OD1 . ASN A 1 93  ? -0.338  -6.377  -21.929 1.00 24.48 ? 107 ASN A OD1 1 
ATOM   679  N ND2 . ASN A 1 93  ? -1.899  -4.840  -22.430 1.00 26.32 ? 107 ASN A ND2 1 
ATOM   680  N N   . SER A 1 94  ? 1.105   -2.708  -18.140 1.00 21.74 ? 108 SER A N   1 
ATOM   681  C CA  . SER A 1 94  ? 2.117   -1.945  -17.422 1.00 24.86 ? 108 SER A CA  1 
ATOM   682  C C   . SER A 1 94  ? 2.733   -0.800  -18.208 1.00 26.10 ? 108 SER A C   1 
ATOM   683  O O   . SER A 1 94  ? 3.787   -0.291  -17.832 1.00 27.35 ? 108 SER A O   1 
ATOM   684  C CB  . SER A 1 94  ? 3.224   -2.867  -16.909 1.00 22.95 ? 108 SER A CB  1 
ATOM   685  O OG  . SER A 1 94  ? 2.743   -3.639  -15.823 1.00 24.95 ? 108 SER A OG  1 
ATOM   686  N N   . TYR A 1 95  ? 2.081   -0.389  -19.292 1.00 27.01 ? 109 TYR A N   1 
ATOM   687  C CA  . TYR A 1 95  ? 2.431   0.881   -19.918 1.00 28.88 ? 109 TYR A CA  1 
ATOM   688  C C   . TYR A 1 95  ? 2.001   1.969   -18.950 1.00 30.15 ? 109 TYR A C   1 
ATOM   689  O O   . TYR A 1 95  ? 0.943   1.873   -18.333 1.00 28.39 ? 109 TYR A O   1 
ATOM   690  C CB  . TYR A 1 95  ? 1.686   1.082   -21.241 1.00 29.31 ? 109 TYR A CB  1 
ATOM   691  C CG  . TYR A 1 95  ? 2.137   0.203   -22.384 1.00 31.40 ? 109 TYR A CG  1 
ATOM   692  C CD1 . TYR A 1 95  ? 1.355   -0.859  -22.818 1.00 31.58 ? 109 TYR A CD1 1 
ATOM   693  C CD2 . TYR A 1 95  ? 3.325   0.460   -23.059 1.00 32.35 ? 109 TYR A CD2 1 
ATOM   694  C CE1 . TYR A 1 95  ? 1.738   -1.641  -23.894 1.00 32.05 ? 109 TYR A CE1 1 
ATOM   695  C CE2 . TYR A 1 95  ? 3.716   -0.317  -24.139 1.00 33.61 ? 109 TYR A CE2 1 
ATOM   696  C CZ  . TYR A 1 95  ? 2.917   -1.364  -24.552 1.00 34.59 ? 109 TYR A CZ  1 
ATOM   697  O OH  . TYR A 1 95  ? 3.288   -2.121  -25.644 1.00 37.39 ? 109 TYR A OH  1 
ATOM   698  N N   . LYS A 1 96  ? 2.823   3.003   -18.822 1.00 32.64 ? 110 LYS A N   1 
ATOM   699  C CA  . LYS A 1 96  ? 2.459   4.169   -18.034 1.00 35.38 ? 110 LYS A CA  1 
ATOM   700  C C   . LYS A 1 96  ? 1.544   5.078   -18.860 1.00 35.93 ? 110 LYS A C   1 
ATOM   701  O O   . LYS A 1 96  ? 1.845   5.395   -20.010 1.00 36.53 ? 110 LYS A O   1 
ATOM   702  C CB  . LYS A 1 96  ? 3.724   4.927   -17.623 1.00 38.02 ? 110 LYS A CB  1 
ATOM   703  C CG  . LYS A 1 96  ? 3.539   5.846   -16.430 1.00 41.61 ? 110 LYS A CG  1 
ATOM   704  C CD  . LYS A 1 96  ? 4.657   5.655   -15.419 1.00 43.78 ? 110 LYS A CD  1 
ATOM   705  C CE  . LYS A 1 96  ? 4.554   6.677   -14.303 1.00 46.13 ? 110 LYS A CE  1 
ATOM   706  N NZ  . LYS A 1 96  ? 3.141   6.852   -13.862 1.00 48.24 ? 110 LYS A NZ  1 
ATOM   707  N N   . VAL A 1 97  ? 0.421   5.484   -18.279 1.00 35.88 ? 111 VAL A N   1 
ATOM   708  C CA  . VAL A 1 97  ? -0.460  6.437   -18.936 1.00 37.77 ? 111 VAL A CA  1 
ATOM   709  C C   . VAL A 1 97  ? -0.535  7.743   -18.144 1.00 39.41 ? 111 VAL A C   1 
ATOM   710  O O   . VAL A 1 97  ? -0.057  7.823   -17.010 1.00 39.08 ? 111 VAL A O   1 
ATOM   711  C CB  . VAL A 1 97  ? -1.882  5.859   -19.114 1.00 37.48 ? 111 VAL A CB  1 
ATOM   712  C CG1 . VAL A 1 97  ? -1.822  4.612   -19.979 1.00 37.14 ? 111 VAL A CG1 1 
ATOM   713  C CG2 . VAL A 1 97  ? -2.495  5.544   -17.760 1.00 36.95 ? 111 VAL A CG2 1 
ATOM   714  N N   . SER A 1 98  ? -1.126  8.769   -18.746 1.00 40.73 ? 112 SER A N   1 
ATOM   715  C CA  . SER A 1 98  ? -1.138  10.088  -18.125 1.00 43.32 ? 112 SER A CA  1 
ATOM   716  C C   . SER A 1 98  ? -1.823  10.060  -16.759 1.00 43.35 ? 112 SER A C   1 
ATOM   717  O O   . SER A 1 98  ? -2.860  9.421   -16.580 1.00 42.98 ? 112 SER A O   1 
ATOM   718  C CB  . SER A 1 98  ? -1.826  11.101  -19.050 1.00 44.23 ? 112 SER A CB  1 
ATOM   719  O OG  . SER A 1 98  ? -3.163  10.720  -19.326 1.00 49.28 ? 112 SER A OG  1 
ATOM   720  N N   . GLY A 1 99  ? -1.221  10.750  -15.796 1.00 44.09 ? 113 GLY A N   1 
ATOM   721  C CA  . GLY A 1 99  ? -1.734  10.756  -14.436 1.00 44.04 ? 113 GLY A CA  1 
ATOM   722  C C   . GLY A 1 99  ? -0.693  11.298  -13.473 1.00 44.34 ? 113 GLY A C   1 
ATOM   723  O O   . GLY A 1 99  ? 0.499   11.025  -13.629 1.00 43.92 ? 113 GLY A O   1 
ATOM   724  N N   . GLY A 1 100 ? -1.135  12.064  -12.478 1.00 46.21 ? 114 GLY A N   1 
ATOM   725  C CA  . GLY A 1 100 ? -0.203  12.717  -11.570 1.00 48.34 ? 114 GLY A CA  1 
ATOM   726  C C   . GLY A 1 100 ? 0.228   11.842  -10.406 1.00 48.88 ? 114 GLY A C   1 
ATOM   727  O O   . GLY A 1 100 ? -0.508  10.944  -9.998  1.00 49.31 ? 114 GLY A O   1 
ATOM   728  N N   . LEU A 1 101 ? 1.408   12.114  -9.858  1.00 49.57 ? 115 LEU A N   1 
ATOM   729  C CA  . LEU A 1 101 ? 2.026   11.209  -8.895  1.00 52.37 ? 115 LEU A CA  1 
ATOM   730  C C   . LEU A 1 101 ? 1.341   11.174  -7.524  1.00 54.28 ? 115 LEU A C   1 
ATOM   731  O O   . LEU A 1 101 ? 0.960   10.101  -7.052  1.00 57.21 ? 115 LEU A O   1 
ATOM   732  C CB  . LEU A 1 101 ? 3.511   11.555  -8.730  1.00 52.35 ? 115 LEU A CB  1 
ATOM   733  C CG  . LEU A 1 101 ? 4.302   11.689  -10.042 1.00 53.33 ? 115 LEU A CG  1 
ATOM   734  C CD1 . LEU A 1 101 ? 5.805   11.596  -9.759  1.00 51.81 ? 115 LEU A CD1 1 
ATOM   735  C CD2 . LEU A 1 101 ? 3.877   10.593  -11.016 1.00 52.42 ? 115 LEU A CD2 1 
ATOM   736  N N   . HIS A 1 102 ? 1.185   12.336  -6.891  1.00 53.60 ? 116 HIS A N   1 
ATOM   737  C CA  . HIS A 1 102 ? 0.505   12.462  -5.594  1.00 53.85 ? 116 HIS A CA  1 
ATOM   738  C C   . HIS A 1 102 ? 1.086   11.645  -4.436  1.00 53.64 ? 116 HIS A C   1 
ATOM   739  O O   . HIS A 1 102 ? 1.561   10.520  -4.610  1.00 53.32 ? 116 HIS A O   1 
ATOM   740  C CB  . HIS A 1 102 ? -1.008  12.187  -5.749  1.00 54.25 ? 116 HIS A CB  1 
ATOM   741  C CG  . HIS A 1 102 ? -1.452  10.818  -5.319  1.00 55.40 ? 116 HIS A CG  1 
ATOM   742  N ND1 . HIS A 1 102 ? -2.128  9.960   -6.162  1.00 56.46 ? 116 HIS A ND1 1 
ATOM   743  C CD2 . HIS A 1 102 ? -1.388  10.188  -4.121  1.00 55.87 ? 116 HIS A CD2 1 
ATOM   744  C CE1 . HIS A 1 102 ? -2.460  8.864   -5.505  1.00 54.15 ? 116 HIS A CE1 1 
ATOM   745  N NE2 . HIS A 1 102 ? -2.023  8.978   -4.263  1.00 55.50 ? 116 HIS A NE2 1 
ATOM   746  N N   . GLY A 1 103 ? 1.031   12.226  -3.240  1.00 52.75 ? 117 GLY A N   1 
ATOM   747  C CA  . GLY A 1 103 ? 1.744   11.657  -2.112  1.00 49.19 ? 117 GLY A CA  1 
ATOM   748  C C   . GLY A 1 103 ? 3.229   11.560  -2.409  1.00 46.70 ? 117 GLY A C   1 
ATOM   749  O O   . GLY A 1 103 ? 3.728   12.206  -3.329  1.00 45.53 ? 117 GLY A O   1 
ATOM   750  N N   . VAL A 1 104 ? 3.932   10.737  -1.636  1.00 45.47 ? 118 VAL A N   1 
ATOM   751  C CA  . VAL A 1 104 ? 5.370   10.538  -1.797  1.00 42.96 ? 118 VAL A CA  1 
ATOM   752  C C   . VAL A 1 104 ? 5.675   9.286   -2.628  1.00 41.52 ? 118 VAL A C   1 
ATOM   753  O O   . VAL A 1 104 ? 6.761   9.155   -3.204  1.00 41.27 ? 118 VAL A O   1 
ATOM   754  C CB  . VAL A 1 104 ? 6.038   10.374  -0.425  1.00 43.65 ? 118 VAL A CB  1 
ATOM   755  C CG1 . VAL A 1 104 ? 7.535   10.605  -0.538  1.00 43.17 ? 118 VAL A CG1 1 
ATOM   756  C CG2 . VAL A 1 104 ? 5.390   11.321  0.572   1.00 46.31 ? 118 VAL A CG2 1 
ATOM   757  N N   . GLY A 1 105 ? 4.715   8.363   -2.676  1.00 39.15 ? 119 GLY A N   1 
ATOM   758  C CA  . GLY A 1 105 ? 4.942   7.081   -3.327  1.00 36.32 ? 119 GLY A CA  1 
ATOM   759  C C   . GLY A 1 105 ? 5.107   5.928   -2.342  1.00 33.98 ? 119 GLY A C   1 
ATOM   760  O O   . GLY A 1 105 ? 5.756   6.072   -1.303  1.00 31.79 ? 119 GLY A O   1 
ATOM   761  N N   . VAL A 1 106 ? 4.524   4.776   -2.666  1.00 31.73 ? 120 VAL A N   1 
ATOM   762  C CA  . VAL A 1 106 ? 4.576   3.627   -1.768  1.00 28.79 ? 120 VAL A CA  1 
ATOM   763  C C   . VAL A 1 106 ? 5.935   2.939   -1.746  1.00 26.88 ? 120 VAL A C   1 
ATOM   764  O O   . VAL A 1 106 ? 6.201   2.132   -0.866  1.00 28.33 ? 120 VAL A O   1 
ATOM   765  C CB  . VAL A 1 106 ? 3.488   2.579   -2.117  1.00 28.82 ? 120 VAL A CB  1 
ATOM   766  C CG1 . VAL A 1 106 ? 2.114   3.188   -1.911  1.00 26.69 ? 120 VAL A CG1 1 
ATOM   767  C CG2 . VAL A 1 106 ? 3.665   2.086   -3.547  1.00 24.12 ? 120 VAL A CG2 1 
ATOM   768  N N   . SER A 1 107 ? 6.804   3.255   -2.698  1.00 25.04 ? 121 SER A N   1 
ATOM   769  C CA  . SER A 1 107 ? 8.157   2.722   -2.641  1.00 24.64 ? 121 SER A CA  1 
ATOM   770  C C   . SER A 1 107 ? 8.858   3.235   -1.379  1.00 24.23 ? 121 SER A C   1 
ATOM   771  O O   . SER A 1 107 ? 9.779   2.600   -0.869  1.00 21.42 ? 121 SER A O   1 
ATOM   772  C CB  . SER A 1 107 ? 8.953   3.118   -3.892  1.00 25.92 ? 121 SER A CB  1 
ATOM   773  O OG  . SER A 1 107 ? 8.973   4.523   -4.080  1.00 25.66 ? 121 SER A OG  1 
ATOM   774  N N   . VAL A 1 108 ? 8.414   4.387   -0.880  1.00 23.92 ? 122 VAL A N   1 
ATOM   775  C CA  . VAL A 1 108 ? 8.889   4.897   0.407   1.00 25.10 ? 122 VAL A CA  1 
ATOM   776  C C   . VAL A 1 108 ? 8.368   4.059   1.571   1.00 25.50 ? 122 VAL A C   1 
ATOM   777  O O   . VAL A 1 108 ? 9.125   3.726   2.486   1.00 26.53 ? 122 VAL A O   1 
ATOM   778  C CB  . VAL A 1 108 ? 8.461   6.377   0.635   1.00 24.77 ? 122 VAL A CB  1 
ATOM   779  C CG1 . VAL A 1 108 ? 8.671   6.766   2.096   1.00 24.23 ? 122 VAL A CG1 1 
ATOM   780  C CG2 . VAL A 1 108 ? 9.282   7.297   -0.265  1.00 23.37 ? 122 VAL A CG2 1 
ATOM   781  N N   . VAL A 1 109 ? 7.082   3.716   1.541   1.00 25.78 ? 123 VAL A N   1 
ATOM   782  C CA  . VAL A 1 109 ? 6.532   2.831   2.567   1.00 26.90 ? 123 VAL A CA  1 
ATOM   783  C C   . VAL A 1 109 ? 7.327   1.526   2.593   1.00 26.18 ? 123 VAL A C   1 
ATOM   784  O O   . VAL A 1 109 ? 7.641   1.001   3.657   1.00 26.39 ? 123 VAL A O   1 
ATOM   785  C CB  . VAL A 1 109 ? 5.050   2.499   2.300   1.00 27.64 ? 123 VAL A CB  1 
ATOM   786  C CG1 . VAL A 1 109 ? 4.522   1.565   3.393   1.00 28.23 ? 123 VAL A CG1 1 
ATOM   787  C CG2 . VAL A 1 109 ? 4.230   3.785   2.251   1.00 27.24 ? 123 VAL A CG2 1 
ATOM   788  N N   . ASN A 1 110 ? 7.664   1.026   1.408   1.00 25.96 ? 124 ASN A N   1 
ATOM   789  C CA  . ASN A 1 110 ? 8.417   -0.214  1.268   1.00 25.50 ? 124 ASN A CA  1 
ATOM   790  C C   . ASN A 1 110 ? 9.805   -0.052  1.883   1.00 26.38 ? 124 ASN A C   1 
ATOM   791  O O   . ASN A 1 110 ? 10.248  -0.885  2.676   1.00 26.65 ? 124 ASN A O   1 
ATOM   792  C CB  . ASN A 1 110 ? 8.543   -0.578  -0.221  1.00 24.67 ? 124 ASN A CB  1 
ATOM   793  C CG  . ASN A 1 110 ? 9.040   -2.000  -0.436  1.00 26.69 ? 124 ASN A CG  1 
ATOM   794  O OD1 . ASN A 1 110 ? 8.973   -2.833  0.470   1.00 23.05 ? 124 ASN A OD1 1 
ATOM   795  N ND2 . ASN A 1 110 ? 9.543   -2.283  -1.642  1.00 23.39 ? 124 ASN A ND2 1 
ATOM   796  N N   . ALA A 1 111 ? 10.482  1.035   1.523   1.00 26.41 ? 125 ALA A N   1 
ATOM   797  C CA  . ALA A 1 111 ? 11.857  1.258   1.953   1.00 26.51 ? 125 ALA A CA  1 
ATOM   798  C C   . ALA A 1 111 ? 11.979  1.310   3.472   1.00 26.59 ? 125 ALA A C   1 
ATOM   799  O O   . ALA A 1 111 ? 12.986  0.892   4.037   1.00 27.71 ? 125 ALA A O   1 
ATOM   800  C CB  . ALA A 1 111 ? 12.383  2.546   1.346   1.00 24.91 ? 125 ALA A CB  1 
ATOM   801  N N   . LEU A 1 112 ? 10.951  1.828   4.131   1.00 27.62 ? 126 LEU A N   1 
ATOM   802  C CA  . LEU A 1 112 ? 11.005  2.034   5.569   1.00 27.62 ? 126 LEU A CA  1 
ATOM   803  C C   . LEU A 1 112 ? 10.268  0.916   6.302   1.00 28.08 ? 126 LEU A C   1 
ATOM   804  O O   . LEU A 1 112 ? 9.975   1.023   7.495   1.00 28.08 ? 126 LEU A O   1 
ATOM   805  C CB  . LEU A 1 112 ? 10.404  3.402   5.909   1.00 27.41 ? 126 LEU A CB  1 
ATOM   806  C CG  . LEU A 1 112 ? 11.081  4.545   5.140   1.00 26.92 ? 126 LEU A CG  1 
ATOM   807  C CD1 . LEU A 1 112 ? 10.547  5.898   5.584   1.00 24.63 ? 126 LEU A CD1 1 
ATOM   808  C CD2 . LEU A 1 112 ? 12.580  4.448   5.361   1.00 22.39 ? 126 LEU A CD2 1 
ATOM   809  N N   . SER A 1 113 ? 9.968   -0.153  5.569   1.00 27.94 ? 127 SER A N   1 
ATOM   810  C CA  . SER A 1 113 ? 9.356   -1.343  6.148   1.00 27.84 ? 127 SER A CA  1 
ATOM   811  C C   . SER A 1 113 ? 10.366  -2.481  6.275   1.00 27.57 ? 127 SER A C   1 
ATOM   812  O O   . SER A 1 113 ? 11.014  -2.878  5.310   1.00 26.55 ? 127 SER A O   1 
ATOM   813  C CB  . SER A 1 113 ? 8.164   -1.810  5.297   1.00 27.79 ? 127 SER A CB  1 
ATOM   814  O OG  . SER A 1 113 ? 7.051   -0.943  5.448   1.00 27.22 ? 127 SER A OG  1 
ATOM   815  N N   . GLN A 1 114 ? 10.484  -2.991  7.493   1.00 27.73 ? 128 GLN A N   1 
ATOM   816  C CA  . GLN A 1 114 ? 11.258  -4.188  7.796   1.00 27.94 ? 128 GLN A CA  1 
ATOM   817  C C   . GLN A 1 114 ? 10.829  -5.355  6.900   1.00 25.76 ? 128 GLN A C   1 
ATOM   818  O O   . GLN A 1 114 ? 11.644  -6.194  6.496   1.00 24.41 ? 128 GLN A O   1 
ATOM   819  C CB  . GLN A 1 114 ? 11.011  -4.535  9.259   1.00 31.47 ? 128 GLN A CB  1 
ATOM   820  C CG  . GLN A 1 114 ? 11.767  -5.703  9.806   1.00 37.12 ? 128 GLN A CG  1 
ATOM   821  C CD  . GLN A 1 114 ? 11.400  -5.943  11.255  1.00 39.75 ? 128 GLN A CD  1 
ATOM   822  O OE1 . GLN A 1 114 ? 12.071  -6.693  11.965  1.00 44.02 ? 128 GLN A OE1 1 
ATOM   823  N NE2 . GLN A 1 114 ? 10.322  -5.297  11.704  1.00 36.93 ? 128 GLN A NE2 1 
ATOM   824  N N   . LYS A 1 115 ? 9.535   -5.402  6.608   1.00 22.80 ? 129 LYS A N   1 
ATOM   825  C CA  . LYS A 1 115 ? 8.965   -6.426  5.749   1.00 22.43 ? 129 LYS A CA  1 
ATOM   826  C C   . LYS A 1 115 ? 7.724   -5.853  5.084   1.00 21.84 ? 129 LYS A C   1 
ATOM   827  O O   . LYS A 1 115 ? 6.924   -5.155  5.718   1.00 21.81 ? 129 LYS A O   1 
ATOM   828  C CB  . LYS A 1 115 ? 8.579   -7.667  6.569   1.00 21.39 ? 129 LYS A CB  1 
ATOM   829  C CG  . LYS A 1 115 ? 7.832   -8.735  5.766   1.00 20.89 ? 129 LYS A CG  1 
ATOM   830  C CD  . LYS A 1 115 ? 7.536   -9.971  6.619   1.00 24.07 ? 129 LYS A CD  1 
ATOM   831  C CE  . LYS A 1 115 ? 6.987   -11.118 5.776   1.00 22.95 ? 129 LYS A CE  1 
ATOM   832  N NZ  . LYS A 1 115 ? 6.675   -12.312 6.595   1.00 24.18 ? 129 LYS A NZ  1 
ATOM   833  N N   . LEU A 1 116 ? 7.559   -6.140  3.804   1.00 20.84 ? 130 LEU A N   1 
ATOM   834  C CA  . LEU A 1 116 ? 6.308   -5.819  3.150   1.00 21.00 ? 130 LEU A CA  1 
ATOM   835  C C   . LEU A 1 116 ? 5.897   -6.995  2.285   1.00 21.25 ? 130 LEU A C   1 
ATOM   836  O O   . LEU A 1 116 ? 6.688   -7.506  1.496   1.00 22.52 ? 130 LEU A O   1 
ATOM   837  C CB  . LEU A 1 116 ? 6.450   -4.544  2.308   1.00 17.58 ? 130 LEU A CB  1 
ATOM   838  C CG  . LEU A 1 116 ? 5.185   -4.128  1.561   1.00 17.90 ? 130 LEU A CG  1 
ATOM   839  C CD1 . LEU A 1 116 ? 5.126   -2.608  1.420   1.00 18.78 ? 130 LEU A CD1 1 
ATOM   840  C CD2 . LEU A 1 116 ? 5.157   -4.806  0.205   1.00 16.83 ? 130 LEU A CD2 1 
ATOM   841  N N   . GLU A 1 117 ? 4.655   -7.432  2.445   1.00 21.94 ? 131 GLU A N   1 
ATOM   842  C CA  . GLU A 1 117 ? 4.168   -8.563  1.681   1.00 22.53 ? 131 GLU A CA  1 
ATOM   843  C C   . GLU A 1 117 ? 3.068   -8.098  0.746   1.00 20.82 ? 131 GLU A C   1 
ATOM   844  O O   . GLU A 1 117 ? 2.050   -7.547  1.178   1.00 19.93 ? 131 GLU A O   1 
ATOM   845  C CB  . GLU A 1 117 ? 3.648   -9.655  2.625   1.00 25.38 ? 131 GLU A CB  1 
ATOM   846  C CG  . GLU A 1 117 ? 3.278   -10.959 1.928   1.00 28.03 ? 131 GLU A CG  1 
ATOM   847  C CD  . GLU A 1 117 ? 3.240   -12.145 2.891   1.00 30.42 ? 131 GLU A CD  1 
ATOM   848  O OE1 . GLU A 1 117 ? 3.626   -11.981 4.069   1.00 32.80 ? 131 GLU A OE1 1 
ATOM   849  O OE2 . GLU A 1 117 ? 2.829   -13.241 2.468   1.00 28.91 ? 131 GLU A OE2 1 
ATOM   850  N N   . LEU A 1 118 ? 3.297   -8.319  -0.543  1.00 19.92 ? 132 LEU A N   1 
ATOM   851  C CA  . LEU A 1 118 ? 2.366   -7.911  -1.580  1.00 20.73 ? 132 LEU A CA  1 
ATOM   852  C C   . LEU A 1 118 ? 1.697   -9.146  -2.182  1.00 21.75 ? 132 LEU A C   1 
ATOM   853  O O   . LEU A 1 118 ? 2.368   -10.082 -2.621  1.00 21.51 ? 132 LEU A O   1 
ATOM   854  C CB  . LEU A 1 118 ? 3.118   -7.137  -2.660  1.00 21.99 ? 132 LEU A CB  1 
ATOM   855  C CG  . LEU A 1 118 ? 2.318   -6.567  -3.833  1.00 23.47 ? 132 LEU A CG  1 
ATOM   856  C CD1 . LEU A 1 118 ? 1.187   -5.678  -3.329  1.00 20.79 ? 132 LEU A CD1 1 
ATOM   857  C CD2 . LEU A 1 118 ? 3.269   -5.769  -4.718  1.00 26.26 ? 132 LEU A CD2 1 
ATOM   858  N N   . VAL A 1 119 ? 0.371   -9.152  -2.182  1.00 20.48 ? 133 VAL A N   1 
ATOM   859  C CA  . VAL A 1 119 ? -0.383  -10.261 -2.751  1.00 20.34 ? 133 VAL A CA  1 
ATOM   860  C C   . VAL A 1 119 ? -1.393  -9.687  -3.729  1.00 21.10 ? 133 VAL A C   1 
ATOM   861  O O   . VAL A 1 119 ? -2.271  -8.916  -3.348  1.00 22.47 ? 133 VAL A O   1 
ATOM   862  C CB  . VAL A 1 119 ? -1.126  -11.059 -1.651  1.00 20.47 ? 133 VAL A CB  1 
ATOM   863  C CG1 . VAL A 1 119 ? -1.914  -12.199 -2.279  1.00 20.55 ? 133 VAL A CG1 1 
ATOM   864  C CG2 . VAL A 1 119 ? -0.122  -11.603 -0.628  1.00 20.12 ? 133 VAL A CG2 1 
ATOM   865  N N   . ILE A 1 120 ? -1.257  -10.060 -4.993  1.00 20.62 ? 134 ILE A N   1 
ATOM   866  C CA  . ILE A 1 120 ? -2.095  -9.507  -6.044  1.00 21.69 ? 134 ILE A CA  1 
ATOM   867  C C   . ILE A 1 120 ? -2.883  -10.611 -6.732  1.00 23.67 ? 134 ILE A C   1 
ATOM   868  O O   . ILE A 1 120 ? -2.301  -11.591 -7.210  1.00 23.84 ? 134 ILE A O   1 
ATOM   869  C CB  . ILE A 1 120 ? -1.229  -8.751  -7.088  1.00 19.85 ? 134 ILE A CB  1 
ATOM   870  C CG1 . ILE A 1 120 ? -0.582  -7.531  -6.422  1.00 18.47 ? 134 ILE A CG1 1 
ATOM   871  C CG2 . ILE A 1 120 ? -2.084  -8.321  -8.266  1.00 13.93 ? 134 ILE A CG2 1 
ATOM   872  C CD1 . ILE A 1 120 ? 0.487   -6.870  -7.227  1.00 18.81 ? 134 ILE A CD1 1 
ATOM   873  N N   . GLN A 1 121 ? -4.204  -10.444 -6.776  1.00 22.39 ? 135 GLN A N   1 
ATOM   874  C CA  . GLN A 1 121 ? -5.093  -11.394 -7.437  1.00 23.52 ? 135 GLN A CA  1 
ATOM   875  C C   . GLN A 1 121 ? -5.613  -10.791 -8.740  1.00 24.33 ? 135 GLN A C   1 
ATOM   876  O O   . GLN A 1 121 ? -6.327  -9.787  -8.727  1.00 23.92 ? 135 GLN A O   1 
ATOM   877  C CB  . GLN A 1 121 ? -6.283  -11.737 -6.522  1.00 24.18 ? 135 GLN A CB  1 
ATOM   878  C CG  . GLN A 1 121 ? -5.885  -12.444 -5.227  1.00 25.22 ? 135 GLN A CG  1 
ATOM   879  C CD  . GLN A 1 121 ? -7.083  -12.822 -4.356  1.00 28.34 ? 135 GLN A CD  1 
ATOM   880  O OE1 . GLN A 1 121 ? -7.475  -12.074 -3.454  1.00 28.61 ? 135 GLN A OE1 1 
ATOM   881  N NE2 . GLN A 1 121 ? -7.661  -13.984 -4.620  1.00 25.75 ? 135 GLN A NE2 1 
ATOM   882  N N   . ARG A 1 122 ? -5.250  -11.405 -9.860  1.00 24.26 ? 136 ARG A N   1 
ATOM   883  C CA  . ARG A 1 122 ? -5.732  -10.966 -11.167 1.00 26.84 ? 136 ARG A CA  1 
ATOM   884  C C   . ARG A 1 122 ? -5.393  -11.980 -12.252 1.00 27.52 ? 136 ARG A C   1 
ATOM   885  O O   . ARG A 1 122 ? -4.519  -12.834 -12.073 1.00 25.54 ? 136 ARG A O   1 
ATOM   886  C CB  . ARG A 1 122 ? -5.136  -9.603  -11.544 1.00 27.53 ? 136 ARG A CB  1 
ATOM   887  C CG  . ARG A 1 122 ? -3.621  -9.585  -11.675 1.00 30.00 ? 136 ARG A CG  1 
ATOM   888  C CD  . ARG A 1 122 ? -3.180  -8.703  -12.844 1.00 31.80 ? 136 ARG A CD  1 
ATOM   889  N NE  . ARG A 1 122 ? -3.686  -7.349  -12.704 1.00 32.47 ? 136 ARG A NE  1 
ATOM   890  C CZ  . ARG A 1 122 ? -4.155  -6.602  -13.701 1.00 30.48 ? 136 ARG A CZ  1 
ATOM   891  N NH1 . ARG A 1 122 ? -4.192  -7.065  -14.942 1.00 29.64 ? 136 ARG A NH1 1 
ATOM   892  N NH2 . ARG A 1 122 ? -4.597  -5.382  -13.443 1.00 28.29 ? 136 ARG A NH2 1 
ATOM   893  N N   . GLU A 1 123 ? -6.096  -11.880 -13.377 1.00 28.47 ? 137 GLU A N   1 
ATOM   894  C CA  . GLU A 1 123 ? -5.915  -12.813 -14.482 1.00 29.13 ? 137 GLU A CA  1 
ATOM   895  C C   . GLU A 1 123 ? -5.975  -14.263 -14.000 1.00 27.78 ? 137 GLU A C   1 
ATOM   896  O O   . GLU A 1 123 ? -5.249  -15.123 -14.505 1.00 28.87 ? 137 GLU A O   1 
ATOM   897  C CB  . GLU A 1 123 ? -4.576  -12.558 -15.173 1.00 32.02 ? 137 GLU A CB  1 
ATOM   898  C CG  . GLU A 1 123 ? -4.376  -11.129 -15.656 1.00 38.47 ? 137 GLU A CG  1 
ATOM   899  C CD  . GLU A 1 123 ? -2.908  -10.814 -15.890 1.00 45.69 ? 137 GLU A CD  1 
ATOM   900  O OE1 . GLU A 1 123 ? -2.105  -10.996 -14.943 1.00 49.70 ? 137 GLU A OE1 1 
ATOM   901  O OE2 . GLU A 1 123 ? -2.554  -10.393 -17.012 1.00 47.07 ? 137 GLU A OE2 1 
ATOM   902  N N   . GLY A 1 124 ? -6.833  -14.525 -13.017 1.00 25.49 ? 138 GLY A N   1 
ATOM   903  C CA  . GLY A 1 124 ? -7.035  -15.887 -12.547 1.00 24.07 ? 138 GLY A CA  1 
ATOM   904  C C   . GLY A 1 124 ? -6.004  -16.388 -11.542 1.00 24.59 ? 138 GLY A C   1 
ATOM   905  O O   . GLY A 1 124 ? -6.061  -17.547 -11.124 1.00 26.17 ? 138 GLY A O   1 
ATOM   906  N N   . LYS A 1 125 ? -5.063  -15.533 -11.146 1.00 21.35 ? 139 LYS A N   1 
ATOM   907  C CA  . LYS A 1 125 ? -3.924  -15.996 -10.357 1.00 20.03 ? 139 LYS A CA  1 
ATOM   908  C C   . LYS A 1 125 ? -3.661  -15.196 -9.103  1.00 19.74 ? 139 LYS A C   1 
ATOM   909  O O   . LYS A 1 125 ? -3.926  -13.998 -9.042  1.00 20.17 ? 139 LYS A O   1 
ATOM   910  C CB  . LYS A 1 125 ? -2.647  -15.997 -11.203 1.00 21.13 ? 139 LYS A CB  1 
ATOM   911  C CG  . LYS A 1 125 ? -2.711  -16.892 -12.418 1.00 24.16 ? 139 LYS A CG  1 
ATOM   912  C CD  . LYS A 1 125 ? -2.829  -18.346 -12.020 1.00 26.40 ? 139 LYS A CD  1 
ATOM   913  C CE  . LYS A 1 125 ? -2.832  -19.244 -13.250 1.00 28.58 ? 139 LYS A CE  1 
ATOM   914  N NZ  . LYS A 1 125 ? -2.675  -20.664 -12.849 1.00 30.57 ? 139 LYS A NZ  1 
ATOM   915  N N   . ILE A 1 126 ? -3.116  -15.877 -8.104  1.00 19.99 ? 140 ILE A N   1 
ATOM   916  C CA  . ILE A 1 126 ? -2.584  -15.228 -6.917  1.00 20.67 ? 140 ILE A CA  1 
ATOM   917  C C   . ILE A 1 126 ? -1.092  -15.001 -7.159  1.00 22.10 ? 140 ILE A C   1 
ATOM   918  O O   . ILE A 1 126 ? -0.370  -15.942 -7.507  1.00 22.26 ? 140 ILE A O   1 
ATOM   919  C CB  . ILE A 1 126 ? -2.751  -16.129 -5.672  1.00 21.92 ? 140 ILE A CB  1 
ATOM   920  C CG1 . ILE A 1 126 ? -4.210  -16.580 -5.543  1.00 22.12 ? 140 ILE A CG1 1 
ATOM   921  C CG2 . ILE A 1 126 ? -2.307  -15.389 -4.428  1.00 19.55 ? 140 ILE A CG2 1 
ATOM   922  C CD1 . ILE A 1 126 ? -4.410  -17.703 -4.544  1.00 21.29 ? 140 ILE A CD1 1 
ATOM   923  N N   . HIS A 1 127 ? -0.647  -13.757 -6.983  1.00 21.36 ? 141 HIS A N   1 
ATOM   924  C CA  . HIS A 1 127 ? 0.756   -13.372 -7.168  1.00 22.60 ? 141 HIS A CA  1 
ATOM   925  C C   . HIS A 1 127 ? 1.297   -12.871 -5.834  1.00 21.69 ? 141 HIS A C   1 
ATOM   926  O O   . HIS A 1 127 ? 0.619   -12.122 -5.138  1.00 23.25 ? 141 HIS A O   1 
ATOM   927  C CB  . HIS A 1 127 ? 0.889   -12.230 -8.181  1.00 21.85 ? 141 HIS A CB  1 
ATOM   928  C CG  . HIS A 1 127 ? 0.186   -12.477 -9.474  1.00 21.32 ? 141 HIS A CG  1 
ATOM   929  N ND1 . HIS A 1 127 ? -1.179  -12.367 -9.608  1.00 20.19 ? 141 HIS A ND1 1 
ATOM   930  C CD2 . HIS A 1 127 ? 0.663   -12.780 -10.705 1.00 22.63 ? 141 HIS A CD2 1 
ATOM   931  C CE1 . HIS A 1 127 ? -1.516  -12.589 -10.866 1.00 22.81 ? 141 HIS A CE1 1 
ATOM   932  N NE2 . HIS A 1 127 ? -0.416  -12.841 -11.553 1.00 22.01 ? 141 HIS A NE2 1 
ATOM   933  N N   . ARG A 1 128 ? 2.517   -13.268 -5.492  1.00 21.34 ? 142 ARG A N   1 
ATOM   934  C CA  . ARG A 1 128 ? 3.096   -12.920 -4.202  1.00 24.02 ? 142 ARG A CA  1 
ATOM   935  C C   . ARG A 1 128 ? 4.497   -12.356 -4.354  1.00 24.31 ? 142 ARG A C   1 
ATOM   936  O O   . ARG A 1 128 ? 5.243   -12.728 -5.256  1.00 24.89 ? 142 ARG A O   1 
ATOM   937  C CB  . ARG A 1 128 ? 3.167   -14.143 -3.284  1.00 23.78 ? 142 ARG A CB  1 
ATOM   938  C CG  . ARG A 1 128 ? 1.837   -14.755 -2.955  1.00 25.07 ? 142 ARG A CG  1 
ATOM   939  C CD  . ARG A 1 128 ? 1.998   -15.878 -1.946  1.00 23.99 ? 142 ARG A CD  1 
ATOM   940  N NE  . ARG A 1 128 ? 0.697   -16.437 -1.630  1.00 27.80 ? 142 ARG A NE  1 
ATOM   941  C CZ  . ARG A 1 128 ? -0.070  -16.019 -0.632  1.00 26.92 ? 142 ARG A CZ  1 
ATOM   942  N NH1 . ARG A 1 128 ? 0.349   -15.042 0.161   1.00 26.87 ? 142 ARG A NH1 1 
ATOM   943  N NH2 . ARG A 1 128 ? -1.272  -16.552 -0.459  1.00 26.42 ? 142 ARG A NH2 1 
ATOM   944  N N   . GLN A 1 129 ? 4.862   -11.484 -3.433  1.00 26.51 ? 143 GLN A N   1 
ATOM   945  C CA  . GLN A 1 129 ? 6.133   -10.785 -3.520  1.00 29.43 ? 143 GLN A CA  1 
ATOM   946  C C   . GLN A 1 129 ? 6.457   -10.283 -2.111  1.00 28.19 ? 143 GLN A C   1 
ATOM   947  O O   . GLN A 1 129 ? 5.688   -9.519  -1.523  1.00 26.80 ? 143 GLN A O   1 
ATOM   948  C CB  . GLN A 1 129 ? 5.976   -9.622  -4.513  1.00 30.65 ? 143 GLN A CB  1 
ATOM   949  C CG  . GLN A 1 129 ? 7.088   -8.593  -4.520  1.00 34.20 ? 143 GLN A CG  1 
ATOM   950  C CD  . GLN A 1 129 ? 8.300   -9.041  -5.298  1.00 36.03 ? 143 GLN A CD  1 
ATOM   951  O OE1 . GLN A 1 129 ? 8.449   -8.722  -6.477  1.00 33.40 ? 143 GLN A OE1 1 
ATOM   952  N NE2 . GLN A 1 129 ? 9.184   -9.783  -4.638  1.00 38.00 ? 143 GLN A NE2 1 
ATOM   953  N N   . ILE A 1 130 ? 7.579   -10.739 -1.564  1.00 26.63 ? 144 ILE A N   1 
ATOM   954  C CA  . ILE A 1 130 ? 8.021   -10.291 -0.248  1.00 25.12 ? 144 ILE A CA  1 
ATOM   955  C C   . ILE A 1 130 ? 9.163   -9.299  -0.434  1.00 24.20 ? 144 ILE A C   1 
ATOM   956  O O   . ILE A 1 130 ? 10.072  -9.532  -1.229  1.00 24.61 ? 144 ILE A O   1 
ATOM   957  C CB  . ILE A 1 130 ? 8.554   -11.466 0.609   1.00 25.60 ? 144 ILE A CB  1 
ATOM   958  C CG1 . ILE A 1 130 ? 7.464   -12.529 0.801   1.00 27.90 ? 144 ILE A CG1 1 
ATOM   959  C CG2 . ILE A 1 130 ? 9.075   -10.942 1.943   1.00 25.04 ? 144 ILE A CG2 1 
ATOM   960  C CD1 . ILE A 1 130 ? 6.414   -12.198 1.846   1.00 26.72 ? 144 ILE A CD1 1 
ATOM   961  N N   . TYR A 1 131 ? 9.115   -8.200  0.307   1.00 21.54 ? 145 TYR A N   1 
ATOM   962  C CA  . TYR A 1 131 ? 10.229  -7.265  0.376   1.00 22.83 ? 145 TYR A CA  1 
ATOM   963  C C   . TYR A 1 131 ? 10.735  -7.169  1.811   1.00 24.07 ? 145 TYR A C   1 
ATOM   964  O O   . TYR A 1 131 ? 9.956   -7.268  2.768   1.00 21.97 ? 145 TYR A O   1 
ATOM   965  C CB  . TYR A 1 131 ? 9.795   -5.864  -0.078  1.00 21.79 ? 145 TYR A CB  1 
ATOM   966  C CG  . TYR A 1 131 ? 9.512   -5.727  -1.552  1.00 19.94 ? 145 TYR A CG  1 
ATOM   967  C CD1 . TYR A 1 131 ? 8.229   -5.905  -2.051  1.00 22.45 ? 145 TYR A CD1 1 
ATOM   968  C CD2 . TYR A 1 131 ? 10.516  -5.375  -2.440  1.00 20.05 ? 145 TYR A CD2 1 
ATOM   969  C CE1 . TYR A 1 131 ? 7.952   -5.731  -3.392  1.00 21.30 ? 145 TYR A CE1 1 
ATOM   970  C CE2 . TYR A 1 131 ? 10.250  -5.202  -3.787  1.00 22.77 ? 145 TYR A CE2 1 
ATOM   971  C CZ  . TYR A 1 131 ? 8.963   -5.384  -4.256  1.00 22.25 ? 145 TYR A CZ  1 
ATOM   972  O OH  . TYR A 1 131 ? 8.689   -5.245  -5.600  1.00 25.36 ? 145 TYR A OH  1 
ATOM   973  N N   . GLU A 1 132 ? 12.038  -6.951  1.957   1.00 24.59 ? 146 GLU A N   1 
ATOM   974  C CA  . GLU A 1 132 ? 12.598  -6.649  3.261   1.00 26.71 ? 146 GLU A CA  1 
ATOM   975  C C   . GLU A 1 132 ? 13.479  -5.397  3.198   1.00 26.73 ? 146 GLU A C   1 
ATOM   976  O O   . GLU A 1 132 ? 14.495  -5.370  2.505   1.00 25.47 ? 146 GLU A O   1 
ATOM   977  C CB  . GLU A 1 132 ? 13.380  -7.865  3.782   1.00 26.78 ? 146 GLU A CB  1 
ATOM   978  C CG  . GLU A 1 132 ? 12.469  -9.076  4.063   1.00 29.63 ? 146 GLU A CG  1 
ATOM   979  C CD  . GLU A 1 132 ? 13.202  -10.263 4.680   1.00 31.47 ? 146 GLU A CD  1 
ATOM   980  O OE1 . GLU A 1 132 ? 12.599  -11.351 4.796   1.00 31.85 ? 146 GLU A OE1 1 
ATOM   981  O OE2 . GLU A 1 132 ? 14.383  -10.115 5.051   1.00 36.20 ? 146 GLU A OE2 1 
ATOM   982  N N   . HIS A 1 133 ? 13.066  -4.357  3.920   1.00 26.81 ? 147 HIS A N   1 
ATOM   983  C CA  . HIS A 1 133 ? 13.731  -3.063  3.848   1.00 28.70 ? 147 HIS A CA  1 
ATOM   984  C C   . HIS A 1 133 ? 13.787  -2.554  2.401   1.00 29.65 ? 147 HIS A C   1 
ATOM   985  O O   . HIS A 1 133 ? 14.677  -1.795  2.036   1.00 29.51 ? 147 HIS A O   1 
ATOM   986  C CB  . HIS A 1 133 ? 15.144  -3.168  4.437   1.00 28.94 ? 147 HIS A CB  1 
ATOM   987  C CG  . HIS A 1 133 ? 15.160  -3.482  5.904   1.00 28.34 ? 147 HIS A CG  1 
ATOM   988  N ND1 . HIS A 1 133 ? 14.730  -2.587  6.861   1.00 27.92 ? 147 HIS A ND1 1 
ATOM   989  C CD2 . HIS A 1 133 ? 15.547  -4.592  6.576   1.00 27.49 ? 147 HIS A CD2 1 
ATOM   990  C CE1 . HIS A 1 133 ? 14.850  -3.131  8.059   1.00 27.74 ? 147 HIS A CE1 1 
ATOM   991  N NE2 . HIS A 1 133 ? 15.344  -4.348  7.913   1.00 28.75 ? 147 HIS A NE2 1 
ATOM   992  N N   . GLY A 1 134 ? 12.824  -2.987  1.588   1.00 29.65 ? 148 GLY A N   1 
ATOM   993  C CA  . GLY A 1 134 ? 12.711  -2.497  0.228   1.00 28.80 ? 148 GLY A CA  1 
ATOM   994  C C   . GLY A 1 134 ? 13.395  -3.384  -0.797  1.00 27.87 ? 148 GLY A C   1 
ATOM   995  O O   . GLY A 1 134 ? 13.360  -3.105  -1.995  1.00 26.96 ? 148 GLY A O   1 
ATOM   996  N N   . VAL A 1 135 ? 14.028  -4.449  -0.326  1.00 25.65 ? 149 VAL A N   1 
ATOM   997  C CA  . VAL A 1 135 ? 14.691  -5.394  -1.212  1.00 25.96 ? 149 VAL A CA  1 
ATOM   998  C C   . VAL A 1 135 ? 13.807  -6.608  -1.491  1.00 24.95 ? 149 VAL A C   1 
ATOM   999  O O   . VAL A 1 135 ? 13.406  -7.318  -0.568  1.00 25.89 ? 149 VAL A O   1 
ATOM   1000 C CB  . VAL A 1 135 ? 15.998  -5.903  -0.601  1.00 27.32 ? 149 VAL A CB  1 
ATOM   1001 C CG1 . VAL A 1 135 ? 16.709  -6.809  -1.606  1.00 25.91 ? 149 VAL A CG1 1 
ATOM   1002 C CG2 . VAL A 1 135 ? 16.888  -4.720  -0.187  1.00 27.95 ? 149 VAL A CG2 1 
ATOM   1003 N N   . PRO A 1 136 ? 13.507  -6.869  -2.769  1.00 24.45 ? 150 PRO A N   1 
ATOM   1004 C CA  . PRO A 1 136 ? 12.688  -8.039  -3.114  1.00 24.04 ? 150 PRO A CA  1 
ATOM   1005 C C   . PRO A 1 136 ? 13.444  -9.327  -2.775  1.00 25.68 ? 150 PRO A C   1 
ATOM   1006 O O   . PRO A 1 136 ? 14.633  -9.448  -3.077  1.00 25.63 ? 150 PRO A O   1 
ATOM   1007 C CB  . PRO A 1 136 ? 12.456  -7.887  -4.618  1.00 23.87 ? 150 PRO A CB  1 
ATOM   1008 C CG  . PRO A 1 136 ? 13.681  -7.123  -5.101  1.00 24.95 ? 150 PRO A CG  1 
ATOM   1009 C CD  . PRO A 1 136 ? 14.051  -6.188  -3.963  1.00 22.96 ? 150 PRO A CD  1 
ATOM   1010 N N   . GLN A 1 137 ? 12.765  -10.281 -2.143  1.00 25.94 ? 151 GLN A N   1 
ATOM   1011 C CA  . GLN A 1 137 ? 13.433  -11.508 -1.716  1.00 26.56 ? 151 GLN A CA  1 
ATOM   1012 C C   . GLN A 1 137 ? 13.434  -12.561 -2.817  1.00 27.02 ? 151 GLN A C   1 
ATOM   1013 O O   . GLN A 1 137 ? 14.258  -13.484 -2.826  1.00 27.89 ? 151 GLN A O   1 
ATOM   1014 C CB  . GLN A 1 137 ? 12.764  -12.059 -0.458  1.00 26.33 ? 151 GLN A CB  1 
ATOM   1015 C CG  . GLN A 1 137 ? 12.918  -11.140 0.735   1.00 27.87 ? 151 GLN A CG  1 
ATOM   1016 C CD  . GLN A 1 137 ? 14.371  -10.732 0.957   1.00 31.53 ? 151 GLN A CD  1 
ATOM   1017 O OE1 . GLN A 1 137 ? 15.220  -11.566 1.292   1.00 30.06 ? 151 GLN A OE1 1 
ATOM   1018 N NE2 . GLN A 1 137 ? 14.662  -9.447  0.765   1.00 28.32 ? 151 GLN A NE2 1 
ATOM   1019 N N   . ALA A 1 138 ? 12.498  -12.412 -3.743  1.00 25.91 ? 152 ALA A N   1 
ATOM   1020 C CA  . ALA A 1 138 ? 12.414  -13.271 -4.903  1.00 26.09 ? 152 ALA A CA  1 
ATOM   1021 C C   . ALA A 1 138 ? 11.580  -12.522 -5.927  1.00 26.85 ? 152 ALA A C   1 
ATOM   1022 O O   . ALA A 1 138 ? 10.901  -11.547 -5.599  1.00 26.60 ? 152 ALA A O   1 
ATOM   1023 C CB  . ALA A 1 138 ? 11.741  -14.597 -4.531  1.00 24.98 ? 152 ALA A CB  1 
ATOM   1024 N N   . PRO A 1 139 ? 11.625  -12.956 -7.187  1.00 26.88 ? 153 PRO A N   1 
ATOM   1025 C CA  . PRO A 1 139 ? 10.711  -12.322 -8.134  1.00 27.20 ? 153 PRO A CA  1 
ATOM   1026 C C   . PRO A 1 139 ? 9.261   -12.617 -7.761  1.00 28.25 ? 153 PRO A C   1 
ATOM   1027 O O   . PRO A 1 139 ? 8.974   -13.536 -6.995  1.00 30.66 ? 153 PRO A O   1 
ATOM   1028 C CB  . PRO A 1 139 ? 11.117  -12.918 -9.487  1.00 27.59 ? 153 PRO A CB  1 
ATOM   1029 C CG  . PRO A 1 139 ? 11.827  -14.174 -9.160  1.00 28.01 ? 153 PRO A CG  1 
ATOM   1030 C CD  . PRO A 1 139 ? 12.479  -13.978 -7.819  1.00 25.83 ? 153 PRO A CD  1 
ATOM   1031 N N   . LEU A 1 140 ? 8.351   -11.817 -8.289  1.00 26.50 ? 154 LEU A N   1 
ATOM   1032 C CA  . LEU A 1 140 ? 6.937   -11.992 -8.009  1.00 26.21 ? 154 LEU A CA  1 
ATOM   1033 C C   . LEU A 1 140 ? 6.467   -13.357 -8.536  1.00 26.34 ? 154 LEU A C   1 
ATOM   1034 O O   . LEU A 1 140 ? 6.682   -13.678 -9.701  1.00 24.17 ? 154 LEU A O   1 
ATOM   1035 C CB  . LEU A 1 140 ? 6.180   -10.850 -8.679  1.00 26.40 ? 154 LEU A CB  1 
ATOM   1036 C CG  . LEU A 1 140 ? 4.679   -10.703 -8.522  1.00 27.71 ? 154 LEU A CG  1 
ATOM   1037 C CD1 . LEU A 1 140 ? 4.325   -9.220  -8.583  1.00 26.58 ? 154 LEU A CD1 1 
ATOM   1038 C CD2 . LEU A 1 140 ? 3.984   -11.487 -9.626  1.00 27.59 ? 154 LEU A CD2 1 
ATOM   1039 N N   . ALA A 1 141 ? 5.837   -14.156 -7.677  1.00 23.68 ? 155 ALA A N   1 
ATOM   1040 C CA  . ALA A 1 141 ? 5.519   -15.545 -8.015  1.00 25.46 ? 155 ALA A CA  1 
ATOM   1041 C C   . ALA A 1 141 ? 4.019   -15.833 -8.109  1.00 25.21 ? 155 ALA A C   1 
ATOM   1042 O O   . ALA A 1 141 ? 3.215   -15.239 -7.384  1.00 26.64 ? 155 ALA A O   1 
ATOM   1043 C CB  . ALA A 1 141 ? 6.161   -16.492 -6.996  1.00 22.20 ? 155 ALA A CB  1 
ATOM   1044 N N   . VAL A 1 142 ? 3.654   -16.750 -9.003  1.00 25.27 ? 156 VAL A N   1 
ATOM   1045 C CA  . VAL A 1 142 ? 2.283   -17.256 -9.080  1.00 25.86 ? 156 VAL A CA  1 
ATOM   1046 C C   . VAL A 1 142 ? 2.135   -18.491 -8.183  1.00 25.72 ? 156 VAL A C   1 
ATOM   1047 O O   . VAL A 1 142 ? 2.849   -19.476 -8.348  1.00 25.08 ? 156 VAL A O   1 
ATOM   1048 C CB  . VAL A 1 142 ? 1.902   -17.648 -10.532 1.00 25.59 ? 156 VAL A CB  1 
ATOM   1049 C CG1 . VAL A 1 142 ? 0.510   -18.273 -10.557 1.00 27.07 ? 156 VAL A CG1 1 
ATOM   1050 C CG2 . VAL A 1 142 ? 1.941   -16.425 -11.433 1.00 24.62 ? 156 VAL A CG2 1 
ATOM   1051 N N   . THR A 1 143 ? 1.202   -18.437 -7.240  1.00 26.15 ? 157 THR A N   1 
ATOM   1052 C CA  . THR A 1 143 ? 1.113   -19.479 -6.227  1.00 25.45 ? 157 THR A CA  1 
ATOM   1053 C C   . THR A 1 143 ? -0.248  -20.149 -6.123  1.00 24.53 ? 157 THR A C   1 
ATOM   1054 O O   . THR A 1 143 ? -0.475  -20.966 -5.233  1.00 25.19 ? 157 THR A O   1 
ATOM   1055 C CB  . THR A 1 143 ? 1.512   -18.922 -4.856  1.00 26.32 ? 157 THR A CB  1 
ATOM   1056 O OG1 . THR A 1 143 ? 0.603   -17.885 -4.473  1.00 26.48 ? 157 THR A OG1 1 
ATOM   1057 C CG2 . THR A 1 143 ? 2.921   -18.343 -4.924  1.00 25.52 ? 157 THR A CG2 1 
ATOM   1058 N N   . GLY A 1 144 ? -1.155  -19.817 -7.035  1.00 24.40 ? 158 GLY A N   1 
ATOM   1059 C CA  . GLY A 1 144 ? -2.450  -20.473 -7.036  1.00 24.71 ? 158 GLY A CA  1 
ATOM   1060 C C   . GLY A 1 144 ? -3.496  -19.824 -7.926  1.00 25.97 ? 158 GLY A C   1 
ATOM   1061 O O   . GLY A 1 144 ? -3.262  -18.768 -8.531  1.00 21.57 ? 158 GLY A O   1 
ATOM   1062 N N   . GLU A 1 145 ? -4.656  -20.471 -8.010  1.00 26.12 ? 159 GLU A N   1 
ATOM   1063 C CA  . GLU A 1 145 ? -5.752  -19.985 -8.837  1.00 27.47 ? 159 GLU A CA  1 
ATOM   1064 C C   . GLU A 1 145 ? -6.686  -19.167 -7.969  1.00 26.20 ? 159 GLU A C   1 
ATOM   1065 O O   . GLU A 1 145 ? -6.769  -19.382 -6.764  1.00 27.92 ? 159 GLU A O   1 
ATOM   1066 C CB  . GLU A 1 145 ? -6.536  -21.153 -9.445  1.00 29.85 ? 159 GLU A CB  1 
ATOM   1067 C CG  . GLU A 1 145 ? -5.748  -22.437 -9.590  1.00 35.61 ? 159 GLU A CG  1 
ATOM   1068 C CD  . GLU A 1 145 ? -4.635  -22.329 -10.608 1.00 39.33 ? 159 GLU A CD  1 
ATOM   1069 O OE1 . GLU A 1 145 ? -3.569  -22.949 -10.381 1.00 42.67 ? 159 GLU A OE1 1 
ATOM   1070 O OE2 . GLU A 1 145 ? -4.825  -21.631 -11.634 1.00 39.73 ? 159 GLU A OE2 1 
ATOM   1071 N N   . THR A 1 146 ? -7.387  -18.228 -8.588  1.00 26.12 ? 160 THR A N   1 
ATOM   1072 C CA  . THR A 1 146 ? -8.404  -17.456 -7.890  1.00 28.12 ? 160 THR A CA  1 
ATOM   1073 C C   . THR A 1 146 ? -9.361  -16.839 -8.900  1.00 29.83 ? 160 THR A C   1 
ATOM   1074 O O   . THR A 1 146 ? -8.974  -16.545 -10.029 1.00 29.90 ? 160 THR A O   1 
ATOM   1075 C CB  . THR A 1 146 ? -7.775  -16.318 -7.044  1.00 26.46 ? 160 THR A CB  1 
ATOM   1076 O OG1 . THR A 1 146 ? -8.814  -15.603 -6.366  1.00 24.52 ? 160 THR A OG1 1 
ATOM   1077 C CG2 . THR A 1 146 ? -6.994  -15.344 -7.938  1.00 24.41 ? 160 THR A CG2 1 
ATOM   1078 N N   . GLU A 1 147 ? -10.606 -16.638 -8.485  1.00 32.85 ? 161 GLU A N   1 
ATOM   1079 C CA  . GLU A 1 147 ? -11.583 -15.943 -9.315  1.00 36.26 ? 161 GLU A CA  1 
ATOM   1080 C C   . GLU A 1 147 ? -11.651 -14.456 -8.960  1.00 34.68 ? 161 GLU A C   1 
ATOM   1081 O O   . GLU A 1 147 ? -12.135 -13.644 -9.750  1.00 34.77 ? 161 GLU A O   1 
ATOM   1082 C CB  . GLU A 1 147 ? -12.963 -16.578 -9.144  1.00 39.96 ? 161 GLU A CB  1 
ATOM   1083 C CG  . GLU A 1 147 ? -13.442 -16.615 -7.705  1.00 49.37 ? 161 GLU A CG  1 
ATOM   1084 C CD  . GLU A 1 147 ? -14.694 -17.458 -7.528  1.00 55.14 ? 161 GLU A CD  1 
ATOM   1085 O OE1 . GLU A 1 147 ? -15.077 -18.174 -8.483  1.00 56.95 ? 161 GLU A OE1 1 
ATOM   1086 O OE2 . GLU A 1 147 ? -15.295 -17.404 -6.429  1.00 58.54 ? 161 GLU A OE2 1 
ATOM   1087 N N   . LYS A 1 148 ? -11.161 -14.108 -7.772  1.00 33.06 ? 162 LYS A N   1 
ATOM   1088 C CA  . LYS A 1 148 ? -11.174 -12.717 -7.314  1.00 32.80 ? 162 LYS A CA  1 
ATOM   1089 C C   . LYS A 1 148 ? -10.113 -11.860 -7.991  1.00 30.45 ? 162 LYS A C   1 
ATOM   1090 O O   . LYS A 1 148 ? -9.110  -12.366 -8.483  1.00 29.43 ? 162 LYS A O   1 
ATOM   1091 C CB  . LYS A 1 148 ? -10.976 -12.652 -5.798  1.00 32.86 ? 162 LYS A CB  1 
ATOM   1092 C CG  . LYS A 1 148 ? -12.135 -13.226 -4.996  1.00 36.87 ? 162 LYS A CG  1 
ATOM   1093 C CD  . LYS A 1 148 ? -11.822 -13.231 -3.507  1.00 39.35 ? 162 LYS A CD  1 
ATOM   1094 C CE  . LYS A 1 148 ? -12.383 -14.474 -2.834  1.00 42.07 ? 162 LYS A CE  1 
ATOM   1095 N NZ  . LYS A 1 148 ? -13.851 -14.607 -3.061  1.00 44.07 ? 162 LYS A NZ  1 
ATOM   1096 N N   . THR A 1 149 ? -10.357 -10.556 -8.023  1.00 29.52 ? 163 THR A N   1 
ATOM   1097 C CA  . THR A 1 149 ? -9.330  -9.589  -8.375  1.00 27.52 ? 163 THR A CA  1 
ATOM   1098 C C   . THR A 1 149 ? -9.221  -8.555  -7.260  1.00 27.60 ? 163 THR A C   1 
ATOM   1099 O O   . THR A 1 149 ? -10.220 -8.188  -6.638  1.00 28.89 ? 163 THR A O   1 
ATOM   1100 C CB  . THR A 1 149 ? -9.646  -8.875  -9.715  1.00 28.60 ? 163 THR A CB  1 
ATOM   1101 O OG1 . THR A 1 149 ? -10.898 -8.184  -9.619  1.00 28.15 ? 163 THR A OG1 1 
ATOM   1102 C CG2 . THR A 1 149 ? -9.723  -9.886  -10.853 1.00 25.86 ? 163 THR A CG2 1 
ATOM   1103 N N   . GLY A 1 150 ? -8.001  -8.093  -7.001  1.00 26.47 ? 164 GLY A N   1 
ATOM   1104 C CA  . GLY A 1 150 ? -7.788  -7.104  -5.960  1.00 25.68 ? 164 GLY A CA  1 
ATOM   1105 C C   . GLY A 1 150 ? -6.339  -7.100  -5.514  1.00 26.06 ? 164 GLY A C   1 
ATOM   1106 O O   . GLY A 1 150 ? -5.541  -7.907  -5.987  1.00 25.60 ? 164 GLY A O   1 
ATOM   1107 N N   . THR A 1 151 ? -5.993  -6.190  -4.606  1.00 25.29 ? 165 THR A N   1 
ATOM   1108 C CA  . THR A 1 151 ? -4.636  -6.112  -4.078  1.00 22.09 ? 165 THR A CA  1 
ATOM   1109 C C   . THR A 1 151 ? -4.655  -6.174  -2.553  1.00 22.89 ? 165 THR A C   1 
ATOM   1110 O O   . THR A 1 151 ? -5.511  -5.562  -1.901  1.00 21.85 ? 165 THR A O   1 
ATOM   1111 C CB  . THR A 1 151 ? -3.934  -4.794  -4.511  1.00 24.28 ? 165 THR A CB  1 
ATOM   1112 O OG1 . THR A 1 151 ? -3.862  -4.728  -5.943  1.00 25.11 ? 165 THR A OG1 1 
ATOM   1113 C CG2 . THR A 1 151 ? -2.525  -4.723  -3.929  1.00 20.49 ? 165 THR A CG2 1 
ATOM   1114 N N   . MET A 1 152 ? -3.710  -6.918  -1.989  1.00 21.85 ? 166 MET A N   1 
ATOM   1115 C CA  . MET A 1 152 ? -3.521  -6.951  -0.541  1.00 21.94 ? 166 MET A CA  1 
ATOM   1116 C C   . MET A 1 152 ? -2.070  -6.647  -0.227  1.00 22.24 ? 166 MET A C   1 
ATOM   1117 O O   . MET A 1 152 ? -1.162  -7.226  -0.819  1.00 22.78 ? 166 MET A O   1 
ATOM   1118 C CB  . MET A 1 152 ? -3.886  -8.332  0.020   1.00 22.09 ? 166 MET A CB  1 
ATOM   1119 C CG  . MET A 1 152 ? -3.152  -8.684  1.308   1.00 22.97 ? 166 MET A CG  1 
ATOM   1120 S SD  . MET A 1 152 ? -3.908  -8.007  2.803   1.00 26.61 ? 166 MET A SD  1 
ATOM   1121 C CE  . MET A 1 152 ? -5.353  -9.056  2.947   1.00 22.75 ? 166 MET A CE  1 
ATOM   1122 N N   . VAL A 1 153 ? -1.843  -5.729  0.701   1.00 23.83 ? 167 VAL A N   1 
ATOM   1123 C CA  . VAL A 1 153 ? -0.493  -5.502  1.177   1.00 24.92 ? 167 VAL A CA  1 
ATOM   1124 C C   . VAL A 1 153 ? -0.439  -5.336  2.686   1.00 26.05 ? 167 VAL A C   1 
ATOM   1125 O O   . VAL A 1 153 ? -1.246  -4.617  3.282   1.00 28.09 ? 167 VAL A O   1 
ATOM   1126 C CB  . VAL A 1 153 ? 0.139   -4.269  0.494   1.00 26.61 ? 167 VAL A CB  1 
ATOM   1127 C CG1 . VAL A 1 153 ? -0.734  -3.043  0.707   1.00 27.56 ? 167 VAL A CG1 1 
ATOM   1128 C CG2 . VAL A 1 153 ? 1.538   -4.041  1.042   1.00 26.39 ? 167 VAL A CG2 1 
ATOM   1129 N N   . ARG A 1 154 ? 0.513   -6.023  3.304   1.00 24.89 ? 168 ARG A N   1 
ATOM   1130 C CA  . ARG A 1 154 ? 0.769   -5.867  4.725   1.00 24.01 ? 168 ARG A CA  1 
ATOM   1131 C C   . ARG A 1 154 ? 2.205   -5.399  4.870   1.00 24.40 ? 168 ARG A C   1 
ATOM   1132 O O   . ARG A 1 154 ? 3.101   -5.941  4.223   1.00 23.94 ? 168 ARG A O   1 
ATOM   1133 C CB  . ARG A 1 154 ? 0.573   -7.206  5.444   1.00 23.47 ? 168 ARG A CB  1 
ATOM   1134 C CG  . ARG A 1 154 ? 0.704   -7.140  6.955   1.00 23.33 ? 168 ARG A CG  1 
ATOM   1135 C CD  . ARG A 1 154 ? 0.155   -8.407  7.618   1.00 21.56 ? 168 ARG A CD  1 
ATOM   1136 N NE  . ARG A 1 154 ? 0.497   -8.478  9.036   1.00 21.47 ? 168 ARG A NE  1 
ATOM   1137 C CZ  . ARG A 1 154 ? 0.410   -9.586  9.767   1.00 22.49 ? 168 ARG A CZ  1 
ATOM   1138 N NH1 . ARG A 1 154 ? -0.015  -10.713 9.208   1.00 21.59 ? 168 ARG A NH1 1 
ATOM   1139 N NH2 . ARG A 1 154 ? 0.771   -9.576  11.043  1.00 19.39 ? 168 ARG A NH2 1 
ATOM   1140 N N   . PHE A 1 155 ? 2.438   -4.386  5.699   1.00 23.78 ? 169 PHE A N   1 
ATOM   1141 C CA  . PHE A 1 155 ? 3.811   -3.949  5.931   1.00 25.41 ? 169 PHE A CA  1 
ATOM   1142 C C   . PHE A 1 155 ? 4.125   -3.806  7.414   1.00 24.18 ? 169 PHE A C   1 
ATOM   1143 O O   . PHE A 1 155 ? 3.267   -3.412  8.208   1.00 25.71 ? 169 PHE A O   1 
ATOM   1144 C CB  . PHE A 1 155 ? 4.093   -2.627  5.189   1.00 25.02 ? 169 PHE A CB  1 
ATOM   1145 C CG  . PHE A 1 155 ? 3.180   -1.493  5.582   1.00 26.36 ? 169 PHE A CG  1 
ATOM   1146 C CD1 . PHE A 1 155 ? 1.981   -1.293  4.922   1.00 25.49 ? 169 PHE A CD1 1 
ATOM   1147 C CD2 . PHE A 1 155 ? 3.531   -0.621  6.601   1.00 28.05 ? 169 PHE A CD2 1 
ATOM   1148 C CE1 . PHE A 1 155 ? 1.148   -0.245  5.266   1.00 28.70 ? 169 PHE A CE1 1 
ATOM   1149 C CE2 . PHE A 1 155 ? 2.698   0.437   6.955   1.00 28.37 ? 169 PHE A CE2 1 
ATOM   1150 C CZ  . PHE A 1 155 ? 1.505   0.624   6.284   1.00 28.13 ? 169 PHE A CZ  1 
ATOM   1151 N N   . TRP A 1 156 ? 5.356   -4.145  7.777   1.00 23.45 ? 170 TRP A N   1 
ATOM   1152 C CA  . TRP A 1 156 ? 5.833   -4.025  9.150   1.00 23.23 ? 170 TRP A CA  1 
ATOM   1153 C C   . TRP A 1 156 ? 6.860   -2.886  9.211   1.00 24.89 ? 170 TRP A C   1 
ATOM   1154 O O   . TRP A 1 156 ? 8.008   -3.048  8.798   1.00 24.22 ? 170 TRP A O   1 
ATOM   1155 C CB  . TRP A 1 156 ? 6.501   -5.335  9.605   1.00 23.09 ? 170 TRP A CB  1 
ATOM   1156 C CG  . TRP A 1 156 ? 5.594   -6.550  9.732   1.00 22.20 ? 170 TRP A CG  1 
ATOM   1157 C CD1 . TRP A 1 156 ? 5.227   -7.179  10.892  1.00 22.54 ? 170 TRP A CD1 1 
ATOM   1158 C CD2 . TRP A 1 156 ? 5.018   -7.319  8.664   1.00 21.85 ? 170 TRP A CD2 1 
ATOM   1159 N NE1 . TRP A 1 156 ? 4.466   -8.296  10.613  1.00 22.13 ? 170 TRP A NE1 1 
ATOM   1160 C CE2 . TRP A 1 156 ? 4.323   -8.406  9.254   1.00 23.94 ? 170 TRP A CE2 1 
ATOM   1161 C CE3 . TRP A 1 156 ? 5.022   -7.200  7.267   1.00 20.94 ? 170 TRP A CE3 1 
ATOM   1162 C CZ2 . TRP A 1 156 ? 3.641   -9.365  8.495   1.00 21.73 ? 170 TRP A CZ2 1 
ATOM   1163 C CZ3 . TRP A 1 156 ? 4.345   -8.155  6.512   1.00 22.03 ? 170 TRP A CZ3 1 
ATOM   1164 C CH2 . TRP A 1 156 ? 3.665   -9.224  7.128   1.00 21.19 ? 170 TRP A CH2 1 
ATOM   1165 N N   . PRO A 1 157 ? 6.458   -1.719  9.735   1.00 27.46 ? 171 PRO A N   1 
ATOM   1166 C CA  . PRO A 1 157 ? 7.396   -0.589  9.754   1.00 28.39 ? 171 PRO A CA  1 
ATOM   1167 C C   . PRO A 1 157 ? 8.696   -0.889  10.480  1.00 29.36 ? 171 PRO A C   1 
ATOM   1168 O O   . PRO A 1 157 ? 8.711   -1.573  11.497  1.00 28.36 ? 171 PRO A O   1 
ATOM   1169 C CB  . PRO A 1 157 ? 6.607   0.547   10.413  1.00 26.81 ? 171 PRO A CB  1 
ATOM   1170 C CG  . PRO A 1 157 ? 5.362   -0.075  10.946  1.00 29.25 ? 171 PRO A CG  1 
ATOM   1171 C CD  . PRO A 1 157 ? 5.115   -1.347  10.212  1.00 25.84 ? 171 PRO A CD  1 
ATOM   1172 N N   . SER A 1 158 ? 9.791   -0.379  9.932   1.00 30.80 ? 172 SER A N   1 
ATOM   1173 C CA  . SER A 1 158 ? 11.111  -0.655  10.475  1.00 33.45 ? 172 SER A CA  1 
ATOM   1174 C C   . SER A 1 158 ? 11.331  0.063   11.800  1.00 35.49 ? 172 SER A C   1 
ATOM   1175 O O   . SER A 1 158 ? 11.179  1.283   11.891  1.00 35.64 ? 172 SER A O   1 
ATOM   1176 C CB  . SER A 1 158 ? 12.183  -0.223  9.476   1.00 32.59 ? 172 SER A CB  1 
ATOM   1177 O OG  . SER A 1 158 ? 13.460  -0.229  10.083  1.00 32.79 ? 172 SER A OG  1 
ATOM   1178 N N   . LEU A 1 159 ? 11.701  -0.696  12.827  1.00 35.83 ? 173 LEU A N   1 
ATOM   1179 C CA  . LEU A 1 159 ? 11.994  -0.111  14.129  1.00 36.84 ? 173 LEU A CA  1 
ATOM   1180 C C   . LEU A 1 159 ? 13.408  0.457   14.166  1.00 37.94 ? 173 LEU A C   1 
ATOM   1181 O O   . LEU A 1 159 ? 13.841  0.995   15.186  1.00 37.81 ? 173 LEU A O   1 
ATOM   1182 C CB  . LEU A 1 159 ? 11.820  -1.156  15.231  1.00 35.92 ? 173 LEU A CB  1 
ATOM   1183 C CG  . LEU A 1 159 ? 10.447  -1.234  15.909  1.00 37.14 ? 173 LEU A CG  1 
ATOM   1184 C CD1 . LEU A 1 159 ? 9.387   -0.519  15.085  1.00 33.81 ? 173 LEU A CD1 1 
ATOM   1185 C CD2 . LEU A 1 159 ? 10.090  -2.697  16.119  1.00 35.69 ? 173 LEU A CD2 1 
ATOM   1186 N N   . GLU A 1 160 ? 14.126  0.322   13.056  1.00 39.59 ? 174 GLU A N   1 
ATOM   1187 C CA  . GLU A 1 160 ? 15.369  1.058   12.859  1.00 41.85 ? 174 GLU A CA  1 
ATOM   1188 C C   . GLU A 1 160 ? 15.051  2.492   12.445  1.00 42.50 ? 174 GLU A C   1 
ATOM   1189 O O   . GLU A 1 160 ? 15.893  3.379   12.559  1.00 45.20 ? 174 GLU A O   1 
ATOM   1190 C CB  . GLU A 1 160 ? 16.220  0.400   11.770  1.00 43.70 ? 174 GLU A CB  1 
ATOM   1191 C CG  . GLU A 1 160 ? 16.727  -0.994  12.115  1.00 48.77 ? 174 GLU A CG  1 
ATOM   1192 C CD  . GLU A 1 160 ? 17.766  -1.503  11.122  1.00 50.87 ? 174 GLU A CD  1 
ATOM   1193 O OE1 . GLU A 1 160 ? 18.643  -0.708  10.723  1.00 51.63 ? 174 GLU A OE1 1 
ATOM   1194 O OE2 . GLU A 1 160 ? 17.706  -2.698  10.743  1.00 52.42 ? 174 GLU A OE2 1 
ATOM   1195 N N   . THR A 1 161 ? 13.832  2.707   11.958  1.00 41.88 ? 175 THR A N   1 
ATOM   1196 C CA  . THR A 1 161 ? 13.434  4.001   11.407  1.00 39.79 ? 175 THR A CA  1 
ATOM   1197 C C   . THR A 1 161 ? 12.495  4.764   12.327  1.00 39.48 ? 175 THR A C   1 
ATOM   1198 O O   . THR A 1 161 ? 12.720  5.940   12.622  1.00 40.62 ? 175 THR A O   1 
ATOM   1199 C CB  . THR A 1 161 ? 12.734  3.839   10.033  1.00 39.29 ? 175 THR A CB  1 
ATOM   1200 O OG1 . THR A 1 161 ? 13.703  3.496   9.035   1.00 37.95 ? 175 THR A OG1 1 
ATOM   1201 C CG2 . THR A 1 161 ? 12.024  5.124   9.640   1.00 36.64 ? 175 THR A CG2 1 
ATOM   1202 N N   . PHE A 1 162 ? 11.438  4.097   12.773  1.00 37.51 ? 176 PHE A N   1 
ATOM   1203 C CA  . PHE A 1 162 ? 10.442  4.744   13.610  1.00 38.09 ? 176 PHE A CA  1 
ATOM   1204 C C   . PHE A 1 162 ? 10.711  4.499   15.090  1.00 39.31 ? 176 PHE A C   1 
ATOM   1205 O O   . PHE A 1 162 ? 10.885  3.360   15.528  1.00 39.25 ? 176 PHE A O   1 
ATOM   1206 C CB  . PHE A 1 162 ? 9.043   4.252   13.229  1.00 37.17 ? 176 PHE A CB  1 
ATOM   1207 C CG  . PHE A 1 162 ? 8.660   4.575   11.811  1.00 37.94 ? 176 PHE A CG  1 
ATOM   1208 C CD1 . PHE A 1 162 ? 8.028   5.769   11.507  1.00 35.65 ? 176 PHE A CD1 1 
ATOM   1209 C CD2 . PHE A 1 162 ? 8.954   3.692   10.782  1.00 35.65 ? 176 PHE A CD2 1 
ATOM   1210 C CE1 . PHE A 1 162 ? 7.696   6.080   10.201  1.00 37.55 ? 176 PHE A CE1 1 
ATOM   1211 C CE2 . PHE A 1 162 ? 8.627   3.997   9.474   1.00 36.23 ? 176 PHE A CE2 1 
ATOM   1212 C CZ  . PHE A 1 162 ? 7.995   5.195   9.181   1.00 36.47 ? 176 PHE A CZ  1 
ATOM   1213 N N   . THR A 1 163 ? 10.748  5.588   15.850  1.00 40.61 ? 177 THR A N   1 
ATOM   1214 C CA  . THR A 1 163 ? 11.132  5.545   17.253  1.00 41.63 ? 177 THR A CA  1 
ATOM   1215 C C   . THR A 1 163 ? 10.034  6.126   18.123  1.00 42.48 ? 177 THR A C   1 
ATOM   1216 O O   . THR A 1 163 ? 9.182   6.872   17.647  1.00 42.38 ? 177 THR A O   1 
ATOM   1217 C CB  . THR A 1 163 ? 12.420  6.348   17.497  1.00 43.01 ? 177 THR A CB  1 
ATOM   1218 O OG1 . THR A 1 163 ? 12.240  7.688   17.024  1.00 41.13 ? 177 THR A OG1 1 
ATOM   1219 C CG2 . THR A 1 163 ? 13.599  5.708   16.767  1.00 42.74 ? 177 THR A CG2 1 
ATOM   1220 N N   . ASN A 1 164 ? 10.056  5.770   19.403  1.00 44.51 ? 178 ASN A N   1 
ATOM   1221 C CA  . ASN A 1 164 ? 9.117   6.315   20.370  1.00 44.85 ? 178 ASN A CA  1 
ATOM   1222 C C   . ASN A 1 164 ? 7.676   5.892   20.078  1.00 46.19 ? 178 ASN A C   1 
ATOM   1223 O O   . ASN A 1 164 ? 7.120   5.038   20.772  1.00 47.91 ? 178 ASN A O   1 
ATOM   1224 C CB  . ASN A 1 164 ? 9.216   7.841   20.389  1.00 44.42 ? 178 ASN A CB  1 
ATOM   1225 C CG  . ASN A 1 164 ? 8.347   8.457   21.456  1.00 45.37 ? 178 ASN A CG  1 
ATOM   1226 O OD1 . ASN A 1 164 ? 8.335   7.999   22.600  1.00 46.70 ? 178 ASN A OD1 1 
ATOM   1227 N ND2 . ASN A 1 164 ? 7.603   9.495   21.092  1.00 44.09 ? 178 ASN A ND2 1 
ATOM   1228 N N   . VAL A 1 165 ? 7.063   6.489   19.060  1.00 45.69 ? 179 VAL A N   1 
ATOM   1229 C CA  . VAL A 1 165 ? 5.737   6.052   18.646  1.00 44.40 ? 179 VAL A CA  1 
ATOM   1230 C C   . VAL A 1 165 ? 5.875   4.966   17.583  1.00 44.50 ? 179 VAL A C   1 
ATOM   1231 O O   . VAL A 1 165 ? 6.152   5.251   16.419  1.00 44.97 ? 179 VAL A O   1 
ATOM   1232 C CB  . VAL A 1 165 ? 4.903   7.215   18.075  1.00 44.51 ? 179 VAL A CB  1 
ATOM   1233 C CG1 . VAL A 1 165 ? 3.524   6.709   17.671  1.00 44.49 ? 179 VAL A CG1 1 
ATOM   1234 C CG2 . VAL A 1 165 ? 4.769   8.320   19.113  1.00 45.05 ? 179 VAL A CG2 1 
ATOM   1235 N N   . THR A 1 166 ? 5.687   3.721   18.002  1.00 42.88 ? 180 THR A N   1 
ATOM   1236 C CA  . THR A 1 166 ? 5.896   2.572   17.136  1.00 42.17 ? 180 THR A CA  1 
ATOM   1237 C C   . THR A 1 166 ? 4.606   1.768   16.985  1.00 41.80 ? 180 THR A C   1 
ATOM   1238 O O   . THR A 1 166 ? 4.586   0.719   16.336  1.00 41.69 ? 180 THR A O   1 
ATOM   1239 C CB  . THR A 1 166 ? 6.988   1.650   17.704  1.00 42.41 ? 180 THR A CB  1 
ATOM   1240 O OG1 . THR A 1 166 ? 6.594   1.196   19.005  1.00 42.72 ? 180 THR A OG1 1 
ATOM   1241 C CG2 . THR A 1 166 ? 8.312   2.395   17.812  1.00 42.44 ? 180 THR A CG2 1 
ATOM   1242 N N   . GLU A 1 167 ? 3.533   2.263   17.592  1.00 40.24 ? 181 GLU A N   1 
ATOM   1243 C CA  . GLU A 1 167 ? 2.248   1.583   17.546  1.00 41.24 ? 181 GLU A CA  1 
ATOM   1244 C C   . GLU A 1 167 ? 1.186   2.520   16.981  1.00 40.36 ? 181 GLU A C   1 
ATOM   1245 O O   . GLU A 1 167 ? 1.218   3.722   17.230  1.00 40.26 ? 181 GLU A O   1 
ATOM   1246 C CB  . GLU A 1 167 ? 1.856   1.119   18.950  1.00 42.42 ? 181 GLU A CB  1 
ATOM   1247 C CG  . GLU A 1 167 ? 2.916   0.253   19.618  1.00 46.27 ? 181 GLU A CG  1 
ATOM   1248 C CD  . GLU A 1 167 ? 2.614   -0.032  21.080  1.00 50.79 ? 181 GLU A CD  1 
ATOM   1249 O OE1 . GLU A 1 167 ? 3.562   -0.012  21.899  1.00 53.32 ? 181 GLU A OE1 1 
ATOM   1250 O OE2 . GLU A 1 167 ? 1.434   -0.278  21.409  1.00 51.63 ? 181 GLU A OE2 1 
ATOM   1251 N N   . PHE A 1 168 ? 0.251   1.969   16.214  1.00 40.15 ? 182 PHE A N   1 
ATOM   1252 C CA  . PHE A 1 168 ? -0.730  2.793   15.518  1.00 42.03 ? 182 PHE A CA  1 
ATOM   1253 C C   . PHE A 1 168 ? -1.890  3.203   16.421  1.00 42.95 ? 182 PHE A C   1 
ATOM   1254 O O   . PHE A 1 168 ? -2.381  2.402   17.223  1.00 43.53 ? 182 PHE A O   1 
ATOM   1255 C CB  . PHE A 1 168 ? -1.268  2.049   14.293  1.00 41.22 ? 182 PHE A CB  1 
ATOM   1256 C CG  . PHE A 1 168 ? -0.240  1.825   13.223  1.00 40.89 ? 182 PHE A CG  1 
ATOM   1257 C CD1 . PHE A 1 168 ? -0.005  2.793   12.256  1.00 39.82 ? 182 PHE A CD1 1 
ATOM   1258 C CD2 . PHE A 1 168 ? 0.503   0.655   13.190  1.00 39.54 ? 182 PHE A CD2 1 
ATOM   1259 C CE1 . PHE A 1 168 ? 0.952   2.600   11.277  1.00 38.91 ? 182 PHE A CE1 1 
ATOM   1260 C CE2 . PHE A 1 168 ? 1.462   0.456   12.212  1.00 39.90 ? 182 PHE A CE2 1 
ATOM   1261 C CZ  . PHE A 1 168 ? 1.686   1.431   11.255  1.00 39.37 ? 182 PHE A CZ  1 
ATOM   1262 N N   . GLU A 1 169 ? -2.310  4.458   16.285  1.00 43.30 ? 183 GLU A N   1 
ATOM   1263 C CA  . GLU A 1 169 ? -3.498  4.973   16.960  1.00 43.73 ? 183 GLU A CA  1 
ATOM   1264 C C   . GLU A 1 169 ? -4.730  4.755   16.100  1.00 42.89 ? 183 GLU A C   1 
ATOM   1265 O O   . GLU A 1 169 ? -4.807  5.256   14.981  1.00 42.84 ? 183 GLU A O   1 
ATOM   1266 C CB  . GLU A 1 169 ? -3.362  6.471   17.224  1.00 46.79 ? 183 GLU A CB  1 
ATOM   1267 C CG  . GLU A 1 169 ? -2.456  6.846   18.373  1.00 51.33 ? 183 GLU A CG  1 
ATOM   1268 C CD  . GLU A 1 169 ? -2.826  8.194   18.967  1.00 54.32 ? 183 GLU A CD  1 
ATOM   1269 O OE1 . GLU A 1 169 ? -4.034  8.539   18.950  1.00 53.82 ? 183 GLU A OE1 1 
ATOM   1270 O OE2 . GLU A 1 169 ? -1.909  8.904   19.441  1.00 54.03 ? 183 GLU A OE2 1 
ATOM   1271 N N   . TYR A 1 170 ? -5.700  4.028   16.635  1.00 42.76 ? 184 TYR A N   1 
ATOM   1272 C CA  . TYR A 1 170 ? -6.929  3.739   15.911  1.00 43.73 ? 184 TYR A CA  1 
ATOM   1273 C C   . TYR A 1 170 ? -7.651  5.024   15.506  1.00 46.15 ? 184 TYR A C   1 
ATOM   1274 O O   . TYR A 1 170 ? -8.130  5.146   14.374  1.00 46.16 ? 184 TYR A O   1 
ATOM   1275 C CB  . TYR A 1 170 ? -7.842  2.877   16.783  1.00 41.95 ? 184 TYR A CB  1 
ATOM   1276 C CG  . TYR A 1 170 ? -9.059  2.330   16.073  1.00 42.44 ? 184 TYR A CG  1 
ATOM   1277 C CD1 . TYR A 1 170 ? -10.233 3.067   15.998  1.00 41.90 ? 184 TYR A CD1 1 
ATOM   1278 C CD2 . TYR A 1 170 ? -9.048  1.059   15.513  1.00 40.43 ? 184 TYR A CD2 1 
ATOM   1279 C CE1 . TYR A 1 170 ? -11.361 2.557   15.391  1.00 41.91 ? 184 TYR A CE1 1 
ATOM   1280 C CE2 . TYR A 1 170 ? -10.173 0.537   14.905  1.00 41.31 ? 184 TYR A CE2 1 
ATOM   1281 C CZ  . TYR A 1 170 ? -11.331 1.291   14.847  1.00 41.59 ? 184 TYR A CZ  1 
ATOM   1282 O OH  . TYR A 1 170 ? -12.464 0.777   14.258  1.00 40.36 ? 184 TYR A OH  1 
ATOM   1283 N N   . GLU A 1 171 ? -7.717  5.983   16.428  1.00 47.41 ? 185 GLU A N   1 
ATOM   1284 C CA  . GLU A 1 171 ? -8.513  7.191   16.223  1.00 48.98 ? 185 GLU A CA  1 
ATOM   1285 C C   . GLU A 1 171 ? -7.975  8.008   15.060  1.00 47.73 ? 185 GLU A C   1 
ATOM   1286 O O   . GLU A 1 171 ? -8.744  8.600   14.300  1.00 46.12 ? 185 GLU A O   1 
ATOM   1287 C CB  . GLU A 1 171 ? -8.515  8.056   17.489  1.00 51.72 ? 185 GLU A CB  1 
ATOM   1288 C CG  . GLU A 1 171 ? -9.163  7.394   18.695  1.00 58.52 ? 185 GLU A CG  1 
ATOM   1289 C CD  . GLU A 1 171 ? -8.992  8.207   19.975  1.00 62.80 ? 185 GLU A CD  1 
ATOM   1290 O OE1 . GLU A 1 171 ? -7.835  8.557   20.315  1.00 64.10 ? 185 GLU A OE1 1 
ATOM   1291 O OE2 . GLU A 1 171 ? -10.018 8.492   20.639  1.00 63.06 ? 185 GLU A OE2 1 
ATOM   1292 N N   . ILE A 1 172 ? -6.652  8.040   14.935  1.00 46.04 ? 186 ILE A N   1 
ATOM   1293 C CA  . ILE A 1 172 ? -5.995  8.768   13.858  1.00 44.95 ? 186 ILE A CA  1 
ATOM   1294 C C   . ILE A 1 172 ? -6.318  8.152   12.497  1.00 46.37 ? 186 ILE A C   1 
ATOM   1295 O O   . ILE A 1 172 ? -6.689  8.856   11.553  1.00 46.69 ? 186 ILE A O   1 
ATOM   1296 C CB  . ILE A 1 172 ? -4.466  8.779   14.063  1.00 43.49 ? 186 ILE A CB  1 
ATOM   1297 C CG1 . ILE A 1 172 ? -4.129  9.571   15.330  1.00 42.37 ? 186 ILE A CG1 1 
ATOM   1298 C CG2 . ILE A 1 172 ? -3.777  9.374   12.851  1.00 41.19 ? 186 ILE A CG2 1 
ATOM   1299 C CD1 . ILE A 1 172 ? -2.649  9.656   15.626  1.00 42.12 ? 186 ILE A CD1 1 
ATOM   1300 N N   . LEU A 1 173 ? -6.187  6.834   12.400  1.00 45.63 ? 187 LEU A N   1 
ATOM   1301 C CA  . LEU A 1 173 ? -6.520  6.135   11.168  1.00 45.67 ? 187 LEU A CA  1 
ATOM   1302 C C   . LEU A 1 173 ? -8.009  6.273   10.851  1.00 46.45 ? 187 LEU A C   1 
ATOM   1303 O O   . LEU A 1 173 ? -8.390  6.497   9.698   1.00 44.47 ? 187 LEU A O   1 
ATOM   1304 C CB  . LEU A 1 173 ? -6.144  4.657   11.289  1.00 44.59 ? 187 LEU A CB  1 
ATOM   1305 C CG  . LEU A 1 173 ? -4.791  4.228   10.710  1.00 45.21 ? 187 LEU A CG  1 
ATOM   1306 C CD1 . LEU A 1 173 ? -3.724  5.283   10.946  1.00 43.54 ? 187 LEU A CD1 1 
ATOM   1307 C CD2 . LEU A 1 173 ? -4.399  2.909   11.336  1.00 43.96 ? 187 LEU A CD2 1 
ATOM   1308 N N   . ALA A 1 174 ? -8.847  6.149   11.876  1.00 46.75 ? 188 ALA A N   1 
ATOM   1309 C CA  . ALA A 1 174 ? -10.293 6.248   11.694  1.00 48.50 ? 188 ALA A CA  1 
ATOM   1310 C C   . ALA A 1 174 ? -10.690 7.657   11.261  1.00 49.85 ? 188 ALA A C   1 
ATOM   1311 O O   . ALA A 1 174 ? -11.730 7.854   10.631  1.00 48.56 ? 188 ALA A O   1 
ATOM   1312 C CB  . ALA A 1 174 ? -11.010 5.873   12.987  1.00 46.85 ? 188 ALA A CB  1 
ATOM   1313 N N   . LYS A 1 175 ? -9.852  8.631   11.601  1.00 52.83 ? 189 LYS A N   1 
ATOM   1314 C CA  . LYS A 1 175 ? -10.094 10.021  11.234  1.00 56.07 ? 189 LYS A CA  1 
ATOM   1315 C C   . LYS A 1 175 ? -10.020 10.172  9.716   1.00 57.00 ? 189 LYS A C   1 
ATOM   1316 O O   . LYS A 1 175 ? -10.972 10.627  9.083   1.00 56.92 ? 189 LYS A O   1 
ATOM   1317 C CB  . LYS A 1 175 ? -9.049  10.928  11.895  1.00 57.92 ? 189 LYS A CB  1 
ATOM   1318 C CG  . LYS A 1 175 ? -9.594  12.254  12.416  1.00 60.86 ? 189 LYS A CG  1 
ATOM   1319 C CD  . LYS A 1 175 ? -10.358 13.016  11.342  1.00 63.52 ? 189 LYS A CD  1 
ATOM   1320 C CE  . LYS A 1 175 ? -10.747 14.408  11.820  1.00 63.68 ? 189 LYS A CE  1 
ATOM   1321 N NZ  . LYS A 1 175 ? -9.550  15.251  12.110  1.00 64.94 ? 189 LYS A NZ  1 
ATOM   1322 N N   . ARG A 1 176 ? -8.889  9.778   9.142   1.00 58.31 ? 190 ARG A N   1 
ATOM   1323 C CA  . ARG A 1 176 ? -8.675  9.894   7.706   1.00 60.23 ? 190 ARG A CA  1 
ATOM   1324 C C   . ARG A 1 176 ? -9.633  9.017   6.916   1.00 60.34 ? 190 ARG A C   1 
ATOM   1325 O O   . ARG A 1 176 ? -10.144 9.423   5.874   1.00 61.18 ? 190 ARG A O   1 
ATOM   1326 C CB  . ARG A 1 176 ? -7.238  9.514   7.358   1.00 61.44 ? 190 ARG A CB  1 
ATOM   1327 C CG  . ARG A 1 176 ? -6.310  10.699  7.176   1.00 64.30 ? 190 ARG A CG  1 
ATOM   1328 C CD  . ARG A 1 176 ? -6.499  11.335  5.808   1.00 65.26 ? 190 ARG A CD  1 
ATOM   1329 N NE  . ARG A 1 176 ? -5.244  11.397  5.062   1.00 67.02 ? 190 ARG A NE  1 
ATOM   1330 C CZ  . ARG A 1 176 ? -5.083  10.941  3.823   1.00 68.89 ? 190 ARG A CZ  1 
ATOM   1331 N NH1 . ARG A 1 176 ? -6.101  10.386  3.176   1.00 68.61 ? 190 ARG A NH1 1 
ATOM   1332 N NH2 . ARG A 1 176 ? -3.900  11.039  3.226   1.00 69.63 ? 190 ARG A NH2 1 
ATOM   1333 N N   . LEU A 1 177 ? -9.878  7.812   7.414   1.00 60.65 ? 191 LEU A N   1 
ATOM   1334 C CA  . LEU A 1 177 ? -10.695 6.854   6.687   1.00 61.74 ? 191 LEU A CA  1 
ATOM   1335 C C   . LEU A 1 177 ? -12.155 7.289   6.621   1.00 63.01 ? 191 LEU A C   1 
ATOM   1336 O O   . LEU A 1 177 ? -12.842 7.040   5.626   1.00 63.36 ? 191 LEU A O   1 
ATOM   1337 C CB  . LEU A 1 177 ? -10.594 5.469   7.335   1.00 59.97 ? 191 LEU A CB  1 
ATOM   1338 C CG  . LEU A 1 177 ? -9.194  4.851   7.374   1.00 59.72 ? 191 LEU A CG  1 
ATOM   1339 C CD1 . LEU A 1 177 ? -9.278  3.444   7.939   1.00 57.71 ? 191 LEU A CD1 1 
ATOM   1340 C CD2 . LEU A 1 177 ? -8.597  4.833   5.973   1.00 58.80 ? 191 LEU A CD2 1 
ATOM   1341 N N   . ARG A 1 178 ? -12.632 7.944   7.675   1.00 63.80 ? 192 ARG A N   1 
ATOM   1342 C CA  . ARG A 1 178 ? -14.012 8.410   7.706   1.00 64.73 ? 192 ARG A CA  1 
ATOM   1343 C C   . ARG A 1 178 ? -14.198 9.590   6.757   1.00 65.02 ? 192 ARG A C   1 
ATOM   1344 O O   . ARG A 1 178 ? -15.262 9.753   6.161   1.00 65.41 ? 192 ARG A O   1 
ATOM   1345 C CB  . ARG A 1 178 ? -14.408 8.824   9.123   1.00 65.55 ? 192 ARG A CB  1 
ATOM   1346 C CG  . ARG A 1 178 ? -15.855 9.277   9.242   1.00 66.09 ? 192 ARG A CG  1 
ATOM   1347 C CD  . ARG A 1 178 ? -16.185 9.741   10.654  1.00 66.87 ? 192 ARG A CD  1 
ATOM   1348 N NE  . ARG A 1 178 ? -16.043 8.674   11.643  1.00 66.23 ? 192 ARG A NE  1 
ATOM   1349 C CZ  . ARG A 1 178 ? -15.091 8.635   12.572  1.00 66.62 ? 192 ARG A CZ  1 
ATOM   1350 N NH1 . ARG A 1 178 ? -14.187 9.607   12.642  1.00 65.74 ? 192 ARG A NH1 1 
ATOM   1351 N NH2 . ARG A 1 178 ? -15.047 7.627   13.435  1.00 65.56 ? 192 ARG A NH2 1 
ATOM   1352 N N   . GLU A 1 179 ? -13.158 10.404  6.615   1.00 64.60 ? 193 GLU A N   1 
ATOM   1353 C CA  . GLU A 1 179 ? -13.201 11.539  5.705   1.00 64.67 ? 193 GLU A CA  1 
ATOM   1354 C C   . GLU A 1 179 ? -13.299 11.057  4.264   1.00 64.67 ? 193 GLU A C   1 
ATOM   1355 O O   . GLU A 1 179 ? -14.178 11.481  3.508   1.00 64.78 ? 193 GLU A O   1 
ATOM   1356 C CB  . GLU A 1 179 ? -11.945 12.397  5.867   1.00 65.60 ? 193 GLU A CB  1 
ATOM   1357 C CG  . GLU A 1 179 ? -11.805 13.052  7.230   1.00 68.13 ? 193 GLU A CG  1 
ATOM   1358 C CD  . GLU A 1 179 ? -10.527 13.861  7.360   1.00 69.11 ? 193 GLU A CD  1 
ATOM   1359 O OE1 . GLU A 1 179 ? -9.708  13.835  6.416   1.00 69.87 ? 193 GLU A OE1 1 
ATOM   1360 O OE2 . GLU A 1 179 ? -10.342 14.522  8.403   1.00 69.61 ? 193 GLU A OE2 1 
ATOM   1361 N N   . LEU A 1 180 ? -12.391 10.163  3.890   1.00 63.85 ? 194 LEU A N   1 
ATOM   1362 C CA  . LEU A 1 180 ? -12.301 9.704   2.513   1.00 62.34 ? 194 LEU A CA  1 
ATOM   1363 C C   . LEU A 1 180 ? -13.592 9.024   2.075   1.00 62.51 ? 194 LEU A C   1 
ATOM   1364 O O   . LEU A 1 180 ? -14.018 9.166   0.929   1.00 62.60 ? 194 LEU A O   1 
ATOM   1365 C CB  . LEU A 1 180 ? -11.122 8.745   2.365   1.00 61.33 ? 194 LEU A CB  1 
ATOM   1366 C CG  . LEU A 1 180 ? -9.769  9.345   2.745   1.00 59.48 ? 194 LEU A CG  1 
ATOM   1367 C CD1 . LEU A 1 180 ? -8.703  8.268   2.713   1.00 59.22 ? 194 LEU A CD1 1 
ATOM   1368 C CD2 . LEU A 1 180 ? -9.427  10.469  1.790   1.00 58.31 ? 194 LEU A CD2 1 
ATOM   1369 N N   . SER A 1 181 ? -14.220 8.294   2.992   1.00 62.29 ? 195 SER A N   1 
ATOM   1370 C CA  . SER A 1 181 ? -15.447 7.573   2.671   1.00 63.11 ? 195 SER A CA  1 
ATOM   1371 C C   . SER A 1 181 ? -16.566 8.528   2.275   1.00 63.07 ? 195 SER A C   1 
ATOM   1372 O O   . SER A 1 181 ? -17.417 8.191   1.450   1.00 62.66 ? 195 SER A O   1 
ATOM   1373 C CB  . SER A 1 181 ? -15.900 6.730   3.865   1.00 64.40 ? 195 SER A CB  1 
ATOM   1374 O OG  . SER A 1 181 ? -16.158 7.545   4.993   1.00 66.32 ? 195 SER A OG  1 
ATOM   1375 N N   . PHE A 1 182 ? -16.558 9.719   2.867   1.00 62.37 ? 196 PHE A N   1 
ATOM   1376 C CA  . PHE A 1 182 ? -17.589 10.716  2.603   1.00 62.46 ? 196 PHE A CA  1 
ATOM   1377 C C   . PHE A 1 182 ? -17.338 11.417  1.271   1.00 62.61 ? 196 PHE A C   1 
ATOM   1378 O O   . PHE A 1 182 ? -18.278 11.879  0.621   1.00 61.60 ? 196 PHE A O   1 
ATOM   1379 C CB  . PHE A 1 182 ? -17.634 11.742  3.741   1.00 61.97 ? 196 PHE A CB  1 
ATOM   1380 N N   . LEU A 1 183 ? -16.068 11.491  0.870   1.00 63.52 ? 197 LEU A N   1 
ATOM   1381 C CA  . LEU A 1 183 ? -15.693 12.098  -0.407  1.00 64.56 ? 197 LEU A CA  1 
ATOM   1382 C C   . LEU A 1 183 ? -15.963 11.163  -1.587  1.00 65.72 ? 197 LEU A C   1 
ATOM   1383 O O   . LEU A 1 183 ? -16.287 11.610  -2.688  1.00 66.68 ? 197 LEU A O   1 
ATOM   1384 C CB  . LEU A 1 183 ? -14.212 12.478  -0.400  1.00 63.28 ? 197 LEU A CB  1 
ATOM   1385 C CG  . LEU A 1 183 ? -13.773 13.457  0.684   1.00 61.77 ? 197 LEU A CG  1 
ATOM   1386 C CD1 . LEU A 1 183 ? -12.403 14.015  0.336   1.00 61.59 ? 197 LEU A CD1 1 
ATOM   1387 C CD2 . LEU A 1 183 ? -14.787 14.577  0.794   1.00 62.73 ? 197 LEU A CD2 1 
ATOM   1388 N N   . ASN A 1 184 ? -15.818 9.864   -1.349  1.00 66.18 ? 198 ASN A N   1 
ATOM   1389 C CA  . ASN A 1 184 ? -16.068 8.861   -2.375  1.00 66.46 ? 198 ASN A CA  1 
ATOM   1390 C C   . ASN A 1 184 ? -17.247 8.006   -1.919  1.00 67.54 ? 198 ASN A C   1 
ATOM   1391 O O   . ASN A 1 184 ? -17.072 7.005   -1.221  1.00 67.46 ? 198 ASN A O   1 
ATOM   1392 C CB  . ASN A 1 184 ? -14.819 7.996   -2.563  1.00 65.38 ? 198 ASN A CB  1 
ATOM   1393 C CG  . ASN A 1 184 ? -13.555 8.826   -2.742  1.00 64.78 ? 198 ASN A CG  1 
ATOM   1394 O OD1 . ASN A 1 184 ? -13.210 9.221   -3.854  1.00 65.96 ? 198 ASN A OD1 1 
ATOM   1395 N ND2 . ASN A 1 184 ? -12.861 9.095   -1.643  1.00 63.43 ? 198 ASN A ND2 1 
ATOM   1396 N N   . SER A 1 185 ? -18.448 8.411   -2.318  1.00 68.33 ? 199 SER A N   1 
ATOM   1397 C CA  . SER A 1 185 ? -19.668 7.932   -1.678  1.00 69.65 ? 199 SER A CA  1 
ATOM   1398 C C   . SER A 1 185 ? -19.915 6.444   -1.871  1.00 69.68 ? 199 SER A C   1 
ATOM   1399 O O   . SER A 1 185 ? -20.433 5.775   -0.974  1.00 70.98 ? 199 SER A O   1 
ATOM   1400 C CB  . SER A 1 185 ? -20.879 8.722   -2.188  1.00 70.56 ? 199 SER A CB  1 
ATOM   1401 O OG  . SER A 1 185 ? -20.917 10.020  -1.619  1.00 71.89 ? 199 SER A OG  1 
ATOM   1402 N N   . GLY A 1 186 ? -19.545 5.928   -3.037  1.00 68.82 ? 200 GLY A N   1 
ATOM   1403 C CA  . GLY A 1 186 ? -19.825 4.535   -3.340  1.00 67.53 ? 200 GLY A CA  1 
ATOM   1404 C C   . GLY A 1 186 ? -18.887 3.555   -2.657  1.00 66.36 ? 200 GLY A C   1 
ATOM   1405 O O   . GLY A 1 186 ? -19.227 2.381   -2.491  1.00 65.72 ? 200 GLY A O   1 
ATOM   1406 N N   . VAL A 1 187 ? -17.710 4.030   -2.255  1.00 64.74 ? 201 VAL A N   1 
ATOM   1407 C CA  . VAL A 1 187 ? -16.671 3.142   -1.738  1.00 62.89 ? 201 VAL A CA  1 
ATOM   1408 C C   . VAL A 1 187 ? -16.795 2.900   -0.238  1.00 60.92 ? 201 VAL A C   1 
ATOM   1409 O O   . VAL A 1 187 ? -16.676 3.820   0.570   1.00 60.95 ? 201 VAL A O   1 
ATOM   1410 C CB  . VAL A 1 187 ? -15.253 3.691   -2.040  1.00 62.62 ? 201 VAL A CB  1 
ATOM   1411 C CG1 . VAL A 1 187 ? -15.134 4.013   -3.520  1.00 63.87 ? 201 VAL A CG1 1 
ATOM   1412 C CG2 . VAL A 1 187 ? -14.963 4.919   -1.201  1.00 62.55 ? 201 VAL A CG2 1 
ATOM   1413 N N   . SER A 1 188 ? -17.041 1.645   0.125   1.00 58.26 ? 202 SER A N   1 
ATOM   1414 C CA  . SER A 1 188 ? -17.037 1.239   1.519   1.00 54.67 ? 202 SER A CA  1 
ATOM   1415 C C   . SER A 1 188 ? -15.593 1.160   2.001   1.00 53.09 ? 202 SER A C   1 
ATOM   1416 O O   . SER A 1 188 ? -14.731 0.615   1.313   1.00 52.80 ? 202 SER A O   1 
ATOM   1417 C CB  . SER A 1 188 ? -17.714 -0.124  1.666   1.00 55.63 ? 202 SER A CB  1 
ATOM   1418 O OG  . SER A 1 188 ? -17.688 -0.572  3.009   1.00 56.79 ? 202 SER A OG  1 
ATOM   1419 N N   . ILE A 1 189 ? -15.333 1.725   3.175   1.00 50.83 ? 203 ILE A N   1 
ATOM   1420 C CA  . ILE A 1 189 ? -14.022 1.621   3.802   1.00 48.36 ? 203 ILE A CA  1 
ATOM   1421 C C   . ILE A 1 189 ? -14.163 1.081   5.220   1.00 48.34 ? 203 ILE A C   1 
ATOM   1422 O O   . ILE A 1 189 ? -14.762 1.729   6.079   1.00 48.74 ? 203 ILE A O   1 
ATOM   1423 C CB  . ILE A 1 189 ? -13.317 2.986   3.885   1.00 47.39 ? 203 ILE A CB  1 
ATOM   1424 C CG1 . ILE A 1 189 ? -13.115 3.564   2.488   1.00 46.46 ? 203 ILE A CG1 1 
ATOM   1425 C CG2 . ILE A 1 189 ? -11.974 2.836   4.569   1.00 46.16 ? 203 ILE A CG2 1 
ATOM   1426 C CD1 . ILE A 1 189 ? -12.214 4.780   2.478   1.00 45.98 ? 203 ILE A CD1 1 
ATOM   1427 N N   . ARG A 1 190 ? -13.603 -0.102  5.462   1.00 46.01 ? 204 ARG A N   1 
ATOM   1428 C CA  . ARG A 1 190 ? -13.622 -0.694  6.791   1.00 44.39 ? 204 ARG A CA  1 
ATOM   1429 C C   . ARG A 1 190 ? -12.291 -0.480  7.511   1.00 44.42 ? 204 ARG A C   1 
ATOM   1430 O O   . ARG A 1 190 ? -11.236 -0.395  6.878   1.00 43.05 ? 204 ARG A O   1 
ATOM   1431 C CB  . ARG A 1 190 ? -13.927 -2.188  6.694   1.00 45.33 ? 204 ARG A CB  1 
ATOM   1432 C CG  . ARG A 1 190 ? -15.253 -2.503  6.017   1.00 47.74 ? 204 ARG A CG  1 
ATOM   1433 C CD  . ARG A 1 190 ? -15.533 -3.993  6.016   1.00 50.75 ? 204 ARG A CD  1 
ATOM   1434 N NE  . ARG A 1 190 ? -16.870 -4.296  5.514   1.00 55.34 ? 204 ARG A NE  1 
ATOM   1435 C CZ  . ARG A 1 190 ? -17.982 -4.196  6.238   1.00 56.86 ? 204 ARG A CZ  1 
ATOM   1436 N NH1 . ARG A 1 190 ? -17.921 -3.799  7.503   1.00 58.24 ? 204 ARG A NH1 1 
ATOM   1437 N NH2 . ARG A 1 190 ? -19.155 -4.491  5.698   1.00 56.94 ? 204 ARG A NH2 1 
ATOM   1438 N N   . LEU A 1 191 ? -12.357 -0.372  8.835   1.00 42.80 ? 205 LEU A N   1 
ATOM   1439 C CA  . LEU A 1 191 ? -11.171 -0.328  9.678   1.00 42.60 ? 205 LEU A CA  1 
ATOM   1440 C C   . LEU A 1 191 ? -11.325 -1.357  10.787  1.00 42.63 ? 205 LEU A C   1 
ATOM   1441 O O   . LEU A 1 191 ? -12.312 -1.342  11.520  1.00 44.46 ? 205 LEU A O   1 
ATOM   1442 C CB  . LEU A 1 191 ? -10.994 1.064   10.296  1.00 41.05 ? 205 LEU A CB  1 
ATOM   1443 C CG  . LEU A 1 191 ? -9.835  1.212   11.293  1.00 40.22 ? 205 LEU A CG  1 
ATOM   1444 C CD1 . LEU A 1 191 ? -8.503  1.174   10.557  1.00 38.34 ? 205 LEU A CD1 1 
ATOM   1445 C CD2 . LEU A 1 191 ? -9.978  2.517   12.055  1.00 37.60 ? 205 LEU A CD2 1 
ATOM   1446 N N   . ARG A 1 192 ? -10.354 -2.254  10.902  1.00 42.27 ? 206 ARG A N   1 
ATOM   1447 C CA  . ARG A 1 192 ? -10.379 -3.281  11.935  1.00 42.20 ? 206 ARG A CA  1 
ATOM   1448 C C   . ARG A 1 192 ? -9.125  -3.191  12.796  1.00 42.34 ? 206 ARG A C   1 
ATOM   1449 O O   . ARG A 1 192 ? -8.019  -3.037  12.278  1.00 41.41 ? 206 ARG A O   1 
ATOM   1450 C CB  . ARG A 1 192 ? -10.463 -4.671  11.299  1.00 44.51 ? 206 ARG A CB  1 
ATOM   1451 C CG  . ARG A 1 192 ? -11.877 -5.163  11.027  1.00 48.48 ? 206 ARG A CG  1 
ATOM   1452 C CD  . ARG A 1 192 ? -12.342 -4.852  9.616   1.00 49.94 ? 206 ARG A CD  1 
ATOM   1453 N NE  . ARG A 1 192 ? -12.014 -5.919  8.673   1.00 53.35 ? 206 ARG A NE  1 
ATOM   1454 C CZ  . ARG A 1 192 ? -12.892 -6.800  8.198   1.00 54.03 ? 206 ARG A CZ  1 
ATOM   1455 N NH1 . ARG A 1 192 ? -14.164 -6.750  8.576   1.00 55.65 ? 206 ARG A NH1 1 
ATOM   1456 N NH2 . ARG A 1 192 ? -12.499 -7.729  7.337   1.00 53.61 ? 206 ARG A NH2 1 
ATOM   1457 N N   . ASP A 1 193 ? -9.300  -3.279  14.109  1.00 41.96 ? 207 ASP A N   1 
ATOM   1458 C CA  . ASP A 1 193 ? -8.164  -3.362  15.017  1.00 42.14 ? 207 ASP A CA  1 
ATOM   1459 C C   . ASP A 1 193 ? -8.154  -4.740  15.653  1.00 41.48 ? 207 ASP A C   1 
ATOM   1460 O O   . ASP A 1 193 ? -9.052  -5.074  16.423  1.00 41.35 ? 207 ASP A O   1 
ATOM   1461 C CB  . ASP A 1 193 ? -8.265  -2.290  16.108  1.00 42.96 ? 207 ASP A CB  1 
ATOM   1462 C CG  . ASP A 1 193 ? -6.978  -2.153  16.914  1.00 44.10 ? 207 ASP A CG  1 
ATOM   1463 O OD1 . ASP A 1 193 ? -6.780  -1.096  17.554  1.00 43.29 ? 207 ASP A OD1 1 
ATOM   1464 O OD2 . ASP A 1 193 ? -6.161  -3.101  16.905  1.00 43.34 ? 207 ASP A OD2 1 
ATOM   1465 N N   . LYS A 1 194 ? -7.138  -5.535  15.327  1.00 41.20 ? 208 LYS A N   1 
ATOM   1466 C CA  . LYS A 1 194 ? -7.067  -6.919  15.792  1.00 41.78 ? 208 LYS A CA  1 
ATOM   1467 C C   . LYS A 1 194 ? -6.553  -7.046  17.228  1.00 42.55 ? 208 LYS A C   1 
ATOM   1468 O O   . LYS A 1 194 ? -6.601  -8.129  17.809  1.00 42.68 ? 208 LYS A O   1 
ATOM   1469 C CB  . LYS A 1 194 ? -6.189  -7.746  14.844  1.00 41.99 ? 208 LYS A CB  1 
ATOM   1470 N N   . ARG A 1 195 ? -6.067  -5.947  17.799  1.00 43.50 ? 209 ARG A N   1 
ATOM   1471 C CA  . ARG A 1 195 ? -5.577  -5.960  19.176  1.00 45.25 ? 209 ARG A CA  1 
ATOM   1472 C C   . ARG A 1 195 ? -6.717  -6.063  20.190  1.00 47.42 ? 209 ARG A C   1 
ATOM   1473 O O   . ARG A 1 195 ? -6.579  -6.720  21.227  1.00 47.17 ? 209 ARG A O   1 
ATOM   1474 C CB  . ARG A 1 195 ? -4.755  -4.698  19.473  1.00 44.26 ? 209 ARG A CB  1 
ATOM   1475 C CG  . ARG A 1 195 ? -3.402  -4.644  18.785  1.00 42.09 ? 209 ARG A CG  1 
ATOM   1476 C CD  . ARG A 1 195 ? -3.370  -3.551  17.735  1.00 43.14 ? 209 ARG A CD  1 
ATOM   1477 N NE  . ARG A 1 195 ? -2.540  -2.416  18.126  1.00 41.57 ? 209 ARG A NE  1 
ATOM   1478 C CZ  . ARG A 1 195 ? -2.944  -1.151  18.086  1.00 39.30 ? 209 ARG A CZ  1 
ATOM   1479 N NH1 . ARG A 1 195 ? -4.168  -0.858  17.678  1.00 38.06 ? 209 ARG A NH1 1 
ATOM   1480 N NH2 . ARG A 1 195 ? -2.119  -0.177  18.434  1.00 37.82 ? 209 ARG A NH2 1 
ATOM   1481 N N   . ASP A 1 196 ? -7.839  -5.411  19.899  1.00 48.30 ? 210 ASP A N   1 
ATOM   1482 C CA  . ASP A 1 196 ? -8.948  -5.375  20.847  1.00 49.92 ? 210 ASP A CA  1 
ATOM   1483 C C   . ASP A 1 196 ? -10.278 -5.714  20.189  1.00 51.37 ? 210 ASP A C   1 
ATOM   1484 O O   . ASP A 1 196 ? -11.281 -5.935  20.869  1.00 51.53 ? 210 ASP A O   1 
ATOM   1485 C CB  . ASP A 1 196 ? -9.031  -3.998  21.508  1.00 49.26 ? 210 ASP A CB  1 
ATOM   1486 C CG  . ASP A 1 196 ? -9.219  -2.882  20.505  1.00 50.05 ? 210 ASP A CG  1 
ATOM   1487 O OD1 . ASP A 1 196 ? -9.747  -3.150  19.405  1.00 49.46 ? 210 ASP A OD1 1 
ATOM   1488 O OD2 . ASP A 1 196 ? -8.838  -1.735  20.819  1.00 51.21 ? 210 ASP A OD2 1 
ATOM   1489 N N   . GLY A 1 197 ? -10.283 -5.749  18.861  1.00 52.13 ? 211 GLY A N   1 
ATOM   1490 C CA  . GLY A 1 197 ? -11.448 -6.231  18.146  1.00 52.72 ? 211 GLY A CA  1 
ATOM   1491 C C   . GLY A 1 197 ? -12.382 -5.134  17.679  1.00 53.40 ? 211 GLY A C   1 
ATOM   1492 O O   . GLY A 1 197 ? -13.473 -5.420  17.193  1.00 53.08 ? 211 GLY A O   1 
ATOM   1493 N N   . LYS A 1 198 ? -11.962 -3.880  17.817  1.00 53.97 ? 212 LYS A N   1 
ATOM   1494 C CA  . LYS A 1 198 ? -12.786 -2.771  17.364  1.00 55.56 ? 212 LYS A CA  1 
ATOM   1495 C C   . LYS A 1 198 ? -12.871 -2.735  15.838  1.00 57.61 ? 212 LYS A C   1 
ATOM   1496 O O   . LYS A 1 198 ? -11.871 -2.922  15.144  1.00 58.55 ? 212 LYS A O   1 
ATOM   1497 C CB  . LYS A 1 198 ? -12.232 -1.442  17.883  1.00 54.61 ? 212 LYS A CB  1 
ATOM   1498 C CG  . LYS A 1 198 ? -13.148 -0.262  17.601  1.00 55.73 ? 212 LYS A CG  1 
ATOM   1499 C CD  . LYS A 1 198 ? -12.676 1.019   18.279  1.00 57.36 ? 212 LYS A CD  1 
ATOM   1500 C CE  . LYS A 1 198 ? -13.675 2.152   18.050  1.00 57.99 ? 212 LYS A CE  1 
ATOM   1501 N NZ  . LYS A 1 198 ? -13.212 3.458   18.609  1.00 58.63 ? 212 LYS A NZ  1 
ATOM   1502 N N   . GLU A 1 199 ? -14.077 -2.506  15.328  1.00 59.18 ? 213 GLU A N   1 
ATOM   1503 C CA  . GLU A 1 199 ? -14.308 -2.358  13.896  1.00 60.60 ? 213 GLU A CA  1 
ATOM   1504 C C   . GLU A 1 199 ? -14.991 -1.030  13.605  1.00 61.83 ? 213 GLU A C   1 
ATOM   1505 O O   . GLU A 1 199 ? -15.792 -0.544  14.403  1.00 62.39 ? 213 GLU A O   1 
ATOM   1506 C CB  . GLU A 1 199 ? -15.200 -3.485  13.374  1.00 61.73 ? 213 GLU A CB  1 
ATOM   1507 C CG  . GLU A 1 199 ? -14.474 -4.769  13.029  1.00 65.31 ? 213 GLU A CG  1 
ATOM   1508 C CD  . GLU A 1 199 ? -15.309 -5.685  12.148  1.00 67.19 ? 213 GLU A CD  1 
ATOM   1509 O OE1 . GLU A 1 199 ? -15.142 -5.648  10.906  1.00 67.21 ? 213 GLU A OE1 1 
ATOM   1510 O OE2 . GLU A 1 199 ? -16.137 -6.439  12.702  1.00 68.19 ? 213 GLU A OE2 1 
ATOM   1511 N N   . ASP A 1 200 ? -14.676 -0.447  12.456  1.00 62.04 ? 214 ASP A N   1 
ATOM   1512 C CA  . ASP A 1 200 ? -15.471 0.645   11.923  1.00 62.98 ? 214 ASP A CA  1 
ATOM   1513 C C   . ASP A 1 200 ? -15.771 0.423   10.448  1.00 64.41 ? 214 ASP A C   1 
ATOM   1514 O O   . ASP A 1 200 ? -15.031 -0.267  9.746   1.00 63.90 ? 214 ASP A O   1 
ATOM   1515 C CB  . ASP A 1 200 ? -14.750 1.977   12.124  1.00 63.05 ? 214 ASP A CB  1 
ATOM   1516 C CG  . ASP A 1 200 ? -15.014 2.576   13.495  1.00 63.63 ? 214 ASP A CG  1 
ATOM   1517 O OD1 . ASP A 1 200 ? -14.120 3.265   14.034  1.00 63.29 ? 214 ASP A OD1 1 
ATOM   1518 O OD2 . ASP A 1 200 ? -16.122 2.359   14.033  1.00 62.81 ? 214 ASP A OD2 1 
ATOM   1519 N N   . HIS A 1 201 ? -16.873 0.999   9.988   1.00 65.56 ? 215 HIS A N   1 
ATOM   1520 C CA  . HIS A 1 201 ? -17.308 0.826   8.611   1.00 67.65 ? 215 HIS A CA  1 
ATOM   1521 C C   . HIS A 1 201 ? -17.818 2.154   8.071   1.00 69.05 ? 215 HIS A C   1 
ATOM   1522 O O   . HIS A 1 201 ? -18.912 2.595   8.418   1.00 70.02 ? 215 HIS A O   1 
ATOM   1523 C CB  . HIS A 1 201 ? -18.417 -0.225  8.540   1.00 67.38 ? 215 HIS A CB  1 
ATOM   1524 C CG  . HIS A 1 201 ? -18.966 -0.431  7.165   1.00 68.60 ? 215 HIS A CG  1 
ATOM   1525 N ND1 . HIS A 1 201 ? -20.090 -1.189  6.920   1.00 69.45 ? 215 HIS A ND1 1 
ATOM   1526 C CD2 . HIS A 1 201 ? -18.551 0.024   5.958   1.00 68.81 ? 215 HIS A CD2 1 
ATOM   1527 C CE1 . HIS A 1 201 ? -20.343 -1.193  5.622   1.00 69.18 ? 215 HIS A CE1 1 
ATOM   1528 N NE2 . HIS A 1 201 ? -19.423 -0.464  5.017   1.00 69.31 ? 215 HIS A NE2 1 
ATOM   1529 N N   . PHE A 1 202 ? -17.026 2.787   7.217   1.00 70.19 ? 216 PHE A N   1 
ATOM   1530 C CA  . PHE A 1 202 ? -17.359 4.111   6.721   1.00 71.33 ? 216 PHE A CA  1 
ATOM   1531 C C   . PHE A 1 202 ? -17.936 4.047   5.313   1.00 72.93 ? 216 PHE A C   1 
ATOM   1532 O O   . PHE A 1 202 ? -17.201 3.930   4.331   1.00 73.05 ? 216 PHE A O   1 
ATOM   1533 C CB  . PHE A 1 202 ? -16.115 4.995   6.740   1.00 70.43 ? 216 PHE A CB  1 
ATOM   1534 C CG  . PHE A 1 202 ? -15.366 4.947   8.040   1.00 71.71 ? 216 PHE A CG  1 
ATOM   1535 C CD1 . PHE A 1 202 ? -16.041 5.049   9.246   1.00 71.82 ? 216 PHE A CD1 1 
ATOM   1536 C CD2 . PHE A 1 202 ? -13.990 4.800   8.059   1.00 71.16 ? 216 PHE A CD2 1 
ATOM   1537 C CE1 . PHE A 1 202 ? -15.355 5.006   10.446  1.00 71.83 ? 216 PHE A CE1 1 
ATOM   1538 C CE2 . PHE A 1 202 ? -13.300 4.757   9.257   1.00 71.27 ? 216 PHE A CE2 1 
ATOM   1539 C CZ  . PHE A 1 202 ? -13.983 4.861   10.451  1.00 71.59 ? 216 PHE A CZ  1 
ATOM   1540 N N   . HIS A 1 203 ? -19.261 4.116   5.223   1.00 74.54 ? 217 HIS A N   1 
ATOM   1541 C CA  . HIS A 1 203 ? -19.943 4.137   3.936   1.00 76.25 ? 217 HIS A CA  1 
ATOM   1542 C C   . HIS A 1 203 ? -21.114 5.119   3.955   1.00 76.65 ? 217 HIS A C   1 
ATOM   1543 O O   . HIS A 1 203 ? -21.602 5.435   5.063   1.00 76.70 ? 217 HIS A O   1 
ATOM   1544 C CB  . HIS A 1 203 ? -20.448 2.734   3.593   1.00 76.97 ? 217 HIS A CB  1 
ATOM   1545 C CG  . HIS A 1 203 ? -21.110 2.642   2.255   1.00 78.39 ? 217 HIS A CG  1 
ATOM   1546 N ND1 . HIS A 1 203 ? -22.331 2.029   2.068   1.00 79.21 ? 217 HIS A ND1 1 
ATOM   1547 C CD2 . HIS A 1 203 ? -20.727 3.095   1.038   1.00 78.64 ? 217 HIS A CD2 1 
ATOM   1548 C CE1 . HIS A 1 203 ? -22.672 2.110   0.795   1.00 79.16 ? 217 HIS A CE1 1 
ATOM   1549 N NE2 . HIS A 1 203 ? -21.716 2.753   0.148   1.00 79.09 ? 217 HIS A NE2 1 
ATOM   1550 O OXT . HIS A 1 203 ? -21.538 5.553   2.861   1.00 77.03 ? 217 HIS A OXT 1 
HETATM 1551 O O1  . B46 B 2 .   ? -0.412  0.410   -3.765  1.00 24.35 ? 1   B46 A O1  1 
HETATM 1552 C C2  . B46 B 2 .   ? -0.791  -0.622  -3.205  1.00 28.46 ? 1   B46 A C2  1 
HETATM 1553 N N3  . B46 B 2 .   ? -2.116  -0.848  -3.000  1.00 25.69 ? 1   B46 A N3  1 
HETATM 1554 C C4  . B46 B 2 .   ? -3.120  0.134   -3.441  1.00 27.61 ? 1   B46 A C4  1 
HETATM 1555 C C5  . B46 B 2 .   ? -3.636  -0.238  -4.805  1.00 28.63 ? 1   B46 A C5  1 
HETATM 1556 C C6  . B46 B 2 .   ? -3.165  0.210   -6.007  1.00 28.36 ? 1   B46 A C6  1 
HETATM 1557 C C7  . B46 B 2 .   ? -3.956  -0.404  -7.014  1.00 28.06 ? 1   B46 A C7  1 
HETATM 1558 N N8  . B46 B 2 .   ? -4.844  -1.173  -6.408  1.00 25.34 ? 1   B46 A N8  1 
HETATM 1559 N N9  . B46 B 2 .   ? -4.659  -1.081  -5.038  1.00 25.20 ? 1   B46 A N9  1 
HETATM 1560 C C11 . B46 B 2 .   ? -3.878  -0.272  -8.490  1.00 26.51 ? 1   B46 A C11 1 
HETATM 1561 S S12 . B46 B 2 .   ? -4.728  -1.367  -9.542  1.00 27.95 ? 1   B46 A S12 1 
HETATM 1562 C C13 . B46 B 2 .   ? -4.131  -0.552  -10.959 1.00 26.93 ? 1   B46 A C13 1 
HETATM 1563 N N14 . B46 B 2 .   ? -3.366  0.445   -10.596 1.00 27.80 ? 1   B46 A N14 1 
HETATM 1564 C C15 . B46 B 2 .   ? -3.194  0.643   -9.292  1.00 28.40 ? 1   B46 A C15 1 
HETATM 1565 N N16 . B46 B 2 .   ? -2.378  1.693   -8.786  1.00 29.22 ? 1   B46 A N16 1 
HETATM 1566 C C17 . B46 B 2 .   ? -1.230  2.006   -9.690  1.00 29.51 ? 1   B46 A C17 1 
HETATM 1567 C C18 . B46 B 2 .   ? -0.241  2.964   -8.980  1.00 28.69 ? 1   B46 A C18 1 
HETATM 1568 C C19 . B46 B 2 .   ? -0.985  4.231   -8.496  1.00 27.95 ? 1   B46 A C19 1 
HETATM 1569 C C20 . B46 B 2 .   ? -2.208  3.854   -7.620  1.00 28.96 ? 1   B46 A C20 1 
HETATM 1570 C C21 . B46 B 2 .   ? -3.144  2.918   -8.421  1.00 30.37 ? 1   B46 A C21 1 
HETATM 1571 C C22 . B46 B 2 .   ? -4.472  -0.965  -12.343 1.00 27.39 ? 1   B46 A C22 1 
HETATM 1572 C C23 . B46 B 2 .   ? -4.241  -0.110  -13.462 1.00 27.10 ? 1   B46 A C23 1 
HETATM 1573 C C24 . B46 B 2 .   ? -4.590  -0.564  -14.755 1.00 26.51 ? 1   B46 A C24 1 
HETATM 1574 C C25 . B46 B 2 .   ? -5.154  -1.844  -14.907 1.00 28.60 ? 1   B46 A C25 1 
HETATM 1575 N N26 . B46 B 2 .   ? -5.360  -2.633  -13.831 1.00 28.52 ? 1   B46 A N26 1 
HETATM 1576 C C27 . B46 B 2 .   ? -5.046  -2.248  -12.582 1.00 26.68 ? 1   B46 A C27 1 
HETATM 1577 O O28 . B46 B 2 .   ? 0.105   -1.549  -2.786  1.00 27.96 ? 1   B46 A O28 1 
HETATM 1578 C C29 . B46 B 2 .   ? 1.525   -1.218  -2.853  1.00 28.03 ? 1   B46 A C29 1 
HETATM 1579 C C30 . B46 B 2 .   ? 2.027   -0.901  -1.503  1.00 26.07 ? 1   B46 A C30 1 
HETATM 1580 C C31 . B46 B 2 .   ? 2.426   -0.649  -0.432  1.00 27.15 ? 1   B46 A C31 1 
HETATM 1581 O O   . HOH C 3 .   ? 3.574   -21.937 -9.185  1.00 14.15 ? 401 HOH A O   1 
HETATM 1582 O O   . HOH C 3 .   ? -11.855 -6.656  -8.192  1.00 29.39 ? 402 HOH A O   1 
HETATM 1583 O O   . HOH C 3 .   ? -6.655  -5.176  5.681   1.00 30.08 ? 403 HOH A O   1 
HETATM 1584 O O   . HOH C 3 .   ? 6.418   4.412   -5.182  1.00 32.09 ? 404 HOH A O   1 
HETATM 1585 O O   . HOH C 3 .   ? -3.841  -2.567  -1.561  1.00 25.14 ? 406 HOH A O   1 
HETATM 1586 O O   . HOH C 3 .   ? 7.236   7.324   15.191  1.00 34.96 ? 407 HOH A O   1 
HETATM 1587 O O   . HOH C 3 .   ? -6.367  -3.462  -6.995  1.00 29.79 ? 408 HOH A O   1 
HETATM 1588 O O   . HOH C 3 .   ? 5.942   -0.280  -16.178 1.00 22.96 ? 409 HOH A O   1 
HETATM 1589 O O   . HOH C 3 .   ? 10.312  -3.820  2.769   1.00 21.18 ? 410 HOH A O   1 
HETATM 1590 O O   . HOH C 3 .   ? 4.759   -0.550  13.735  1.00 33.09 ? 411 HOH A O   1 
HETATM 1591 O O   . HOH C 3 .   ? 0.975   8.700   -14.875 1.00 41.90 ? 412 HOH A O   1 
HETATM 1592 O O   . HOH C 3 .   ? -9.566  -8.556  -1.156  1.00 44.25 ? 413 HOH A O   1 
HETATM 1593 O O   . HOH C 3 .   ? 14.052  -0.070  6.495   1.00 35.17 ? 414 HOH A O   1 
HETATM 1594 O O   . HOH C 3 .   ? -8.064  -7.456  -13.267 1.00 31.59 ? 415 HOH A O   1 
HETATM 1595 O O   . HOH C 3 .   ? 11.868  12.699  11.731  1.00 32.78 ? 416 HOH A O   1 
HETATM 1596 O O   . HOH C 3 .   ? 14.395  -3.692  -13.164 1.00 30.70 ? 417 HOH A O   1 
HETATM 1597 O O   . HOH C 3 .   ? 6.628   -8.165  -11.320 1.00 29.79 ? 418 HOH A O   1 
HETATM 1598 O O   . HOH C 3 .   ? -12.418 -4.884  -9.825  1.00 30.64 ? 419 HOH A O   1 
HETATM 1599 O O   . HOH C 3 .   ? -8.768  -2.750  -17.251 1.00 36.85 ? 421 HOH A O   1 
HETATM 1600 O O   . HOH C 3 .   ? -8.486  -13.216 -10.789 1.00 29.93 ? 422 HOH A O   1 
HETATM 1601 O O   . HOH C 3 .   ? 7.789   -14.038 -4.517  1.00 29.86 ? 423 HOH A O   1 
HETATM 1602 O O   . HOH C 3 .   ? -0.288  -7.057  -16.253 1.00 27.66 ? 425 HOH A O   1 
HETATM 1603 O O   . HOH C 3 .   ? -5.831  -1.379  -19.493 1.00 41.57 ? 426 HOH A O   1 
HETATM 1604 O O   . HOH C 3 .   ? 6.784   -2.543  13.308  1.00 45.85 ? 427 HOH A O   1 
HETATM 1605 O O   . HOH C 3 .   ? 9.158   -9.790  -10.574 1.00 43.63 ? 429 HOH A O   1 
HETATM 1606 O O   . HOH C 3 .   ? 14.886  0.116   -5.358  1.00 29.61 ? 430 HOH A O   1 
HETATM 1607 O O   . HOH C 3 .   ? -0.307  -13.463 -14.581 1.00 43.55 ? 431 HOH A O   1 
HETATM 1608 O O   . HOH C 3 .   ? 9.165   -12.659 -2.948  1.00 34.70 ? 432 HOH A O   1 
HETATM 1609 O O   . HOH C 3 .   ? 5.252   -11.008 -13.725 1.00 39.23 ? 433 HOH A O   1 
HETATM 1610 O O   . HOH C 3 .   ? 13.108  8.408   -9.193  1.00 37.93 ? 434 HOH A O   1 
HETATM 1611 O O   . HOH C 3 .   ? -5.067  -22.459 -5.575  1.00 33.04 ? 436 HOH A O   1 
HETATM 1612 O O   . HOH C 3 .   ? 12.316  1.713   17.272  1.00 44.14 ? 437 HOH A O   1 
HETATM 1613 O O   . HOH C 3 .   ? 15.846  4.692   8.449   1.00 37.93 ? 438 HOH A O   1 
HETATM 1614 O O   . HOH C 3 .   ? -13.911 6.388   16.001  1.00 47.13 ? 439 HOH A O   1 
HETATM 1615 O O   . HOH C 3 .   ? -13.682 12.289  -3.390  1.00 55.39 ? 440 HOH A O   1 
HETATM 1616 O O   . HOH C 3 .   ? 6.363   8.472   13.156  1.00 32.74 ? 441 HOH A O   1 
HETATM 1617 O O   . HOH C 3 .   ? -6.103  3.003   -13.877 1.00 55.33 ? 442 HOH A O   1 
HETATM 1618 O O   . HOH C 3 .   ? -3.221  2.880   -12.430 1.00 23.18 ? 443 HOH A O   1 
HETATM 1619 O O   . HOH C 3 .   ? 8.588   -6.550  -13.154 1.00 33.48 ? 444 HOH A O   1 
HETATM 1620 O O   . HOH C 3 .   ? -7.256  -8.397  -2.162  1.00 28.49 ? 446 HOH A O   1 
HETATM 1621 O O   . HOH C 3 .   ? -7.356  4.941   19.610  1.00 40.05 ? 447 HOH A O   1 
HETATM 1622 O O   . HOH C 3 .   ? 12.536  -3.265  12.270  1.00 41.37 ? 449 HOH A O   1 
HETATM 1623 O O   . HOH C 3 .   ? -1.597  -8.301  -18.938 1.00 36.42 ? 450 HOH A O   1 
HETATM 1624 O O   . HOH C 3 .   ? -2.273  -1.898  -23.035 1.00 39.50 ? 451 HOH A O   1 
HETATM 1625 O O   . HOH C 3 .   ? 16.881  -6.600  2.965   1.00 34.60 ? 452 HOH A O   1 
HETATM 1626 O O   . HOH C 3 .   ? -9.252  0.008   18.796  1.00 52.89 ? 453 HOH A O   1 
HETATM 1627 O O   . HOH C 3 .   ? 14.336  -10.921 -6.661  1.00 44.07 ? 454 HOH A O   1 
HETATM 1628 O O   . HOH C 3 .   ? -7.853  -5.688  -15.082 1.00 34.86 ? 455 HOH A O   1 
HETATM 1629 O O   . HOH C 3 .   ? -13.132 -10.052 -6.803  1.00 29.81 ? 456 HOH A O   1 
HETATM 1630 O O   . HOH C 3 .   ? -8.224  -9.979  -14.023 1.00 32.82 ? 457 HOH A O   1 
HETATM 1631 O O   . HOH C 3 .   ? -18.523 5.774   1.428   1.00 63.53 ? 458 HOH A O   1 
HETATM 1632 O O   . HOH C 3 .   ? 7.596   2.134   -16.665 1.00 42.46 ? 459 HOH A O   1 
HETATM 1633 O O   . HOH C 3 .   ? -6.736  1.022   -17.731 1.00 39.76 ? 460 HOH A O   1 
HETATM 1634 O O   . HOH C 3 .   ? -10.421 -4.709  -16.208 1.00 41.38 ? 461 HOH A O   1 
HETATM 1635 O O   . HOH C 3 .   ? -4.527  -7.947  -18.825 1.00 39.06 ? 462 HOH A O   1 
HETATM 1636 O O   . HOH C 3 .   ? 0.124   -21.582 -11.487 1.00 44.36 ? 463 HOH A O   1 
HETATM 1637 O O   . HOH C 3 .   ? -6.771  -20.099 -12.355 1.00 39.29 ? 464 HOH A O   1 
HETATM 1638 O O   . HOH C 3 .   ? 5.228   3.522   -20.329 1.00 38.04 ? 465 HOH A O   1 
HETATM 1639 O O   . HOH C 3 .   ? 14.784  -2.370  -4.181  1.00 53.24 ? 466 HOH A O   1 
HETATM 1640 O O   . HOH C 3 .   ? -10.640 10.700  -2.178  1.00 49.38 ? 467 HOH A O   1 
HETATM 1641 O O   . HOH C 3 .   ? 1.982   -11.559 -16.916 1.00 34.14 ? 468 HOH A O   1 
HETATM 1642 O O   . HOH C 3 .   ? 16.381  -2.814  -12.093 1.00 46.59 ? 469 HOH A O   1 
HETATM 1643 O O   . HOH C 3 .   ? 14.741  5.223   -7.179  1.00 35.92 ? 470 HOH A O   1 
HETATM 1644 O O   . HOH C 3 .   ? 3.083   5.095   -5.337  1.00 27.41 ? 471 HOH A O   1 
HETATM 1645 O O   . HOH C 3 .   ? 14.071  11.638  10.959  1.00 47.48 ? 472 HOH A O   1 
HETATM 1646 O O   . HOH C 3 .   ? 11.437  3.378   20.724  1.00 40.80 ? 474 HOH A O   1 
HETATM 1647 O O   . HOH C 3 .   ? 10.522  -6.291  -7.515  1.00 35.87 ? 476 HOH A O   1 
HETATM 1648 O O   . HOH C 3 .   ? -5.259  3.088   19.491  1.00 35.21 ? 477 HOH A O   1 
HETATM 1649 O O   . HOH C 3 .   ? 6.796   8.778   -12.015 1.00 53.71 ? 478 HOH A O   1 
HETATM 1650 O O   . HOH C 3 .   ? 5.819   -15.196 -11.800 1.00 38.68 ? 479 HOH A O   1 
HETATM 1651 O O   . HOH C 3 .   ? 15.016  1.280   8.467   1.00 38.60 ? 480 HOH A O   1 
HETATM 1652 O O   . HOH C 3 .   ? 4.010   3.484   20.657  1.00 42.01 ? 481 HOH A O   1 
HETATM 1653 O O   . HOH C 3 .   ? 5.454   -20.208 -7.154  1.00 36.49 ? 482 HOH A O   1 
HETATM 1654 O O   . HOH C 3 .   ? 0.509   -1.230  -27.191 1.00 35.86 ? 483 HOH A O   1 
HETATM 1655 O O   . HOH C 3 .   ? -15.308 13.879  3.700   1.00 45.08 ? 484 HOH A O   1 
HETATM 1656 O O   . HOH C 3 .   ? -1.287  8.435   -21.993 1.00 44.21 ? 485 HOH A O   1 
HETATM 1657 O O   . HOH C 3 .   ? -9.918  -0.707  -19.003 1.00 48.61 ? 486 HOH A O   1 
HETATM 1658 O O   . HOH C 3 .   ? 14.813  12.991  -4.136  1.00 53.77 ? 487 HOH A O   1 
HETATM 1659 O O   . HOH C 3 .   ? -11.339 -9.131  -4.117  1.00 37.12 ? 488 HOH A O   1 
HETATM 1660 O O   . HOH C 3 .   ? 4.491   -24.279 -10.708 1.00 38.90 ? 489 HOH A O   1 
HETATM 1661 O O   . HOH C 3 .   ? -11.274 -17.544 -5.788  1.00 58.65 ? 490 HOH A O   1 
HETATM 1662 O O   . HOH C 3 .   ? 13.282  -1.098  -10.427 1.00 47.92 ? 491 HOH A O   1 
HETATM 1663 O O   . HOH C 3 .   ? -0.088  -2.171  20.324  1.00 49.77 ? 492 HOH A O   1 
HETATM 1664 O O   . HOH C 3 .   ? 0.526   7.204   -2.445  1.00 35.22 ? 493 HOH A O   1 
HETATM 1665 O O   . HOH C 3 .   ? 7.084   2.275   21.714  1.00 54.78 ? 494 HOH A O   1 
HETATM 1666 O O   . HOH C 3 .   ? -5.135  -9.934  -3.147  1.00 36.91 ? 495 HOH A O   1 
HETATM 1667 O O   . HOH C 3 .   ? 22.557  12.013  6.302   1.00 66.97 ? 497 HOH A O   1 
HETATM 1668 O O   . HOH C 3 .   ? 0.625   -22.157 -8.977  1.00 53.69 ? 498 HOH A O   1 
HETATM 1669 O O   . HOH C 3 .   ? -18.798 2.747   11.851  1.00 46.23 ? 499 HOH A O   1 
HETATM 1670 O O   . HOH C 3 .   ? 11.193  1.245   -16.610 1.00 45.00 ? 500 HOH A O   1 
HETATM 1671 O O   . HOH C 3 .   ? -15.265 2.425   -7.617  1.00 47.57 ? 501 HOH A O   1 
HETATM 1672 O O   . HOH C 3 .   ? 13.340  8.558   14.895  1.00 46.59 ? 502 HOH A O   1 
HETATM 1673 O O   . HOH C 3 .   ? 2.248   -11.480 -14.548 1.00 37.99 ? 503 HOH A O   1 
HETATM 1674 O O   . HOH C 3 .   ? -7.567  -8.219  -17.263 1.00 39.18 ? 504 HOH A O   1 
HETATM 1675 O O   . HOH C 3 .   ? 1.165   -22.866 -4.510  1.00 36.47 ? 505 HOH A O   1 
HETATM 1676 O O   . HOH C 3 .   ? 16.227  -1.346  -7.079  1.00 37.88 ? 506 HOH A O   1 
HETATM 1677 O O   . HOH C 3 .   ? 0.275   -16.458 -15.269 1.00 41.39 ? 507 HOH A O   1 
HETATM 1678 O O   . HOH C 3 .   ? 12.976  -5.427  -8.293  1.00 48.87 ? 508 HOH A O   1 
HETATM 1679 O O   . HOH C 3 .   ? 15.439  12.181  8.713   1.00 37.08 ? 509 HOH A O   1 
# 
loop_
_pdbx_poly_seq_scheme.asym_id 
_pdbx_poly_seq_scheme.entity_id 
_pdbx_poly_seq_scheme.seq_id 
_pdbx_poly_seq_scheme.mon_id 
_pdbx_poly_seq_scheme.ndb_seq_num 
_pdbx_poly_seq_scheme.pdb_seq_num 
_pdbx_poly_seq_scheme.auth_seq_num 
_pdbx_poly_seq_scheme.pdb_mon_id 
_pdbx_poly_seq_scheme.auth_mon_id 
_pdbx_poly_seq_scheme.pdb_strand_id 
_pdbx_poly_seq_scheme.pdb_ins_code 
_pdbx_poly_seq_scheme.hetero 
A 1 1   GLY 1   15  15  GLY GLY A . n 
A 1 2   LEU 2   16  16  LEU LEU A . n 
A 1 3   ASP 3   17  17  ASP ASP A . n 
A 1 4   ALA 4   18  18  ALA ALA A . n 
A 1 5   VAL 5   19  19  VAL VAL A . n 
A 1 6   ARG 6   20  20  ARG ARG A . n 
A 1 7   LYS 7   21  21  LYS LYS A . n 
A 1 8   ARG 8   22  22  ARG ARG A . n 
A 1 9   PRO 9   23  23  PRO PRO A . n 
A 1 10  GLY 10  24  24  GLY GLY A . n 
A 1 11  MET 11  25  25  MET MET A . n 
A 1 12  TYR 12  26  26  TYR TYR A . n 
A 1 13  ILE 13  27  27  ILE ILE A . n 
A 1 14  GLY 14  28  28  GLY GLY A . n 
A 1 15  ASP 15  29  29  ASP ASP A . n 
A 1 16  THR 16  30  30  THR THR A . n 
A 1 17  ASP 17  31  31  ASP ASP A . n 
A 1 18  ASP 18  32  32  ASP ASP A . n 
A 1 19  GLY 19  33  33  GLY GLY A . n 
A 1 20  THR 20  34  34  THR THR A . n 
A 1 21  GLY 21  35  35  GLY GLY A . n 
A 1 22  LEU 22  36  36  LEU LEU A . n 
A 1 23  HIS 23  37  37  HIS HIS A . n 
A 1 24  HIS 24  38  38  HIS HIS A . n 
A 1 25  MET 25  39  39  MET MET A . n 
A 1 26  VAL 26  40  40  VAL VAL A . n 
A 1 27  PHE 27  41  41  PHE PHE A . n 
A 1 28  GLU 28  42  42  GLU GLU A . n 
A 1 29  VAL 29  43  43  VAL VAL A . n 
A 1 30  VAL 30  44  44  VAL VAL A . n 
A 1 31  ASP 31  45  45  ASP ASP A . n 
A 1 32  ASN 32  46  46  ASN ASN A . n 
A 1 33  ALA 33  47  47  ALA ALA A . n 
A 1 34  ILE 34  48  48  ILE ILE A . n 
A 1 35  ASP 35  49  49  ASP ASP A . n 
A 1 36  GLU 36  50  50  GLU GLU A . n 
A 1 37  ALA 37  51  51  ALA ALA A . n 
A 1 38  LEU 38  52  52  LEU LEU A . n 
A 1 39  ALA 39  53  53  ALA ALA A . n 
A 1 40  GLY 40  54  54  GLY GLY A . n 
A 1 41  HIS 41  55  55  HIS HIS A . n 
A 1 42  CYS 42  56  56  CYS CYS A . n 
A 1 43  LYS 43  57  57  LYS ALA A . n 
A 1 44  GLU 44  58  58  GLU GLU A . n 
A 1 45  ILE 45  59  59  ILE ILE A . n 
A 1 46  ILE 46  60  60  ILE ILE A . n 
A 1 47  VAL 47  61  61  VAL VAL A . n 
A 1 48  THR 48  62  62  THR THR A . n 
A 1 49  ILE 49  63  63  ILE ILE A . n 
A 1 50  HIS 50  64  64  HIS HIS A . n 
A 1 51  ALA 51  65  65  ALA ALA A . n 
A 1 52  ASP 52  66  66  ASP ASP A . n 
A 1 53  ASN 53  67  67  ASN ASN A . n 
A 1 54  SER 54  68  68  SER SER A . n 
A 1 55  VAL 55  69  69  VAL VAL A . n 
A 1 56  SER 56  70  70  SER SER A . n 
A 1 57  VAL 57  71  71  VAL VAL A . n 
A 1 58  GLN 58  72  72  GLN GLN A . n 
A 1 59  ASP 59  73  73  ASP ASP A . n 
A 1 60  ASP 60  74  74  ASP ASP A . n 
A 1 61  GLY 61  75  75  GLY GLY A . n 
A 1 62  ARG 62  76  76  ARG ARG A . n 
A 1 63  GLY 63  77  77  GLY GLY A . n 
A 1 64  ILE 64  78  78  ILE ILE A . n 
A 1 65  PRO 65  79  79  PRO PRO A . n 
A 1 66  THR 66  80  80  THR THR A . n 
A 1 67  GLY 67  81  81  GLY GLY A . n 
A 1 68  ILE 68  82  82  ILE ILE A . n 
A 1 69  HIS 69  83  83  HIS HIS A . n 
A 1 70  PRO 70  84  84  PRO PRO A . n 
A 1 71  GLU 71  85  85  GLU GLU A . n 
A 1 72  GLU 72  86  86  GLU GLU A . n 
A 1 73  GLY 73  87  87  GLY GLY A . n 
A 1 74  VAL 74  88  88  VAL VAL A . n 
A 1 75  SER 75  89  89  SER SER A . n 
A 1 76  ALA 76  90  90  ALA ALA A . n 
A 1 77  ALA 77  91  91  ALA ALA A . n 
A 1 78  GLU 78  92  92  GLU GLU A . n 
A 1 79  VAL 79  93  93  VAL VAL A . n 
A 1 80  ILE 80  94  94  ILE ILE A . n 
A 1 81  MET 81  95  95  MET MET A . n 
A 1 82  THR 82  96  96  THR THR A . n 
A 1 83  VAL 83  97  97  VAL VAL A . n 
A 1 84  LEU 84  98  98  LEU LEU A . n 
A 1 85  HIS 85  99  99  HIS HIS A . n 
A 1 86  ALA 86  100 100 ALA ALA A . n 
A 1 87  GLY 87  101 101 GLY GLY A . n 
A 1 88  GLY 88  102 102 GLY GLY A . n 
A 1 89  LYS 89  103 103 LYS ALA A . n 
A 1 90  PHE 90  104 104 PHE PHE A . n 
A 1 91  ASP 91  105 105 ASP ASP A . n 
A 1 92  ASP 92  106 106 ASP ASP A . n 
A 1 93  ASN 93  107 107 ASN ASN A . n 
A 1 94  SER 94  108 108 SER SER A . n 
A 1 95  TYR 95  109 109 TYR TYR A . n 
A 1 96  LYS 96  110 110 LYS LYS A . n 
A 1 97  VAL 97  111 111 VAL VAL A . n 
A 1 98  SER 98  112 112 SER SER A . n 
A 1 99  GLY 99  113 113 GLY GLY A . n 
A 1 100 GLY 100 114 114 GLY GLY A . n 
A 1 101 LEU 101 115 115 LEU LEU A . n 
A 1 102 HIS 102 116 116 HIS HIS A . n 
A 1 103 GLY 103 117 117 GLY GLY A . n 
A 1 104 VAL 104 118 118 VAL VAL A . n 
A 1 105 GLY 105 119 119 GLY GLY A . n 
A 1 106 VAL 106 120 120 VAL VAL A . n 
A 1 107 SER 107 121 121 SER SER A . n 
A 1 108 VAL 108 122 122 VAL VAL A . n 
A 1 109 VAL 109 123 123 VAL VAL A . n 
A 1 110 ASN 110 124 124 ASN ASN A . n 
A 1 111 ALA 111 125 125 ALA ALA A . n 
A 1 112 LEU 112 126 126 LEU LEU A . n 
A 1 113 SER 113 127 127 SER SER A . n 
A 1 114 GLN 114 128 128 GLN GLN A . n 
A 1 115 LYS 115 129 129 LYS LYS A . n 
A 1 116 LEU 116 130 130 LEU LEU A . n 
A 1 117 GLU 117 131 131 GLU GLU A . n 
A 1 118 LEU 118 132 132 LEU LEU A . n 
A 1 119 VAL 119 133 133 VAL VAL A . n 
A 1 120 ILE 120 134 134 ILE ILE A . n 
A 1 121 GLN 121 135 135 GLN GLN A . n 
A 1 122 ARG 122 136 136 ARG ARG A . n 
A 1 123 GLU 123 137 137 GLU GLU A . n 
A 1 124 GLY 124 138 138 GLY GLY A . n 
A 1 125 LYS 125 139 139 LYS LYS A . n 
A 1 126 ILE 126 140 140 ILE ILE A . n 
A 1 127 HIS 127 141 141 HIS HIS A . n 
A 1 128 ARG 128 142 142 ARG ARG A . n 
A 1 129 GLN 129 143 143 GLN GLN A . n 
A 1 130 ILE 130 144 144 ILE ILE A . n 
A 1 131 TYR 131 145 145 TYR TYR A . n 
A 1 132 GLU 132 146 146 GLU GLU A . n 
A 1 133 HIS 133 147 147 HIS HIS A . n 
A 1 134 GLY 134 148 148 GLY GLY A . n 
A 1 135 VAL 135 149 149 VAL VAL A . n 
A 1 136 PRO 136 150 150 PRO PRO A . n 
A 1 137 GLN 137 151 151 GLN GLN A . n 
A 1 138 ALA 138 152 152 ALA ALA A . n 
A 1 139 PRO 139 153 153 PRO PRO A . n 
A 1 140 LEU 140 154 154 LEU LEU A . n 
A 1 141 ALA 141 155 155 ALA ALA A . n 
A 1 142 VAL 142 156 156 VAL VAL A . n 
A 1 143 THR 143 157 157 THR THR A . n 
A 1 144 GLY 144 158 158 GLY GLY A . n 
A 1 145 GLU 145 159 159 GLU GLU A . n 
A 1 146 THR 146 160 160 THR THR A . n 
A 1 147 GLU 147 161 161 GLU GLU A . n 
A 1 148 LYS 148 162 162 LYS LYS A . n 
A 1 149 THR 149 163 163 THR THR A . n 
A 1 150 GLY 150 164 164 GLY GLY A . n 
A 1 151 THR 151 165 165 THR THR A . n 
A 1 152 MET 152 166 166 MET MET A . n 
A 1 153 VAL 153 167 167 VAL VAL A . n 
A 1 154 ARG 154 168 168 ARG ARG A . n 
A 1 155 PHE 155 169 169 PHE PHE A . n 
A 1 156 TRP 156 170 170 TRP TRP A . n 
A 1 157 PRO 157 171 171 PRO PRO A . n 
A 1 158 SER 158 172 172 SER SER A . n 
A 1 159 LEU 159 173 173 LEU LEU A . n 
A 1 160 GLU 160 174 174 GLU GLU A . n 
A 1 161 THR 161 175 175 THR THR A . n 
A 1 162 PHE 162 176 176 PHE PHE A . n 
A 1 163 THR 163 177 177 THR THR A . n 
A 1 164 ASN 164 178 178 ASN ASN A . n 
A 1 165 VAL 165 179 179 VAL VAL A . n 
A 1 166 THR 166 180 180 THR THR A . n 
A 1 167 GLU 167 181 181 GLU GLU A . n 
A 1 168 PHE 168 182 182 PHE PHE A . n 
A 1 169 GLU 169 183 183 GLU GLU A . n 
A 1 170 TYR 170 184 184 TYR TYR A . n 
A 1 171 GLU 171 185 185 GLU GLU A . n 
A 1 172 ILE 172 186 186 ILE ILE A . n 
A 1 173 LEU 173 187 187 LEU LEU A . n 
A 1 174 ALA 174 188 188 ALA ALA A . n 
A 1 175 LYS 175 189 189 LYS LYS A . n 
A 1 176 ARG 176 190 190 ARG ARG A . n 
A 1 177 LEU 177 191 191 LEU LEU A . n 
A 1 178 ARG 178 192 192 ARG ARG A . n 
A 1 179 GLU 179 193 193 GLU GLU A . n 
A 1 180 LEU 180 194 194 LEU LEU A . n 
A 1 181 SER 181 195 195 SER SER A . n 
A 1 182 PHE 182 196 196 PHE ALA A . n 
A 1 183 LEU 183 197 197 LEU LEU A . n 
A 1 184 ASN 184 198 198 ASN ASN A . n 
A 1 185 SER 185 199 199 SER SER A . n 
A 1 186 GLY 186 200 200 GLY GLY A . n 
A 1 187 VAL 187 201 201 VAL VAL A . n 
A 1 188 SER 188 202 202 SER SER A . n 
A 1 189 ILE 189 203 203 ILE ILE A . n 
A 1 190 ARG 190 204 204 ARG ARG A . n 
A 1 191 LEU 191 205 205 LEU LEU A . n 
A 1 192 ARG 192 206 206 ARG ARG A . n 
A 1 193 ASP 193 207 207 ASP ASP A . n 
A 1 194 LYS 194 208 208 LYS ALA A . n 
A 1 195 ARG 195 209 209 ARG ARG A . n 
A 1 196 ASP 196 210 210 ASP ASP A . n 
A 1 197 GLY 197 211 211 GLY GLY A . n 
A 1 198 LYS 198 212 212 LYS LYS A . n 
A 1 199 GLU 199 213 213 GLU GLU A . n 
A 1 200 ASP 200 214 214 ASP ASP A . n 
A 1 201 HIS 201 215 215 HIS HIS A . n 
A 1 202 PHE 202 216 216 PHE PHE A . n 
A 1 203 HIS 203 217 217 HIS HIS A . n 
# 
loop_
_pdbx_nonpoly_scheme.asym_id 
_pdbx_nonpoly_scheme.entity_id 
_pdbx_nonpoly_scheme.mon_id 
_pdbx_nonpoly_scheme.ndb_seq_num 
_pdbx_nonpoly_scheme.pdb_seq_num 
_pdbx_nonpoly_scheme.auth_seq_num 
_pdbx_nonpoly_scheme.pdb_mon_id 
_pdbx_nonpoly_scheme.auth_mon_id 
_pdbx_nonpoly_scheme.pdb_strand_id 
_pdbx_nonpoly_scheme.pdb_ins_code 
B 2 B46 1  1   1   B46 B46 A . 
C 3 HOH 1  401 401 HOH HOH A . 
C 3 HOH 2  402 402 HOH HOH A . 
C 3 HOH 3  403 403 HOH HOH A . 
C 3 HOH 4  404 404 HOH HOH A . 
C 3 HOH 5  406 406 HOH HOH A . 
C 3 HOH 6  407 407 HOH HOH A . 
C 3 HOH 7  408 408 HOH HOH A . 
C 3 HOH 8  409 409 HOH HOH A . 
C 3 HOH 9  410 410 HOH HOH A . 
C 3 HOH 10 411 411 HOH HOH A . 
C 3 HOH 11 412 412 HOH HOH A . 
C 3 HOH 12 413 413 HOH HOH A . 
C 3 HOH 13 414 414 HOH HOH A . 
C 3 HOH 14 415 415 HOH HOH A . 
C 3 HOH 15 416 416 HOH HOH A . 
C 3 HOH 16 417 417 HOH HOH A . 
C 3 HOH 17 418 418 HOH HOH A . 
C 3 HOH 18 419 419 HOH HOH A . 
C 3 HOH 19 421 421 HOH HOH A . 
C 3 HOH 20 422 422 HOH HOH A . 
C 3 HOH 21 423 423 HOH HOH A . 
C 3 HOH 22 425 425 HOH HOH A . 
C 3 HOH 23 426 426 HOH HOH A . 
C 3 HOH 24 427 427 HOH HOH A . 
C 3 HOH 25 429 429 HOH HOH A . 
C 3 HOH 26 430 430 HOH HOH A . 
C 3 HOH 27 431 431 HOH HOH A . 
C 3 HOH 28 432 432 HOH HOH A . 
C 3 HOH 29 433 433 HOH HOH A . 
C 3 HOH 30 434 434 HOH HOH A . 
C 3 HOH 31 436 436 HOH HOH A . 
C 3 HOH 32 437 437 HOH HOH A . 
C 3 HOH 33 438 438 HOH HOH A . 
C 3 HOH 34 439 439 HOH HOH A . 
C 3 HOH 35 440 440 HOH HOH A . 
C 3 HOH 36 441 441 HOH HOH A . 
C 3 HOH 37 442 442 HOH HOH A . 
C 3 HOH 38 443 443 HOH HOH A . 
C 3 HOH 39 444 444 HOH HOH A . 
C 3 HOH 40 446 446 HOH HOH A . 
C 3 HOH 41 447 447 HOH HOH A . 
C 3 HOH 42 449 449 HOH HOH A . 
C 3 HOH 43 450 450 HOH HOH A . 
C 3 HOH 44 451 451 HOH HOH A . 
C 3 HOH 45 452 452 HOH HOH A . 
C 3 HOH 46 453 453 HOH HOH A . 
C 3 HOH 47 454 454 HOH HOH A . 
C 3 HOH 48 455 455 HOH HOH A . 
C 3 HOH 49 456 456 HOH HOH A . 
C 3 HOH 50 457 457 HOH HOH A . 
C 3 HOH 51 458 458 HOH HOH A . 
C 3 HOH 52 459 459 HOH HOH A . 
C 3 HOH 53 460 460 HOH HOH A . 
C 3 HOH 54 461 461 HOH HOH A . 
C 3 HOH 55 462 462 HOH HOH A . 
C 3 HOH 56 463 463 HOH HOH A . 
C 3 HOH 57 464 464 HOH HOH A . 
C 3 HOH 58 465 465 HOH HOH A . 
C 3 HOH 59 466 466 HOH HOH A . 
C 3 HOH 60 467 467 HOH HOH A . 
C 3 HOH 61 468 468 HOH HOH A . 
C 3 HOH 62 469 469 HOH HOH A . 
C 3 HOH 63 470 470 HOH HOH A . 
C 3 HOH 64 471 471 HOH HOH A . 
C 3 HOH 65 472 472 HOH HOH A . 
C 3 HOH 66 474 474 HOH HOH A . 
C 3 HOH 67 476 476 HOH HOH A . 
C 3 HOH 68 477 477 HOH HOH A . 
C 3 HOH 69 478 478 HOH HOH A . 
C 3 HOH 70 479 479 HOH HOH A . 
C 3 HOH 71 480 480 HOH HOH A . 
C 3 HOH 72 481 481 HOH HOH A . 
C 3 HOH 73 482 482 HOH HOH A . 
C 3 HOH 74 483 483 HOH HOH A . 
C 3 HOH 75 484 484 HOH HOH A . 
C 3 HOH 76 485 485 HOH HOH A . 
C 3 HOH 77 486 486 HOH HOH A . 
C 3 HOH 78 487 487 HOH HOH A . 
C 3 HOH 79 488 488 HOH HOH A . 
C 3 HOH 80 489 489 HOH HOH A . 
C 3 HOH 81 490 490 HOH HOH A . 
C 3 HOH 82 491 491 HOH HOH A . 
C 3 HOH 83 492 492 HOH HOH A . 
C 3 HOH 84 493 493 HOH HOH A . 
C 3 HOH 85 494 494 HOH HOH A . 
C 3 HOH 86 495 495 HOH HOH A . 
C 3 HOH 87 497 497 HOH HOH A . 
C 3 HOH 88 498 498 HOH HOH A . 
C 3 HOH 89 499 499 HOH HOH A . 
C 3 HOH 90 500 500 HOH HOH A . 
C 3 HOH 91 501 501 HOH HOH A . 
C 3 HOH 92 502 502 HOH HOH A . 
C 3 HOH 93 503 503 HOH HOH A . 
C 3 HOH 94 504 504 HOH HOH A . 
C 3 HOH 95 505 505 HOH HOH A . 
C 3 HOH 96 506 506 HOH HOH A . 
C 3 HOH 97 507 507 HOH HOH A . 
C 3 HOH 98 508 508 HOH HOH A . 
C 3 HOH 99 509 509 HOH HOH A . 
# 
_pdbx_struct_assembly.id                   1 
_pdbx_struct_assembly.details              software_defined_assembly 
_pdbx_struct_assembly.method_details       PISA 
_pdbx_struct_assembly.oligomeric_details   dimeric 
_pdbx_struct_assembly.oligomeric_count     2 
# 
_pdbx_struct_assembly_gen.assembly_id       1 
_pdbx_struct_assembly_gen.oper_expression   1,2 
_pdbx_struct_assembly_gen.asym_id_list      A,B,C 
# 
loop_
_pdbx_struct_assembly_prop.biol_id 
_pdbx_struct_assembly_prop.type 
_pdbx_struct_assembly_prop.value 
_pdbx_struct_assembly_prop.details 
1 'ABSA (A^2)' 1420  ? 
1 MORE         -13   ? 
1 'SSA (A^2)'  18010 ? 
# 
loop_
_pdbx_struct_oper_list.id 
_pdbx_struct_oper_list.type 
_pdbx_struct_oper_list.name 
_pdbx_struct_oper_list.symmetry_operation 
_pdbx_struct_oper_list.matrix[1][1] 
_pdbx_struct_oper_list.matrix[1][2] 
_pdbx_struct_oper_list.matrix[1][3] 
_pdbx_struct_oper_list.vector[1] 
_pdbx_struct_oper_list.matrix[2][1] 
_pdbx_struct_oper_list.matrix[2][2] 
_pdbx_struct_oper_list.matrix[2][3] 
_pdbx_struct_oper_list.vector[2] 
_pdbx_struct_oper_list.matrix[3][1] 
_pdbx_struct_oper_list.matrix[3][2] 
_pdbx_struct_oper_list.matrix[3][3] 
_pdbx_struct_oper_list.vector[3] 
1 'identity operation'         1_555 x,y,z         1.0000000000 0.0000000000  0.0000000000  0.0000000000 0.0000000000  1.0000000000  0.0000000000 0.0000000000  0.0000000000  0.0000000000 1.0000000000  0.0000000000  
2 'crystal symmetry operation' 5_555 x-y,-y,-z+2/3 0.6815603669 -0.2214627760 -0.6974451270 1.2322198274 -0.2214627760 -0.9708331844 0.0918540523 27.8020375368 -0.6974451270 0.0918540523 -0.7107271825 -5.8571839245 
# 
loop_
_pdbx_audit_revision_history.ordinal 
_pdbx_audit_revision_history.data_content_type 
_pdbx_audit_revision_history.major_revision 
_pdbx_audit_revision_history.minor_revision 
_pdbx_audit_revision_history.revision_date 
1 'Structure model' 1 0 2010-02-09 
2 'Structure model' 1 1 2011-07-13 
3 'Structure model' 1 2 2013-07-03 
4 'Structure model' 1 3 2023-09-06 
# 
_pdbx_audit_revision_details.ordinal             1 
_pdbx_audit_revision_details.revision_ordinal    1 
_pdbx_audit_revision_details.data_content_type   'Structure model' 
_pdbx_audit_revision_details.provider            repository 
_pdbx_audit_revision_details.type                'Initial release' 
_pdbx_audit_revision_details.description         ? 
_pdbx_audit_revision_details.details             ? 
# 
loop_
_pdbx_audit_revision_group.ordinal 
_pdbx_audit_revision_group.revision_ordinal 
_pdbx_audit_revision_group.data_content_type 
_pdbx_audit_revision_group.group 
1 2 'Structure model' 'Version format compliance' 
2 3 'Structure model' 'Database references'       
3 4 'Structure model' 'Data collection'           
4 4 'Structure model' 'Database references'       
5 4 'Structure model' 'Derived calculations'      
6 4 'Structure model' 'Refinement description'    
# 
loop_
_pdbx_audit_revision_category.ordinal 
_pdbx_audit_revision_category.revision_ordinal 
_pdbx_audit_revision_category.data_content_type 
_pdbx_audit_revision_category.category 
1 4 'Structure model' chem_comp_atom                
2 4 'Structure model' chem_comp_bond                
3 4 'Structure model' database_2                    
4 4 'Structure model' pdbx_initial_refinement_model 
5 4 'Structure model' struct_site                   
# 
loop_
_pdbx_audit_revision_item.ordinal 
_pdbx_audit_revision_item.revision_ordinal 
_pdbx_audit_revision_item.data_content_type 
_pdbx_audit_revision_item.item 
1 4 'Structure model' '_database_2.pdbx_DOI'                
2 4 'Structure model' '_database_2.pdbx_database_accession' 
3 4 'Structure model' '_struct_site.pdbx_auth_asym_id'      
4 4 'Structure model' '_struct_site.pdbx_auth_comp_id'      
5 4 'Structure model' '_struct_site.pdbx_auth_seq_id'       
# 
loop_
_software.name 
_software.classification 
_software.version 
_software.citation_id 
_software.pdbx_ordinal 
CrystalClear 'data collection' .    ? 1 
AMoRE        phasing           .    ? 2 
CNX          refinement        2005 ? 3 
DENZO        'data reduction'  .    ? 4 
SCALEPACK    'data scaling'    .    ? 5 
# 
loop_
_pdbx_validate_torsion.id 
_pdbx_validate_torsion.PDB_model_num 
_pdbx_validate_torsion.auth_comp_id 
_pdbx_validate_torsion.auth_asym_id 
_pdbx_validate_torsion.auth_seq_id 
_pdbx_validate_torsion.PDB_ins_code 
_pdbx_validate_torsion.label_alt_id 
_pdbx_validate_torsion.phi 
_pdbx_validate_torsion.psi 
1 1 ASP A 74  ? ? -107.11 41.70  
2 1 HIS A 116 ? ? 58.21   144.45 
3 1 ASN A 178 ? ? 65.51   -74.86 
# 
loop_
_pdbx_unobs_or_zero_occ_atoms.id 
_pdbx_unobs_or_zero_occ_atoms.PDB_model_num 
_pdbx_unobs_or_zero_occ_atoms.polymer_flag 
_pdbx_unobs_or_zero_occ_atoms.occupancy_flag 
_pdbx_unobs_or_zero_occ_atoms.auth_asym_id 
_pdbx_unobs_or_zero_occ_atoms.auth_comp_id 
_pdbx_unobs_or_zero_occ_atoms.auth_seq_id 
_pdbx_unobs_or_zero_occ_atoms.PDB_ins_code 
_pdbx_unobs_or_zero_occ_atoms.auth_atom_id 
_pdbx_unobs_or_zero_occ_atoms.label_alt_id 
_pdbx_unobs_or_zero_occ_atoms.label_asym_id 
_pdbx_unobs_or_zero_occ_atoms.label_comp_id 
_pdbx_unobs_or_zero_occ_atoms.label_seq_id 
_pdbx_unobs_or_zero_occ_atoms.label_atom_id 
1  1 Y 1 A LYS 57  ? CG  ? A LYS 43  CG  
2  1 Y 1 A LYS 57  ? CD  ? A LYS 43  CD  
3  1 Y 1 A LYS 57  ? CE  ? A LYS 43  CE  
4  1 Y 1 A LYS 57  ? NZ  ? A LYS 43  NZ  
5  1 Y 1 A LYS 103 ? CG  ? A LYS 89  CG  
6  1 Y 1 A LYS 103 ? CD  ? A LYS 89  CD  
7  1 Y 1 A LYS 103 ? CE  ? A LYS 89  CE  
8  1 Y 1 A LYS 103 ? NZ  ? A LYS 89  NZ  
9  1 Y 1 A PHE 196 ? CG  ? A PHE 182 CG  
10 1 Y 1 A PHE 196 ? CD1 ? A PHE 182 CD1 
11 1 Y 1 A PHE 196 ? CD2 ? A PHE 182 CD2 
12 1 Y 1 A PHE 196 ? CE1 ? A PHE 182 CE1 
13 1 Y 1 A PHE 196 ? CE2 ? A PHE 182 CE2 
14 1 Y 1 A PHE 196 ? CZ  ? A PHE 182 CZ  
15 1 Y 1 A LYS 208 ? CG  ? A LYS 194 CG  
16 1 Y 1 A LYS 208 ? CD  ? A LYS 194 CD  
17 1 Y 1 A LYS 208 ? CE  ? A LYS 194 CE  
18 1 Y 1 A LYS 208 ? NZ  ? A LYS 194 NZ  
# 
loop_
_chem_comp_atom.comp_id 
_chem_comp_atom.atom_id 
_chem_comp_atom.type_symbol 
_chem_comp_atom.pdbx_aromatic_flag 
_chem_comp_atom.pdbx_stereo_config 
_chem_comp_atom.pdbx_ordinal 
ALA N    N N N 1   
ALA CA   C N S 2   
ALA C    C N N 3   
ALA O    O N N 4   
ALA CB   C N N 5   
ALA OXT  O N N 6   
ALA H    H N N 7   
ALA H2   H N N 8   
ALA HA   H N N 9   
ALA HB1  H N N 10  
ALA HB2  H N N 11  
ALA HB3  H N N 12  
ALA HXT  H N N 13  
ARG N    N N N 14  
ARG CA   C N S 15  
ARG C    C N N 16  
ARG O    O N N 17  
ARG CB   C N N 18  
ARG CG   C N N 19  
ARG CD   C N N 20  
ARG NE   N N N 21  
ARG CZ   C N N 22  
ARG NH1  N N N 23  
ARG NH2  N N N 24  
ARG OXT  O N N 25  
ARG H    H N N 26  
ARG H2   H N N 27  
ARG HA   H N N 28  
ARG HB2  H N N 29  
ARG HB3  H N N 30  
ARG HG2  H N N 31  
ARG HG3  H N N 32  
ARG HD2  H N N 33  
ARG HD3  H N N 34  
ARG HE   H N N 35  
ARG HH11 H N N 36  
ARG HH12 H N N 37  
ARG HH21 H N N 38  
ARG HH22 H N N 39  
ARG HXT  H N N 40  
ASN N    N N N 41  
ASN CA   C N S 42  
ASN C    C N N 43  
ASN O    O N N 44  
ASN CB   C N N 45  
ASN CG   C N N 46  
ASN OD1  O N N 47  
ASN ND2  N N N 48  
ASN OXT  O N N 49  
ASN H    H N N 50  
ASN H2   H N N 51  
ASN HA   H N N 52  
ASN HB2  H N N 53  
ASN HB3  H N N 54  
ASN HD21 H N N 55  
ASN HD22 H N N 56  
ASN HXT  H N N 57  
ASP N    N N N 58  
ASP CA   C N S 59  
ASP C    C N N 60  
ASP O    O N N 61  
ASP CB   C N N 62  
ASP CG   C N N 63  
ASP OD1  O N N 64  
ASP OD2  O N N 65  
ASP OXT  O N N 66  
ASP H    H N N 67  
ASP H2   H N N 68  
ASP HA   H N N 69  
ASP HB2  H N N 70  
ASP HB3  H N N 71  
ASP HD2  H N N 72  
ASP HXT  H N N 73  
B46 O1   O N N 74  
B46 C2   C N N 75  
B46 N3   N N N 76  
B46 C4   C N N 77  
B46 C5   C Y N 78  
B46 C6   C Y N 79  
B46 C7   C Y N 80  
B46 N8   N Y N 81  
B46 N9   N Y N 82  
B46 C11  C Y N 83  
B46 S12  S Y N 84  
B46 C13  C Y N 85  
B46 N14  N Y N 86  
B46 C15  C Y N 87  
B46 N16  N N N 88  
B46 C17  C N N 89  
B46 C18  C N N 90  
B46 C19  C N N 91  
B46 C20  C N N 92  
B46 C21  C N N 93  
B46 C22  C Y N 94  
B46 C23  C Y N 95  
B46 C24  C Y N 96  
B46 C25  C Y N 97  
B46 N26  N Y N 98  
B46 C27  C Y N 99  
B46 O28  O N N 100 
B46 C29  C N N 101 
B46 C30  C N N 102 
B46 C31  C N N 103 
B46 HN3  H N N 104 
B46 H4   H N N 105 
B46 H4A  H N N 106 
B46 H6   H N N 107 
B46 H17  H N N 108 
B46 H17A H N N 109 
B46 H18  H N N 110 
B46 H18A H N N 111 
B46 H19  H N N 112 
B46 H19A H N N 113 
B46 H20  H N N 114 
B46 H20A H N N 115 
B46 H21  H N N 116 
B46 H21A H N N 117 
B46 H23  H N N 118 
B46 H24  H N N 119 
B46 H25  H N N 120 
B46 H27  H N N 121 
B46 H29  H N N 122 
B46 H29A H N N 123 
B46 H31  H N N 124 
B46 HN8  H N N 125 
CYS N    N N N 126 
CYS CA   C N R 127 
CYS C    C N N 128 
CYS O    O N N 129 
CYS CB   C N N 130 
CYS SG   S N N 131 
CYS OXT  O N N 132 
CYS H    H N N 133 
CYS H2   H N N 134 
CYS HA   H N N 135 
CYS HB2  H N N 136 
CYS HB3  H N N 137 
CYS HG   H N N 138 
CYS HXT  H N N 139 
GLN N    N N N 140 
GLN CA   C N S 141 
GLN C    C N N 142 
GLN O    O N N 143 
GLN CB   C N N 144 
GLN CG   C N N 145 
GLN CD   C N N 146 
GLN OE1  O N N 147 
GLN NE2  N N N 148 
GLN OXT  O N N 149 
GLN H    H N N 150 
GLN H2   H N N 151 
GLN HA   H N N 152 
GLN HB2  H N N 153 
GLN HB3  H N N 154 
GLN HG2  H N N 155 
GLN HG3  H N N 156 
GLN HE21 H N N 157 
GLN HE22 H N N 158 
GLN HXT  H N N 159 
GLU N    N N N 160 
GLU CA   C N S 161 
GLU C    C N N 162 
GLU O    O N N 163 
GLU CB   C N N 164 
GLU CG   C N N 165 
GLU CD   C N N 166 
GLU OE1  O N N 167 
GLU OE2  O N N 168 
GLU OXT  O N N 169 
GLU H    H N N 170 
GLU H2   H N N 171 
GLU HA   H N N 172 
GLU HB2  H N N 173 
GLU HB3  H N N 174 
GLU HG2  H N N 175 
GLU HG3  H N N 176 
GLU HE2  H N N 177 
GLU HXT  H N N 178 
GLY N    N N N 179 
GLY CA   C N N 180 
GLY C    C N N 181 
GLY O    O N N 182 
GLY OXT  O N N 183 
GLY H    H N N 184 
GLY H2   H N N 185 
GLY HA2  H N N 186 
GLY HA3  H N N 187 
GLY HXT  H N N 188 
HIS N    N N N 189 
HIS CA   C N S 190 
HIS C    C N N 191 
HIS O    O N N 192 
HIS CB   C N N 193 
HIS CG   C Y N 194 
HIS ND1  N Y N 195 
HIS CD2  C Y N 196 
HIS CE1  C Y N 197 
HIS NE2  N Y N 198 
HIS OXT  O N N 199 
HIS H    H N N 200 
HIS H2   H N N 201 
HIS HA   H N N 202 
HIS HB2  H N N 203 
HIS HB3  H N N 204 
HIS HD1  H N N 205 
HIS HD2  H N N 206 
HIS HE1  H N N 207 
HIS HE2  H N N 208 
HIS HXT  H N N 209 
HOH O    O N N 210 
HOH H1   H N N 211 
HOH H2   H N N 212 
ILE N    N N N 213 
ILE CA   C N S 214 
ILE C    C N N 215 
ILE O    O N N 216 
ILE CB   C N S 217 
ILE CG1  C N N 218 
ILE CG2  C N N 219 
ILE CD1  C N N 220 
ILE OXT  O N N 221 
ILE H    H N N 222 
ILE H2   H N N 223 
ILE HA   H N N 224 
ILE HB   H N N 225 
ILE HG12 H N N 226 
ILE HG13 H N N 227 
ILE HG21 H N N 228 
ILE HG22 H N N 229 
ILE HG23 H N N 230 
ILE HD11 H N N 231 
ILE HD12 H N N 232 
ILE HD13 H N N 233 
ILE HXT  H N N 234 
LEU N    N N N 235 
LEU CA   C N S 236 
LEU C    C N N 237 
LEU O    O N N 238 
LEU CB   C N N 239 
LEU CG   C N N 240 
LEU CD1  C N N 241 
LEU CD2  C N N 242 
LEU OXT  O N N 243 
LEU H    H N N 244 
LEU H2   H N N 245 
LEU HA   H N N 246 
LEU HB2  H N N 247 
LEU HB3  H N N 248 
LEU HG   H N N 249 
LEU HD11 H N N 250 
LEU HD12 H N N 251 
LEU HD13 H N N 252 
LEU HD21 H N N 253 
LEU HD22 H N N 254 
LEU HD23 H N N 255 
LEU HXT  H N N 256 
LYS N    N N N 257 
LYS CA   C N S 258 
LYS C    C N N 259 
LYS O    O N N 260 
LYS CB   C N N 261 
LYS CG   C N N 262 
LYS CD   C N N 263 
LYS CE   C N N 264 
LYS NZ   N N N 265 
LYS OXT  O N N 266 
LYS H    H N N 267 
LYS H2   H N N 268 
LYS HA   H N N 269 
LYS HB2  H N N 270 
LYS HB3  H N N 271 
LYS HG2  H N N 272 
LYS HG3  H N N 273 
LYS HD2  H N N 274 
LYS HD3  H N N 275 
LYS HE2  H N N 276 
LYS HE3  H N N 277 
LYS HZ1  H N N 278 
LYS HZ2  H N N 279 
LYS HZ3  H N N 280 
LYS HXT  H N N 281 
MET N    N N N 282 
MET CA   C N S 283 
MET C    C N N 284 
MET O    O N N 285 
MET CB   C N N 286 
MET CG   C N N 287 
MET SD   S N N 288 
MET CE   C N N 289 
MET OXT  O N N 290 
MET H    H N N 291 
MET H2   H N N 292 
MET HA   H N N 293 
MET HB2  H N N 294 
MET HB3  H N N 295 
MET HG2  H N N 296 
MET HG3  H N N 297 
MET HE1  H N N 298 
MET HE2  H N N 299 
MET HE3  H N N 300 
MET HXT  H N N 301 
PHE N    N N N 302 
PHE CA   C N S 303 
PHE C    C N N 304 
PHE O    O N N 305 
PHE CB   C N N 306 
PHE CG   C Y N 307 
PHE CD1  C Y N 308 
PHE CD2  C Y N 309 
PHE CE1  C Y N 310 
PHE CE2  C Y N 311 
PHE CZ   C Y N 312 
PHE OXT  O N N 313 
PHE H    H N N 314 
PHE H2   H N N 315 
PHE HA   H N N 316 
PHE HB2  H N N 317 
PHE HB3  H N N 318 
PHE HD1  H N N 319 
PHE HD2  H N N 320 
PHE HE1  H N N 321 
PHE HE2  H N N 322 
PHE HZ   H N N 323 
PHE HXT  H N N 324 
PRO N    N N N 325 
PRO CA   C N S 326 
PRO C    C N N 327 
PRO O    O N N 328 
PRO CB   C N N 329 
PRO CG   C N N 330 
PRO CD   C N N 331 
PRO OXT  O N N 332 
PRO H    H N N 333 
PRO HA   H N N 334 
PRO HB2  H N N 335 
PRO HB3  H N N 336 
PRO HG2  H N N 337 
PRO HG3  H N N 338 
PRO HD2  H N N 339 
PRO HD3  H N N 340 
PRO HXT  H N N 341 
SER N    N N N 342 
SER CA   C N S 343 
SER C    C N N 344 
SER O    O N N 345 
SER CB   C N N 346 
SER OG   O N N 347 
SER OXT  O N N 348 
SER H    H N N 349 
SER H2   H N N 350 
SER HA   H N N 351 
SER HB2  H N N 352 
SER HB3  H N N 353 
SER HG   H N N 354 
SER HXT  H N N 355 
THR N    N N N 356 
THR CA   C N S 357 
THR C    C N N 358 
THR O    O N N 359 
THR CB   C N R 360 
THR OG1  O N N 361 
THR CG2  C N N 362 
THR OXT  O N N 363 
THR H    H N N 364 
THR H2   H N N 365 
THR HA   H N N 366 
THR HB   H N N 367 
THR HG1  H N N 368 
THR HG21 H N N 369 
THR HG22 H N N 370 
THR HG23 H N N 371 
THR HXT  H N N 372 
TRP N    N N N 373 
TRP CA   C N S 374 
TRP C    C N N 375 
TRP O    O N N 376 
TRP CB   C N N 377 
TRP CG   C Y N 378 
TRP CD1  C Y N 379 
TRP CD2  C Y N 380 
TRP NE1  N Y N 381 
TRP CE2  C Y N 382 
TRP CE3  C Y N 383 
TRP CZ2  C Y N 384 
TRP CZ3  C Y N 385 
TRP CH2  C Y N 386 
TRP OXT  O N N 387 
TRP H    H N N 388 
TRP H2   H N N 389 
TRP HA   H N N 390 
TRP HB2  H N N 391 
TRP HB3  H N N 392 
TRP HD1  H N N 393 
TRP HE1  H N N 394 
TRP HE3  H N N 395 
TRP HZ2  H N N 396 
TRP HZ3  H N N 397 
TRP HH2  H N N 398 
TRP HXT  H N N 399 
TYR N    N N N 400 
TYR CA   C N S 401 
TYR C    C N N 402 
TYR O    O N N 403 
TYR CB   C N N 404 
TYR CG   C Y N 405 
TYR CD1  C Y N 406 
TYR CD2  C Y N 407 
TYR CE1  C Y N 408 
TYR CE2  C Y N 409 
TYR CZ   C Y N 410 
TYR OH   O N N 411 
TYR OXT  O N N 412 
TYR H    H N N 413 
TYR H2   H N N 414 
TYR HA   H N N 415 
TYR HB2  H N N 416 
TYR HB3  H N N 417 
TYR HD1  H N N 418 
TYR HD2  H N N 419 
TYR HE1  H N N 420 
TYR HE2  H N N 421 
TYR HH   H N N 422 
TYR HXT  H N N 423 
VAL N    N N N 424 
VAL CA   C N S 425 
VAL C    C N N 426 
VAL O    O N N 427 
VAL CB   C N N 428 
VAL CG1  C N N 429 
VAL CG2  C N N 430 
VAL OXT  O N N 431 
VAL H    H N N 432 
VAL H2   H N N 433 
VAL HA   H N N 434 
VAL HB   H N N 435 
VAL HG11 H N N 436 
VAL HG12 H N N 437 
VAL HG13 H N N 438 
VAL HG21 H N N 439 
VAL HG22 H N N 440 
VAL HG23 H N N 441 
VAL HXT  H N N 442 
# 
loop_
_chem_comp_bond.comp_id 
_chem_comp_bond.atom_id_1 
_chem_comp_bond.atom_id_2 
_chem_comp_bond.value_order 
_chem_comp_bond.pdbx_aromatic_flag 
_chem_comp_bond.pdbx_stereo_config 
_chem_comp_bond.pdbx_ordinal 
ALA N   CA   sing N N 1   
ALA N   H    sing N N 2   
ALA N   H2   sing N N 3   
ALA CA  C    sing N N 4   
ALA CA  CB   sing N N 5   
ALA CA  HA   sing N N 6   
ALA C   O    doub N N 7   
ALA C   OXT  sing N N 8   
ALA CB  HB1  sing N N 9   
ALA CB  HB2  sing N N 10  
ALA CB  HB3  sing N N 11  
ALA OXT HXT  sing N N 12  
ARG N   CA   sing N N 13  
ARG N   H    sing N N 14  
ARG N   H2   sing N N 15  
ARG CA  C    sing N N 16  
ARG CA  CB   sing N N 17  
ARG CA  HA   sing N N 18  
ARG C   O    doub N N 19  
ARG C   OXT  sing N N 20  
ARG CB  CG   sing N N 21  
ARG CB  HB2  sing N N 22  
ARG CB  HB3  sing N N 23  
ARG CG  CD   sing N N 24  
ARG CG  HG2  sing N N 25  
ARG CG  HG3  sing N N 26  
ARG CD  NE   sing N N 27  
ARG CD  HD2  sing N N 28  
ARG CD  HD3  sing N N 29  
ARG NE  CZ   sing N N 30  
ARG NE  HE   sing N N 31  
ARG CZ  NH1  sing N N 32  
ARG CZ  NH2  doub N N 33  
ARG NH1 HH11 sing N N 34  
ARG NH1 HH12 sing N N 35  
ARG NH2 HH21 sing N N 36  
ARG NH2 HH22 sing N N 37  
ARG OXT HXT  sing N N 38  
ASN N   CA   sing N N 39  
ASN N   H    sing N N 40  
ASN N   H2   sing N N 41  
ASN CA  C    sing N N 42  
ASN CA  CB   sing N N 43  
ASN CA  HA   sing N N 44  
ASN C   O    doub N N 45  
ASN C   OXT  sing N N 46  
ASN CB  CG   sing N N 47  
ASN CB  HB2  sing N N 48  
ASN CB  HB3  sing N N 49  
ASN CG  OD1  doub N N 50  
ASN CG  ND2  sing N N 51  
ASN ND2 HD21 sing N N 52  
ASN ND2 HD22 sing N N 53  
ASN OXT HXT  sing N N 54  
ASP N   CA   sing N N 55  
ASP N   H    sing N N 56  
ASP N   H2   sing N N 57  
ASP CA  C    sing N N 58  
ASP CA  CB   sing N N 59  
ASP CA  HA   sing N N 60  
ASP C   O    doub N N 61  
ASP C   OXT  sing N N 62  
ASP CB  CG   sing N N 63  
ASP CB  HB2  sing N N 64  
ASP CB  HB3  sing N N 65  
ASP CG  OD1  doub N N 66  
ASP CG  OD2  sing N N 67  
ASP OD2 HD2  sing N N 68  
ASP OXT HXT  sing N N 69  
B46 C2  O1   doub N N 70  
B46 O28 C2   sing N N 71  
B46 C2  N3   sing N N 72  
B46 N3  C4   sing N N 73  
B46 N3  HN3  sing N N 74  
B46 C4  C5   sing N N 75  
B46 C4  H4   sing N N 76  
B46 C4  H4A  sing N N 77  
B46 C5  N9   doub Y N 78  
B46 C5  C6   sing Y N 79  
B46 C6  C7   doub Y N 80  
B46 C6  H6   sing N N 81  
B46 N8  C7   sing Y N 82  
B46 C7  C11  sing Y N 83  
B46 N9  N8   sing Y N 84  
B46 C11 C15  doub Y N 85  
B46 C11 S12  sing Y N 86  
B46 S12 C13  sing Y N 87  
B46 N14 C13  doub Y N 88  
B46 C13 C22  sing Y N 89  
B46 C15 N14  sing Y N 90  
B46 N16 C15  sing N N 91  
B46 C21 N16  sing N N 92  
B46 N16 C17  sing N N 93  
B46 C18 C17  sing N N 94  
B46 C17 H17  sing N N 95  
B46 C17 H17A sing N N 96  
B46 C19 C18  sing N N 97  
B46 C18 H18  sing N N 98  
B46 C18 H18A sing N N 99  
B46 C20 C19  sing N N 100 
B46 C19 H19  sing N N 101 
B46 C19 H19A sing N N 102 
B46 C20 C21  sing N N 103 
B46 C20 H20  sing N N 104 
B46 C20 H20A sing N N 105 
B46 C21 H21  sing N N 106 
B46 C21 H21A sing N N 107 
B46 C22 C27  doub Y N 108 
B46 C22 C23  sing Y N 109 
B46 C23 C24  doub Y N 110 
B46 C23 H23  sing N N 111 
B46 C24 C25  sing Y N 112 
B46 C24 H24  sing N N 113 
B46 N26 C25  doub Y N 114 
B46 C25 H25  sing N N 115 
B46 C27 N26  sing Y N 116 
B46 C27 H27  sing N N 117 
B46 C29 O28  sing N N 118 
B46 C30 C29  sing N N 119 
B46 C29 H29  sing N N 120 
B46 C29 H29A sing N N 121 
B46 C31 C30  trip N N 122 
B46 C31 H31  sing N N 123 
B46 N8  HN8  sing N N 124 
CYS N   CA   sing N N 125 
CYS N   H    sing N N 126 
CYS N   H2   sing N N 127 
CYS CA  C    sing N N 128 
CYS CA  CB   sing N N 129 
CYS CA  HA   sing N N 130 
CYS C   O    doub N N 131 
CYS C   OXT  sing N N 132 
CYS CB  SG   sing N N 133 
CYS CB  HB2  sing N N 134 
CYS CB  HB3  sing N N 135 
CYS SG  HG   sing N N 136 
CYS OXT HXT  sing N N 137 
GLN N   CA   sing N N 138 
GLN N   H    sing N N 139 
GLN N   H2   sing N N 140 
GLN CA  C    sing N N 141 
GLN CA  CB   sing N N 142 
GLN CA  HA   sing N N 143 
GLN C   O    doub N N 144 
GLN C   OXT  sing N N 145 
GLN CB  CG   sing N N 146 
GLN CB  HB2  sing N N 147 
GLN CB  HB3  sing N N 148 
GLN CG  CD   sing N N 149 
GLN CG  HG2  sing N N 150 
GLN CG  HG3  sing N N 151 
GLN CD  OE1  doub N N 152 
GLN CD  NE2  sing N N 153 
GLN NE2 HE21 sing N N 154 
GLN NE2 HE22 sing N N 155 
GLN OXT HXT  sing N N 156 
GLU N   CA   sing N N 157 
GLU N   H    sing N N 158 
GLU N   H2   sing N N 159 
GLU CA  C    sing N N 160 
GLU CA  CB   sing N N 161 
GLU CA  HA   sing N N 162 
GLU C   O    doub N N 163 
GLU C   OXT  sing N N 164 
GLU CB  CG   sing N N 165 
GLU CB  HB2  sing N N 166 
GLU CB  HB3  sing N N 167 
GLU CG  CD   sing N N 168 
GLU CG  HG2  sing N N 169 
GLU CG  HG3  sing N N 170 
GLU CD  OE1  doub N N 171 
GLU CD  OE2  sing N N 172 
GLU OE2 HE2  sing N N 173 
GLU OXT HXT  sing N N 174 
GLY N   CA   sing N N 175 
GLY N   H    sing N N 176 
GLY N   H2   sing N N 177 
GLY CA  C    sing N N 178 
GLY CA  HA2  sing N N 179 
GLY CA  HA3  sing N N 180 
GLY C   O    doub N N 181 
GLY C   OXT  sing N N 182 
GLY OXT HXT  sing N N 183 
HIS N   CA   sing N N 184 
HIS N   H    sing N N 185 
HIS N   H2   sing N N 186 
HIS CA  C    sing N N 187 
HIS CA  CB   sing N N 188 
HIS CA  HA   sing N N 189 
HIS C   O    doub N N 190 
HIS C   OXT  sing N N 191 
HIS CB  CG   sing N N 192 
HIS CB  HB2  sing N N 193 
HIS CB  HB3  sing N N 194 
HIS CG  ND1  sing Y N 195 
HIS CG  CD2  doub Y N 196 
HIS ND1 CE1  doub Y N 197 
HIS ND1 HD1  sing N N 198 
HIS CD2 NE2  sing Y N 199 
HIS CD2 HD2  sing N N 200 
HIS CE1 NE2  sing Y N 201 
HIS CE1 HE1  sing N N 202 
HIS NE2 HE2  sing N N 203 
HIS OXT HXT  sing N N 204 
HOH O   H1   sing N N 205 
HOH O   H2   sing N N 206 
ILE N   CA   sing N N 207 
ILE N   H    sing N N 208 
ILE N   H2   sing N N 209 
ILE CA  C    sing N N 210 
ILE CA  CB   sing N N 211 
ILE CA  HA   sing N N 212 
ILE C   O    doub N N 213 
ILE C   OXT  sing N N 214 
ILE CB  CG1  sing N N 215 
ILE CB  CG2  sing N N 216 
ILE CB  HB   sing N N 217 
ILE CG1 CD1  sing N N 218 
ILE CG1 HG12 sing N N 219 
ILE CG1 HG13 sing N N 220 
ILE CG2 HG21 sing N N 221 
ILE CG2 HG22 sing N N 222 
ILE CG2 HG23 sing N N 223 
ILE CD1 HD11 sing N N 224 
ILE CD1 HD12 sing N N 225 
ILE CD1 HD13 sing N N 226 
ILE OXT HXT  sing N N 227 
LEU N   CA   sing N N 228 
LEU N   H    sing N N 229 
LEU N   H2   sing N N 230 
LEU CA  C    sing N N 231 
LEU CA  CB   sing N N 232 
LEU CA  HA   sing N N 233 
LEU C   O    doub N N 234 
LEU C   OXT  sing N N 235 
LEU CB  CG   sing N N 236 
LEU CB  HB2  sing N N 237 
LEU CB  HB3  sing N N 238 
LEU CG  CD1  sing N N 239 
LEU CG  CD2  sing N N 240 
LEU CG  HG   sing N N 241 
LEU CD1 HD11 sing N N 242 
LEU CD1 HD12 sing N N 243 
LEU CD1 HD13 sing N N 244 
LEU CD2 HD21 sing N N 245 
LEU CD2 HD22 sing N N 246 
LEU CD2 HD23 sing N N 247 
LEU OXT HXT  sing N N 248 
LYS N   CA   sing N N 249 
LYS N   H    sing N N 250 
LYS N   H2   sing N N 251 
LYS CA  C    sing N N 252 
LYS CA  CB   sing N N 253 
LYS CA  HA   sing N N 254 
LYS C   O    doub N N 255 
LYS C   OXT  sing N N 256 
LYS CB  CG   sing N N 257 
LYS CB  HB2  sing N N 258 
LYS CB  HB3  sing N N 259 
LYS CG  CD   sing N N 260 
LYS CG  HG2  sing N N 261 
LYS CG  HG3  sing N N 262 
LYS CD  CE   sing N N 263 
LYS CD  HD2  sing N N 264 
LYS CD  HD3  sing N N 265 
LYS CE  NZ   sing N N 266 
LYS CE  HE2  sing N N 267 
LYS CE  HE3  sing N N 268 
LYS NZ  HZ1  sing N N 269 
LYS NZ  HZ2  sing N N 270 
LYS NZ  HZ3  sing N N 271 
LYS OXT HXT  sing N N 272 
MET N   CA   sing N N 273 
MET N   H    sing N N 274 
MET N   H2   sing N N 275 
MET CA  C    sing N N 276 
MET CA  CB   sing N N 277 
MET CA  HA   sing N N 278 
MET C   O    doub N N 279 
MET C   OXT  sing N N 280 
MET CB  CG   sing N N 281 
MET CB  HB2  sing N N 282 
MET CB  HB3  sing N N 283 
MET CG  SD   sing N N 284 
MET CG  HG2  sing N N 285 
MET CG  HG3  sing N N 286 
MET SD  CE   sing N N 287 
MET CE  HE1  sing N N 288 
MET CE  HE2  sing N N 289 
MET CE  HE3  sing N N 290 
MET OXT HXT  sing N N 291 
PHE N   CA   sing N N 292 
PHE N   H    sing N N 293 
PHE N   H2   sing N N 294 
PHE CA  C    sing N N 295 
PHE CA  CB   sing N N 296 
PHE CA  HA   sing N N 297 
PHE C   O    doub N N 298 
PHE C   OXT  sing N N 299 
PHE CB  CG   sing N N 300 
PHE CB  HB2  sing N N 301 
PHE CB  HB3  sing N N 302 
PHE CG  CD1  doub Y N 303 
PHE CG  CD2  sing Y N 304 
PHE CD1 CE1  sing Y N 305 
PHE CD1 HD1  sing N N 306 
PHE CD2 CE2  doub Y N 307 
PHE CD2 HD2  sing N N 308 
PHE CE1 CZ   doub Y N 309 
PHE CE1 HE1  sing N N 310 
PHE CE2 CZ   sing Y N 311 
PHE CE2 HE2  sing N N 312 
PHE CZ  HZ   sing N N 313 
PHE OXT HXT  sing N N 314 
PRO N   CA   sing N N 315 
PRO N   CD   sing N N 316 
PRO N   H    sing N N 317 
PRO CA  C    sing N N 318 
PRO CA  CB   sing N N 319 
PRO CA  HA   sing N N 320 
PRO C   O    doub N N 321 
PRO C   OXT  sing N N 322 
PRO CB  CG   sing N N 323 
PRO CB  HB2  sing N N 324 
PRO CB  HB3  sing N N 325 
PRO CG  CD   sing N N 326 
PRO CG  HG2  sing N N 327 
PRO CG  HG3  sing N N 328 
PRO CD  HD2  sing N N 329 
PRO CD  HD3  sing N N 330 
PRO OXT HXT  sing N N 331 
SER N   CA   sing N N 332 
SER N   H    sing N N 333 
SER N   H2   sing N N 334 
SER CA  C    sing N N 335 
SER CA  CB   sing N N 336 
SER CA  HA   sing N N 337 
SER C   O    doub N N 338 
SER C   OXT  sing N N 339 
SER CB  OG   sing N N 340 
SER CB  HB2  sing N N 341 
SER CB  HB3  sing N N 342 
SER OG  HG   sing N N 343 
SER OXT HXT  sing N N 344 
THR N   CA   sing N N 345 
THR N   H    sing N N 346 
THR N   H2   sing N N 347 
THR CA  C    sing N N 348 
THR CA  CB   sing N N 349 
THR CA  HA   sing N N 350 
THR C   O    doub N N 351 
THR C   OXT  sing N N 352 
THR CB  OG1  sing N N 353 
THR CB  CG2  sing N N 354 
THR CB  HB   sing N N 355 
THR OG1 HG1  sing N N 356 
THR CG2 HG21 sing N N 357 
THR CG2 HG22 sing N N 358 
THR CG2 HG23 sing N N 359 
THR OXT HXT  sing N N 360 
TRP N   CA   sing N N 361 
TRP N   H    sing N N 362 
TRP N   H2   sing N N 363 
TRP CA  C    sing N N 364 
TRP CA  CB   sing N N 365 
TRP CA  HA   sing N N 366 
TRP C   O    doub N N 367 
TRP C   OXT  sing N N 368 
TRP CB  CG   sing N N 369 
TRP CB  HB2  sing N N 370 
TRP CB  HB3  sing N N 371 
TRP CG  CD1  doub Y N 372 
TRP CG  CD2  sing Y N 373 
TRP CD1 NE1  sing Y N 374 
TRP CD1 HD1  sing N N 375 
TRP CD2 CE2  doub Y N 376 
TRP CD2 CE3  sing Y N 377 
TRP NE1 CE2  sing Y N 378 
TRP NE1 HE1  sing N N 379 
TRP CE2 CZ2  sing Y N 380 
TRP CE3 CZ3  doub Y N 381 
TRP CE3 HE3  sing N N 382 
TRP CZ2 CH2  doub Y N 383 
TRP CZ2 HZ2  sing N N 384 
TRP CZ3 CH2  sing Y N 385 
TRP CZ3 HZ3  sing N N 386 
TRP CH2 HH2  sing N N 387 
TRP OXT HXT  sing N N 388 
TYR N   CA   sing N N 389 
TYR N   H    sing N N 390 
TYR N   H2   sing N N 391 
TYR CA  C    sing N N 392 
TYR CA  CB   sing N N 393 
TYR CA  HA   sing N N 394 
TYR C   O    doub N N 395 
TYR C   OXT  sing N N 396 
TYR CB  CG   sing N N 397 
TYR CB  HB2  sing N N 398 
TYR CB  HB3  sing N N 399 
TYR CG  CD1  doub Y N 400 
TYR CG  CD2  sing Y N 401 
TYR CD1 CE1  sing Y N 402 
TYR CD1 HD1  sing N N 403 
TYR CD2 CE2  doub Y N 404 
TYR CD2 HD2  sing N N 405 
TYR CE1 CZ   doub Y N 406 
TYR CE1 HE1  sing N N 407 
TYR CE2 CZ   sing Y N 408 
TYR CE2 HE2  sing N N 409 
TYR CZ  OH   sing N N 410 
TYR OH  HH   sing N N 411 
TYR OXT HXT  sing N N 412 
VAL N   CA   sing N N 413 
VAL N   H    sing N N 414 
VAL N   H2   sing N N 415 
VAL CA  C    sing N N 416 
VAL CA  CB   sing N N 417 
VAL CA  HA   sing N N 418 
VAL C   O    doub N N 419 
VAL C   OXT  sing N N 420 
VAL CB  CG1  sing N N 421 
VAL CB  CG2  sing N N 422 
VAL CB  HB   sing N N 423 
VAL CG1 HG11 sing N N 424 
VAL CG1 HG12 sing N N 425 
VAL CG1 HG13 sing N N 426 
VAL CG2 HG21 sing N N 427 
VAL CG2 HG22 sing N N 428 
VAL CG2 HG23 sing N N 429 
VAL OXT HXT  sing N N 430 
# 
loop_
_pdbx_entity_nonpoly.entity_id 
_pdbx_entity_nonpoly.name 
_pdbx_entity_nonpoly.comp_id 
2 'prop-2-yn-1-yl {[5-(4-piperidin-1-yl-2-pyridin-3-yl-1,3-thiazol-5-yl)-1H-pyrazol-3-yl]methyl}carbamate' B46 
3 water                                                                                                    HOH 
# 
_pdbx_initial_refinement_model.id               1 
_pdbx_initial_refinement_model.entity_id_list   ? 
_pdbx_initial_refinement_model.type             'experimental model' 
_pdbx_initial_refinement_model.source_name      PDB 
_pdbx_initial_refinement_model.accession_code   1S14 
_pdbx_initial_refinement_model.details          ? 
# 
